data_2RMR
#
_entry.id   2RMR
#
_entity_poly.entity_id   1
_entity_poly.type   'polypeptide(L)'
_entity_poly.pdbx_seq_one_letter_code
;QRLKVEDALSYLDQVKLQFGSQPQVYNDFLDIMKEFKSQSIDTPGVISRVSQLFKGHPDLIMGFNTFLPPG
;
_entity_poly.pdbx_strand_id   A
#
# COMPACT_ATOMS: atom_id res chain seq x y z
N GLN A 1 -2.20 -17.64 11.66
CA GLN A 1 -1.14 -17.16 12.58
C GLN A 1 -0.47 -15.91 12.03
N ARG A 2 -0.01 -15.98 10.79
CA ARG A 2 0.65 -14.85 10.14
C ARG A 2 1.88 -14.41 10.93
N LEU A 3 3.05 -14.94 10.55
CA LEU A 3 4.29 -14.60 11.21
C LEU A 3 5.41 -14.39 10.18
N LYS A 4 5.08 -14.59 8.91
CA LYS A 4 6.04 -14.41 7.84
C LYS A 4 6.15 -12.95 7.43
N VAL A 5 7.07 -12.22 8.05
CA VAL A 5 7.27 -10.81 7.75
C VAL A 5 8.75 -10.47 7.66
N GLU A 6 9.20 -10.13 6.46
CA GLU A 6 10.59 -9.78 6.23
C GLU A 6 10.72 -8.56 5.32
N ASP A 7 10.24 -8.69 4.09
CA ASP A 7 10.30 -7.61 3.12
C ASP A 7 8.96 -6.88 3.04
N ALA A 8 8.05 -7.20 3.95
CA ALA A 8 6.74 -6.58 3.99
C ALA A 8 6.79 -5.22 4.68
N LEU A 9 7.61 -5.14 5.72
CA LEU A 9 7.76 -3.91 6.48
C LEU A 9 8.77 -2.98 5.83
N SER A 10 9.11 -3.27 4.58
CA SER A 10 10.07 -2.46 3.84
C SER A 10 9.40 -1.25 3.20
N TYR A 11 8.34 -1.51 2.44
CA TYR A 11 7.60 -0.45 1.77
C TYR A 11 6.76 0.36 2.76
N LEU A 12 6.09 -0.35 3.66
CA LEU A 12 5.24 0.28 4.67
C LEU A 12 6.01 1.36 5.43
N ASP A 13 7.24 1.03 5.80
CA ASP A 13 8.08 1.98 6.53
C ASP A 13 8.29 3.25 5.72
N GLN A 14 8.57 3.10 4.43
CA GLN A 14 8.79 4.24 3.55
C GLN A 14 7.56 5.14 3.53
N VAL A 15 6.38 4.52 3.47
CA VAL A 15 5.12 5.27 3.46
C VAL A 15 4.95 6.07 4.74
N LYS A 16 5.32 5.48 5.87
CA LYS A 16 5.21 6.13 7.17
C LYS A 16 6.23 7.27 7.29
N LEU A 17 7.35 7.14 6.60
CA LEU A 17 8.40 8.16 6.64
C LEU A 17 7.96 9.42 5.90
N GLN A 18 7.55 9.25 4.65
CA GLN A 18 7.12 10.38 3.83
C GLN A 18 5.88 11.04 4.41
N PHE A 19 5.08 10.28 5.15
CA PHE A 19 3.87 10.80 5.77
C PHE A 19 3.83 10.49 7.26
N GLY A 20 4.18 11.48 8.07
CA GLY A 20 4.19 11.30 9.51
C GLY A 20 3.31 12.30 10.23
N SER A 21 2.89 13.35 9.52
CA SER A 21 2.04 14.37 10.10
C SER A 21 0.56 14.03 9.93
N GLN A 22 0.25 13.27 8.88
CA GLN A 22 -1.13 12.87 8.61
C GLN A 22 -1.31 11.37 8.82
N PRO A 23 -1.75 10.95 10.01
CA PRO A 23 -1.97 9.54 10.32
C PRO A 23 -3.16 8.96 9.58
N GLN A 24 -3.97 9.83 8.98
CA GLN A 24 -5.15 9.41 8.25
C GLN A 24 -4.76 8.73 6.93
N VAL A 25 -3.64 9.16 6.36
CA VAL A 25 -3.16 8.58 5.11
C VAL A 25 -2.71 7.14 5.30
N TYR A 26 -1.88 6.91 6.32
CA TYR A 26 -1.37 5.58 6.61
C TYR A 26 -2.51 4.63 6.97
N ASN A 27 -3.40 5.09 7.84
CA ASN A 27 -4.54 4.29 8.26
C ASN A 27 -5.43 3.94 7.07
N ASP A 28 -5.53 4.88 6.12
CA ASP A 28 -6.34 4.67 4.93
C ASP A 28 -5.72 3.59 4.05
N PHE A 29 -4.39 3.61 3.93
CA PHE A 29 -3.68 2.63 3.12
C PHE A 29 -3.86 1.23 3.69
N LEU A 30 -3.82 1.12 5.02
CA LEU A 30 -3.99 -0.16 5.70
C LEU A 30 -5.39 -0.72 5.45
N ASP A 31 -6.40 0.14 5.58
CA ASP A 31 -7.79 -0.26 5.37
C ASP A 31 -7.98 -0.81 3.96
N ILE A 32 -7.52 -0.05 2.97
CA ILE A 32 -7.64 -0.47 1.57
C ILE A 32 -7.00 -1.82 1.34
N MET A 33 -5.79 -2.00 1.87
CA MET A 33 -5.06 -3.26 1.71
C MET A 33 -5.84 -4.42 2.32
N LYS A 34 -6.48 -4.17 3.46
CA LYS A 34 -7.26 -5.20 4.13
C LYS A 34 -8.48 -5.59 3.30
N GLU A 35 -9.08 -4.61 2.63
CA GLU A 35 -10.25 -4.85 1.80
C GLU A 35 -9.89 -5.72 0.60
N PHE A 36 -8.73 -5.44 0.00
CA PHE A 36 -8.27 -6.19 -1.17
C PHE A 36 -7.97 -7.64 -0.78
N LYS A 37 -7.29 -7.82 0.34
CA LYS A 37 -6.94 -9.15 0.82
C LYS A 37 -8.18 -9.95 1.21
N SER A 38 -9.26 -9.23 1.54
CA SER A 38 -10.51 -9.87 1.93
C SER A 38 -11.34 -10.21 0.70
N GLN A 39 -10.72 -10.12 -0.48
CA GLN A 39 -11.40 -10.42 -1.73
C GLN A 39 -12.62 -9.54 -1.91
N SER A 40 -12.66 -8.43 -1.18
CA SER A 40 -13.78 -7.49 -1.25
C SER A 40 -13.76 -6.70 -2.56
N ILE A 41 -12.56 -6.32 -2.98
CA ILE A 41 -12.39 -5.56 -4.22
C ILE A 41 -11.54 -6.33 -5.22
N ASP A 42 -11.30 -5.71 -6.39
CA ASP A 42 -10.50 -6.33 -7.43
C ASP A 42 -9.11 -5.70 -7.51
N THR A 43 -8.30 -6.17 -8.46
CA THR A 43 -6.95 -5.66 -8.64
C THR A 43 -6.94 -4.18 -9.02
N PRO A 44 -7.71 -3.77 -10.07
CA PRO A 44 -7.76 -2.37 -10.49
C PRO A 44 -8.24 -1.46 -9.37
N GLY A 45 -8.95 -2.03 -8.40
CA GLY A 45 -9.47 -1.27 -7.29
C GLY A 45 -8.38 -0.81 -6.34
N VAL A 46 -7.54 -1.75 -5.91
CA VAL A 46 -6.45 -1.44 -5.00
C VAL A 46 -5.39 -0.58 -5.68
N ILE A 47 -5.15 -0.84 -6.97
CA ILE A 47 -4.16 -0.08 -7.73
C ILE A 47 -4.61 1.36 -7.92
N SER A 48 -5.88 1.55 -8.25
CA SER A 48 -6.43 2.88 -8.47
C SER A 48 -6.46 3.68 -7.18
N ARG A 49 -6.89 3.04 -6.09
CA ARG A 49 -6.98 3.71 -4.79
C ARG A 49 -5.61 4.18 -4.32
N VAL A 50 -4.62 3.29 -4.38
CA VAL A 50 -3.27 3.63 -3.96
C VAL A 50 -2.67 4.71 -4.85
N SER A 51 -2.99 4.64 -6.15
CA SER A 51 -2.48 5.60 -7.11
C SER A 51 -2.96 7.01 -6.77
N GLN A 52 -4.25 7.14 -6.44
CA GLN A 52 -4.83 8.42 -6.08
C GLN A 52 -4.41 8.83 -4.67
N LEU A 53 -4.12 7.84 -3.83
CA LEU A 53 -3.72 8.08 -2.46
C LEU A 53 -2.42 8.88 -2.41
N PHE A 54 -1.46 8.49 -3.24
CA PHE A 54 -0.17 9.17 -3.29
C PHE A 54 -0.08 10.06 -4.52
N LYS A 55 -0.94 11.08 -4.58
CA LYS A 55 -0.95 12.01 -5.71
C LYS A 55 0.15 13.06 -5.55
N GLY A 56 1.23 12.89 -6.31
CA GLY A 56 2.33 13.84 -6.25
C GLY A 56 3.66 13.16 -5.99
N HIS A 57 3.61 11.98 -5.35
CA HIS A 57 4.82 11.22 -5.06
C HIS A 57 4.85 9.93 -5.87
N PRO A 58 5.42 9.97 -7.09
CA PRO A 58 5.51 8.79 -7.97
C PRO A 58 6.38 7.70 -7.37
N ASP A 59 7.11 8.05 -6.32
CA ASP A 59 8.00 7.09 -5.65
C ASP A 59 7.18 5.97 -4.98
N LEU A 60 6.25 6.37 -4.12
CA LEU A 60 5.41 5.41 -3.42
C LEU A 60 4.55 4.61 -4.40
N ILE A 61 4.11 5.27 -5.47
CA ILE A 61 3.28 4.63 -6.48
C ILE A 61 4.04 3.47 -7.14
N MET A 62 5.23 3.78 -7.66
CA MET A 62 6.06 2.78 -8.32
C MET A 62 6.46 1.68 -7.34
N GLY A 63 6.61 2.05 -6.07
CA GLY A 63 6.97 1.09 -5.04
C GLY A 63 5.92 0.03 -4.84
N PHE A 64 4.66 0.46 -4.74
CA PHE A 64 3.55 -0.46 -4.53
C PHE A 64 3.27 -1.25 -5.81
N ASN A 65 3.52 -0.64 -6.96
CA ASN A 65 3.30 -1.28 -8.25
C ASN A 65 4.19 -2.51 -8.39
N THR A 66 5.46 -2.37 -8.03
CA THR A 66 6.42 -3.46 -8.12
C THR A 66 6.33 -4.35 -6.89
N PHE A 67 5.45 -4.00 -5.96
CA PHE A 67 5.25 -4.76 -4.74
C PHE A 67 4.01 -5.63 -4.84
N LEU A 68 3.23 -5.41 -5.89
CA LEU A 68 1.99 -6.16 -6.11
C LEU A 68 2.30 -7.65 -6.27
N PRO A 69 1.46 -8.54 -5.70
CA PRO A 69 1.67 -9.98 -5.79
C PRO A 69 1.53 -10.49 -7.23
N PRO A 70 2.05 -11.70 -7.52
CA PRO A 70 1.98 -12.30 -8.86
C PRO A 70 0.55 -12.59 -9.29
N GLY A 71 0.08 -11.86 -10.29
CA GLY A 71 -1.28 -12.05 -10.78
C GLY A 71 -1.31 -12.86 -12.07
N GLN A 1 10.72 -19.28 2.48
CA GLN A 1 11.97 -19.42 3.28
C GLN A 1 11.70 -19.13 4.76
N ARG A 2 10.42 -19.20 5.14
CA ARG A 2 10.03 -18.95 6.53
C ARG A 2 10.45 -17.55 6.98
N LEU A 3 10.73 -16.69 6.01
CA LEU A 3 11.15 -15.32 6.30
C LEU A 3 10.49 -14.34 5.33
N LYS A 4 9.81 -13.35 5.87
CA LYS A 4 9.14 -12.33 5.05
C LYS A 4 8.71 -11.14 5.90
N VAL A 5 9.21 -11.08 7.12
CA VAL A 5 8.89 -9.98 8.04
C VAL A 5 9.88 -8.83 7.87
N GLU A 6 11.11 -9.17 7.50
CA GLU A 6 12.15 -8.17 7.32
C GLU A 6 12.07 -7.55 5.93
N ASP A 7 11.03 -7.90 5.19
CA ASP A 7 10.84 -7.38 3.83
C ASP A 7 9.54 -6.59 3.74
N ALA A 8 8.65 -6.79 4.69
CA ALA A 8 7.37 -6.10 4.72
C ALA A 8 7.50 -4.72 5.37
N LEU A 9 8.63 -4.50 6.04
CA LEU A 9 8.88 -3.23 6.71
C LEU A 9 9.74 -2.30 5.85
N SER A 10 9.76 -2.58 4.55
CA SER A 10 10.55 -1.78 3.61
C SER A 10 9.70 -0.67 3.00
N TYR A 11 8.56 -1.05 2.41
CA TYR A 11 7.66 -0.09 1.79
C TYR A 11 6.87 0.68 2.84
N LEU A 12 6.34 -0.03 3.82
CA LEU A 12 5.55 0.58 4.89
C LEU A 12 6.34 1.69 5.59
N ASP A 13 7.61 1.41 5.88
CA ASP A 13 8.47 2.37 6.55
C ASP A 13 8.61 3.65 5.71
N GLN A 14 8.66 3.49 4.39
CA GLN A 14 8.78 4.63 3.49
C GLN A 14 7.52 5.48 3.51
N VAL A 15 6.36 4.81 3.55
CA VAL A 15 5.08 5.51 3.59
C VAL A 15 5.00 6.40 4.82
N LYS A 16 5.32 5.83 5.97
CA LYS A 16 5.27 6.57 7.23
C LYS A 16 6.40 7.60 7.30
N LEU A 17 7.48 7.34 6.57
CA LEU A 17 8.63 8.25 6.56
C LEU A 17 8.27 9.57 5.89
N GLN A 18 7.77 9.50 4.66
CA GLN A 18 7.40 10.69 3.91
C GLN A 18 6.12 11.31 4.47
N PHE A 19 5.16 10.46 4.77
CA PHE A 19 3.88 10.90 5.31
C PHE A 19 3.82 10.67 6.83
N GLY A 20 4.15 11.70 7.59
CA GLY A 20 4.14 11.58 9.04
C GLY A 20 3.09 12.48 9.69
N SER A 21 2.97 13.69 9.17
CA SER A 21 2.01 14.65 9.71
C SER A 21 0.57 14.22 9.38
N GLN A 22 0.45 13.24 8.48
CA GLN A 22 -0.85 12.74 8.08
C GLN A 22 -0.95 11.24 8.30
N PRO A 23 -1.10 10.80 9.56
CA PRO A 23 -1.19 9.37 9.90
C PRO A 23 -2.44 8.73 9.30
N GLN A 24 -3.40 9.56 8.90
CA GLN A 24 -4.64 9.07 8.31
C GLN A 24 -4.36 8.34 7.01
N VAL A 25 -3.28 8.72 6.34
CA VAL A 25 -2.90 8.09 5.07
C VAL A 25 -2.45 6.65 5.30
N TYR A 26 -1.71 6.43 6.38
CA TYR A 26 -1.23 5.10 6.71
C TYR A 26 -2.40 4.17 7.04
N ASN A 27 -3.29 4.64 7.91
CA ASN A 27 -4.46 3.86 8.30
C ASN A 27 -5.33 3.54 7.10
N ASP A 28 -5.63 4.57 6.31
CA ASP A 28 -6.44 4.41 5.10
C ASP A 28 -5.84 3.35 4.18
N PHE A 29 -4.52 3.38 4.04
CA PHE A 29 -3.83 2.42 3.19
C PHE A 29 -4.03 1.01 3.70
N LEU A 30 -3.95 0.84 5.02
CA LEU A 30 -4.12 -0.47 5.64
C LEU A 30 -5.52 -1.02 5.36
N ASP A 31 -6.52 -0.15 5.46
CA ASP A 31 -7.90 -0.56 5.21
C ASP A 31 -8.10 -1.06 3.79
N ILE A 32 -7.69 -0.24 2.82
CA ILE A 32 -7.82 -0.59 1.41
C ILE A 32 -7.11 -1.90 1.10
N MET A 33 -5.89 -2.04 1.57
CA MET A 33 -5.11 -3.25 1.32
C MET A 33 -5.81 -4.48 1.89
N LYS A 34 -6.38 -4.34 3.08
CA LYS A 34 -7.09 -5.44 3.72
C LYS A 34 -8.29 -5.86 2.89
N GLU A 35 -8.99 -4.88 2.32
CA GLU A 35 -10.16 -5.16 1.49
C GLU A 35 -9.74 -5.91 0.24
N PHE A 36 -8.56 -5.57 -0.28
CA PHE A 36 -8.03 -6.22 -1.48
C PHE A 36 -7.61 -7.65 -1.17
N LYS A 37 -7.16 -7.88 0.06
CA LYS A 37 -6.71 -9.20 0.49
C LYS A 37 -7.91 -10.12 0.71
N SER A 38 -9.12 -9.54 0.67
CA SER A 38 -10.33 -10.31 0.89
C SER A 38 -11.04 -10.61 -0.44
N GLN A 39 -11.78 -9.62 -0.95
CA GLN A 39 -12.51 -9.78 -2.21
C GLN A 39 -13.25 -8.50 -2.60
N SER A 40 -13.57 -7.67 -1.60
CA SER A 40 -14.28 -6.41 -1.82
C SER A 40 -13.79 -5.70 -3.08
N ILE A 41 -12.50 -5.39 -3.13
CA ILE A 41 -11.92 -4.70 -4.28
C ILE A 41 -10.98 -5.62 -5.05
N ASP A 42 -10.84 -5.37 -6.35
CA ASP A 42 -9.97 -6.17 -7.21
C ASP A 42 -8.62 -5.49 -7.39
N THR A 43 -7.82 -6.00 -8.33
CA THR A 43 -6.50 -5.45 -8.60
C THR A 43 -6.59 -3.99 -9.06
N PRO A 44 -7.42 -3.67 -10.09
CA PRO A 44 -7.54 -2.29 -10.59
C PRO A 44 -8.09 -1.35 -9.52
N GLY A 45 -8.96 -1.87 -8.67
CA GLY A 45 -9.56 -1.07 -7.63
C GLY A 45 -8.55 -0.62 -6.57
N VAL A 46 -7.75 -1.55 -6.08
CA VAL A 46 -6.74 -1.23 -5.07
C VAL A 46 -5.65 -0.34 -5.64
N ILE A 47 -5.24 -0.60 -6.88
CA ILE A 47 -4.20 0.20 -7.52
C ILE A 47 -4.67 1.64 -7.74
N SER A 48 -5.94 1.80 -8.11
CA SER A 48 -6.50 3.12 -8.35
C SER A 48 -6.60 3.92 -7.06
N ARG A 49 -7.17 3.30 -6.02
CA ARG A 49 -7.33 3.97 -4.73
C ARG A 49 -5.99 4.34 -4.12
N VAL A 50 -5.01 3.46 -4.27
CA VAL A 50 -3.67 3.71 -3.73
C VAL A 50 -2.96 4.79 -4.54
N SER A 51 -3.16 4.76 -5.85
CA SER A 51 -2.54 5.74 -6.74
C SER A 51 -3.00 7.15 -6.38
N GLN A 52 -4.29 7.30 -6.13
CA GLN A 52 -4.85 8.60 -5.77
C GLN A 52 -4.52 8.95 -4.33
N LEU A 53 -4.42 7.92 -3.48
CA LEU A 53 -4.09 8.12 -2.06
C LEU A 53 -2.73 8.78 -1.92
N PHE A 54 -1.79 8.39 -2.78
CA PHE A 54 -0.45 8.95 -2.76
C PHE A 54 -0.22 9.88 -3.95
N LYS A 55 -1.30 10.48 -4.43
CA LYS A 55 -1.22 11.39 -5.56
C LYS A 55 -0.21 12.50 -5.31
N GLY A 56 0.82 12.56 -6.15
CA GLY A 56 1.86 13.57 -5.99
C GLY A 56 3.24 12.96 -5.82
N HIS A 57 3.28 11.76 -5.25
CA HIS A 57 4.54 11.06 -5.04
C HIS A 57 4.60 9.77 -5.85
N PRO A 58 5.16 9.83 -7.08
CA PRO A 58 5.27 8.66 -7.96
C PRO A 58 6.15 7.56 -7.36
N ASP A 59 6.85 7.89 -6.28
CA ASP A 59 7.73 6.94 -5.62
C ASP A 59 6.94 5.80 -4.98
N LEU A 60 6.02 6.16 -4.08
CA LEU A 60 5.21 5.17 -3.39
C LEU A 60 4.41 4.32 -4.37
N ILE A 61 3.88 4.96 -5.42
CA ILE A 61 3.11 4.27 -6.44
C ILE A 61 3.91 3.13 -7.06
N MET A 62 5.07 3.47 -7.61
CA MET A 62 5.93 2.48 -8.24
C MET A 62 6.32 1.40 -7.24
N GLY A 63 6.49 1.79 -5.99
CA GLY A 63 6.85 0.84 -4.95
C GLY A 63 5.71 -0.10 -4.62
N PHE A 64 4.49 0.36 -4.85
CA PHE A 64 3.31 -0.45 -4.58
C PHE A 64 3.11 -1.49 -5.67
N ASN A 65 3.35 -1.10 -6.92
CA ASN A 65 3.19 -2.01 -8.06
C ASN A 65 4.05 -3.25 -7.88
N THR A 66 5.27 -3.07 -7.37
CA THR A 66 6.18 -4.18 -7.15
C THR A 66 5.87 -4.90 -5.84
N PHE A 67 5.11 -4.23 -4.98
CA PHE A 67 4.73 -4.81 -3.69
C PHE A 67 3.72 -5.93 -3.88
N LEU A 68 2.96 -5.87 -4.97
CA LEU A 68 1.95 -6.88 -5.27
C LEU A 68 2.58 -8.28 -5.37
N PRO A 69 1.80 -9.33 -5.07
CA PRO A 69 2.30 -10.72 -5.14
C PRO A 69 2.87 -11.06 -6.52
N PRO A 70 3.77 -12.05 -6.59
CA PRO A 70 4.37 -12.47 -7.85
C PRO A 70 3.41 -13.26 -8.73
N GLY A 71 2.28 -13.65 -8.14
CA GLY A 71 1.29 -14.41 -8.88
C GLY A 71 1.65 -15.88 -8.97
N GLN A 1 7.93 -20.22 0.93
CA GLN A 1 8.62 -19.40 -0.09
C GLN A 1 7.71 -18.28 -0.60
N ARG A 2 6.47 -18.29 -0.13
CA ARG A 2 5.49 -17.28 -0.53
C ARG A 2 5.53 -16.08 0.42
N LEU A 3 5.76 -16.35 1.69
CA LEU A 3 5.82 -15.30 2.70
C LEU A 3 7.27 -14.95 3.03
N LYS A 4 7.56 -13.65 3.06
CA LYS A 4 8.90 -13.18 3.36
C LYS A 4 8.84 -11.92 4.24
N VAL A 5 9.57 -11.95 5.35
CA VAL A 5 9.61 -10.82 6.26
C VAL A 5 10.37 -9.64 5.66
N GLU A 6 11.35 -9.93 4.83
CA GLU A 6 12.16 -8.89 4.19
C GLU A 6 11.26 -7.93 3.42
N ASP A 7 10.62 -8.44 2.36
CA ASP A 7 9.74 -7.62 1.54
C ASP A 7 8.36 -7.51 2.18
N ALA A 8 8.19 -6.51 3.04
CA ALA A 8 6.92 -6.28 3.72
C ALA A 8 6.90 -4.92 4.42
N LEU A 9 7.74 -4.79 5.44
CA LEU A 9 7.83 -3.55 6.20
C LEU A 9 8.66 -2.52 5.43
N SER A 10 9.26 -2.96 4.33
CA SER A 10 10.07 -2.08 3.50
C SER A 10 9.24 -0.93 2.94
N TYR A 11 8.17 -1.26 2.25
CA TYR A 11 7.30 -0.25 1.64
C TYR A 11 6.50 0.50 2.71
N LEU A 12 5.92 -0.25 3.65
CA LEU A 12 5.14 0.35 4.72
C LEU A 12 5.94 1.44 5.43
N ASP A 13 7.20 1.15 5.69
CA ASP A 13 8.09 2.11 6.36
C ASP A 13 8.24 3.37 5.52
N GLN A 14 8.31 3.20 4.21
CA GLN A 14 8.45 4.34 3.30
C GLN A 14 7.22 5.23 3.38
N VAL A 15 6.05 4.61 3.47
CA VAL A 15 4.80 5.36 3.57
C VAL A 15 4.76 6.19 4.84
N LYS A 16 5.20 5.59 5.95
CA LYS A 16 5.23 6.28 7.23
C LYS A 16 6.33 7.34 7.24
N LEU A 17 7.36 7.13 6.43
CA LEU A 17 8.47 8.05 6.33
C LEU A 17 8.05 9.38 5.70
N GLN A 18 7.45 9.28 4.51
CA GLN A 18 7.00 10.47 3.79
C GLN A 18 5.89 11.18 4.56
N PHE A 19 5.02 10.38 5.18
CA PHE A 19 3.90 10.93 5.95
C PHE A 19 4.07 10.62 7.43
N GLY A 20 4.86 11.45 8.12
CA GLY A 20 5.09 11.26 9.54
C GLY A 20 4.23 12.14 10.41
N SER A 21 3.57 13.11 9.79
CA SER A 21 2.71 14.03 10.51
C SER A 21 1.26 13.89 10.06
N GLN A 22 1.02 12.98 9.12
CA GLN A 22 -0.33 12.76 8.60
C GLN A 22 -0.70 11.27 8.71
N PRO A 23 -1.12 10.83 9.91
CA PRO A 23 -1.51 9.44 10.15
C PRO A 23 -2.78 9.05 9.41
N GLN A 24 -3.47 10.05 8.87
CA GLN A 24 -4.71 9.81 8.13
C GLN A 24 -4.44 8.98 6.87
N VAL A 25 -3.28 9.19 6.26
CA VAL A 25 -2.92 8.45 5.05
C VAL A 25 -2.58 7.01 5.37
N TYR A 26 -1.81 6.81 6.44
CA TYR A 26 -1.41 5.47 6.85
C TYR A 26 -2.63 4.61 7.16
N ASN A 27 -3.53 5.15 7.97
CA ASN A 27 -4.75 4.43 8.37
C ASN A 27 -5.58 4.06 7.13
N ASP A 28 -5.75 5.02 6.23
CA ASP A 28 -6.53 4.79 5.02
C ASP A 28 -5.93 3.65 4.20
N PHE A 29 -4.60 3.65 4.09
CA PHE A 29 -3.90 2.62 3.33
C PHE A 29 -4.19 1.24 3.92
N LEU A 30 -4.16 1.16 5.25
CA LEU A 30 -4.42 -0.10 5.94
C LEU A 30 -5.82 -0.62 5.61
N ASP A 31 -6.80 0.27 5.68
CA ASP A 31 -8.18 -0.10 5.38
C ASP A 31 -8.31 -0.70 3.99
N ILE A 32 -7.75 -0.02 3.00
CA ILE A 32 -7.79 -0.49 1.61
C ILE A 32 -7.13 -1.86 1.49
N MET A 33 -6.03 -2.05 2.20
CA MET A 33 -5.29 -3.31 2.16
C MET A 33 -6.14 -4.46 2.69
N LYS A 34 -6.91 -4.17 3.74
CA LYS A 34 -7.77 -5.18 4.35
C LYS A 34 -8.90 -5.56 3.41
N GLU A 35 -9.49 -4.56 2.76
CA GLU A 35 -10.58 -4.80 1.81
C GLU A 35 -10.12 -5.68 0.67
N PHE A 36 -8.92 -5.43 0.18
CA PHE A 36 -8.35 -6.20 -0.93
C PHE A 36 -7.87 -7.56 -0.42
N LYS A 37 -7.52 -7.61 0.86
CA LYS A 37 -7.02 -8.84 1.48
C LYS A 37 -8.11 -9.92 1.48
N SER A 38 -9.36 -9.48 1.59
CA SER A 38 -10.49 -10.40 1.61
C SER A 38 -10.98 -10.69 0.19
N GLN A 39 -10.21 -10.24 -0.79
CA GLN A 39 -10.56 -10.44 -2.20
C GLN A 39 -11.90 -9.78 -2.52
N SER A 40 -12.29 -8.80 -1.71
CA SER A 40 -13.55 -8.09 -1.90
C SER A 40 -13.51 -7.29 -3.20
N ILE A 41 -12.44 -6.53 -3.38
CA ILE A 41 -12.28 -5.72 -4.58
C ILE A 41 -11.37 -6.39 -5.59
N ASP A 42 -11.11 -5.72 -6.70
CA ASP A 42 -10.25 -6.26 -7.75
C ASP A 42 -8.89 -5.58 -7.75
N THR A 43 -7.99 -6.06 -8.60
CA THR A 43 -6.64 -5.50 -8.69
C THR A 43 -6.68 -4.03 -9.13
N PRO A 44 -7.39 -3.69 -10.22
CA PRO A 44 -7.49 -2.31 -10.69
C PRO A 44 -8.04 -1.36 -9.62
N GLY A 45 -8.81 -1.93 -8.69
CA GLY A 45 -9.38 -1.14 -7.62
C GLY A 45 -8.35 -0.67 -6.62
N VAL A 46 -7.55 -1.61 -6.11
CA VAL A 46 -6.51 -1.27 -5.14
C VAL A 46 -5.44 -0.39 -5.76
N ILE A 47 -5.11 -0.64 -7.02
CA ILE A 47 -4.11 0.16 -7.72
C ILE A 47 -4.58 1.60 -7.88
N SER A 48 -5.84 1.76 -8.28
CA SER A 48 -6.42 3.08 -8.48
C SER A 48 -6.42 3.88 -7.18
N ARG A 49 -6.87 3.24 -6.10
CA ARG A 49 -6.93 3.87 -4.79
C ARG A 49 -5.55 4.34 -4.34
N VAL A 50 -4.57 3.44 -4.40
CA VAL A 50 -3.20 3.77 -4.00
C VAL A 50 -2.63 4.87 -4.87
N SER A 51 -3.00 4.87 -6.15
CA SER A 51 -2.52 5.87 -7.09
C SER A 51 -3.05 7.25 -6.73
N GLN A 52 -4.29 7.29 -6.24
CA GLN A 52 -4.91 8.55 -5.84
C GLN A 52 -4.45 8.96 -4.46
N LEU A 53 -4.05 7.97 -3.65
CA LEU A 53 -3.57 8.23 -2.29
C LEU A 53 -2.19 8.86 -2.33
N PHE A 54 -1.48 8.66 -3.43
CA PHE A 54 -0.14 9.21 -3.60
C PHE A 54 0.00 9.90 -4.96
N LYS A 55 -1.07 10.59 -5.37
CA LYS A 55 -1.07 11.29 -6.65
C LYS A 55 0.07 12.30 -6.73
N GLY A 56 0.51 12.76 -5.57
CA GLY A 56 1.60 13.72 -5.51
C GLY A 56 2.95 13.07 -5.30
N HIS A 57 2.93 11.82 -4.88
CA HIS A 57 4.17 11.08 -4.63
C HIS A 57 4.31 9.92 -5.62
N PRO A 58 5.07 10.11 -6.72
CA PRO A 58 5.27 9.07 -7.72
C PRO A 58 6.21 7.97 -7.24
N ASP A 59 6.68 8.10 -6.00
CA ASP A 59 7.59 7.12 -5.42
C ASP A 59 6.82 5.93 -4.85
N LEU A 60 5.77 6.22 -4.09
CA LEU A 60 4.95 5.17 -3.49
C LEU A 60 4.24 4.36 -4.58
N ILE A 61 4.02 5.00 -5.73
CA ILE A 61 3.34 4.34 -6.84
C ILE A 61 4.21 3.25 -7.45
N MET A 62 5.42 3.62 -7.86
CA MET A 62 6.35 2.66 -8.45
C MET A 62 6.73 1.58 -7.45
N GLY A 63 6.82 1.97 -6.18
CA GLY A 63 7.17 1.02 -5.14
C GLY A 63 6.06 0.03 -4.86
N PHE A 64 4.82 0.48 -4.96
CA PHE A 64 3.67 -0.39 -4.73
C PHE A 64 3.39 -1.28 -5.93
N ASN A 65 3.79 -0.81 -7.11
CA ASN A 65 3.60 -1.57 -8.34
C ASN A 65 4.33 -2.91 -8.27
N THR A 66 5.54 -2.88 -7.72
CA THR A 66 6.35 -4.09 -7.58
C THR A 66 6.04 -4.80 -6.26
N PHE A 67 5.30 -4.13 -5.40
CA PHE A 67 4.93 -4.68 -4.11
C PHE A 67 3.84 -5.75 -4.26
N LEU A 68 3.06 -5.62 -5.34
CA LEU A 68 1.98 -6.56 -5.61
C LEU A 68 2.53 -7.96 -5.88
N PRO A 69 1.91 -9.01 -5.29
CA PRO A 69 2.36 -10.40 -5.48
C PRO A 69 2.43 -10.78 -6.95
N PRO A 70 3.17 -11.86 -7.28
CA PRO A 70 3.30 -12.34 -8.66
C PRO A 70 1.95 -12.50 -9.36
N GLY A 71 1.94 -12.24 -10.67
CA GLY A 71 0.71 -12.35 -11.43
C GLY A 71 0.30 -13.79 -11.66
N GLN A 1 -0.53 -23.91 12.69
CA GLN A 1 -0.46 -22.76 11.74
C GLN A 1 0.91 -22.09 11.81
N ARG A 2 1.57 -22.00 10.67
CA ARG A 2 2.89 -21.38 10.59
C ARG A 2 2.87 -20.18 9.65
N LEU A 3 3.38 -19.04 10.13
CA LEU A 3 3.43 -17.83 9.33
C LEU A 3 4.82 -17.21 9.33
N LYS A 4 5.08 -16.34 8.36
CA LYS A 4 6.38 -15.67 8.25
C LYS A 4 6.21 -14.24 7.76
N VAL A 5 7.08 -13.36 8.23
CA VAL A 5 7.03 -11.95 7.84
C VAL A 5 8.40 -11.45 7.38
N GLU A 6 8.43 -10.86 6.18
CA GLU A 6 9.67 -10.34 5.61
C GLU A 6 9.39 -9.55 4.33
N ASP A 7 10.22 -8.54 4.07
CA ASP A 7 10.06 -7.70 2.89
C ASP A 7 8.70 -7.03 2.86
N ALA A 8 8.00 -7.06 4.00
CA ALA A 8 6.68 -6.45 4.11
C ALA A 8 6.77 -5.06 4.74
N LEU A 9 7.52 -4.96 5.83
CA LEU A 9 7.67 -3.69 6.53
C LEU A 9 8.66 -2.78 5.80
N SER A 10 9.23 -3.29 4.72
CA SER A 10 10.19 -2.52 3.93
C SER A 10 9.51 -1.33 3.25
N TYR A 11 8.47 -1.62 2.47
CA TYR A 11 7.74 -0.58 1.76
C TYR A 11 6.84 0.21 2.72
N LEU A 12 6.23 -0.50 3.65
CA LEU A 12 5.34 0.12 4.63
C LEU A 12 6.08 1.22 5.40
N ASP A 13 7.31 0.93 5.80
CA ASP A 13 8.12 1.89 6.55
C ASP A 13 8.32 3.16 5.73
N GLN A 14 8.46 2.99 4.42
CA GLN A 14 8.66 4.12 3.52
C GLN A 14 7.41 5.00 3.48
N VAL A 15 6.24 4.35 3.38
CA VAL A 15 4.97 5.07 3.34
C VAL A 15 4.80 5.93 4.58
N LYS A 16 5.08 5.35 5.74
CA LYS A 16 4.96 6.07 7.00
C LYS A 16 6.05 7.13 7.15
N LEU A 17 7.18 6.88 6.51
CA LEU A 17 8.30 7.82 6.57
C LEU A 17 7.94 9.15 5.92
N GLN A 18 7.48 9.09 4.68
CA GLN A 18 7.09 10.30 3.96
C GLN A 18 5.83 10.91 4.55
N PHE A 19 4.95 10.06 5.08
CA PHE A 19 3.71 10.53 5.68
C PHE A 19 3.68 10.24 7.18
N GLY A 20 3.99 11.26 7.97
CA GLY A 20 4.00 11.10 9.42
C GLY A 20 3.05 12.07 10.10
N SER A 21 3.09 13.33 9.68
CA SER A 21 2.23 14.35 10.26
C SER A 21 0.76 14.08 9.94
N GLN A 22 0.53 13.31 8.88
CA GLN A 22 -0.83 12.97 8.46
C GLN A 22 -1.11 11.48 8.66
N PRO A 23 -1.61 11.09 9.84
CA PRO A 23 -1.92 9.69 10.14
C PRO A 23 -3.16 9.21 9.41
N GLN A 24 -3.78 10.11 8.67
CA GLN A 24 -4.99 9.78 7.90
C GLN A 24 -4.64 9.01 6.63
N VAL A 25 -3.48 9.31 6.07
CA VAL A 25 -3.02 8.65 4.85
C VAL A 25 -2.61 7.22 5.14
N TYR A 26 -1.87 7.02 6.22
CA TYR A 26 -1.41 5.71 6.62
C TYR A 26 -2.58 4.80 6.99
N ASN A 27 -3.51 5.34 7.76
CA ASN A 27 -4.69 4.58 8.19
C ASN A 27 -5.50 4.11 6.97
N ASP A 28 -5.76 5.05 6.06
CA ASP A 28 -6.53 4.74 4.86
C ASP A 28 -5.83 3.64 4.05
N PHE A 29 -4.51 3.73 3.96
CA PHE A 29 -3.73 2.75 3.23
C PHE A 29 -3.96 1.35 3.78
N LEU A 30 -3.84 1.21 5.09
CA LEU A 30 -4.06 -0.08 5.75
C LEU A 30 -5.47 -0.60 5.47
N ASP A 31 -6.43 0.32 5.47
CA ASP A 31 -7.82 -0.03 5.22
C ASP A 31 -7.96 -0.74 3.87
N ILE A 32 -7.44 -0.10 2.82
CA ILE A 32 -7.50 -0.66 1.48
C ILE A 32 -6.85 -2.04 1.42
N MET A 33 -5.67 -2.15 2.02
CA MET A 33 -4.95 -3.42 2.04
C MET A 33 -5.77 -4.50 2.74
N LYS A 34 -6.54 -4.11 3.75
CA LYS A 34 -7.38 -5.04 4.49
C LYS A 34 -8.51 -5.55 3.62
N GLU A 35 -9.13 -4.65 2.85
CA GLU A 35 -10.23 -5.01 1.98
C GLU A 35 -9.78 -6.03 0.93
N PHE A 36 -8.62 -5.77 0.34
CA PHE A 36 -8.07 -6.66 -0.69
C PHE A 36 -7.49 -7.92 -0.05
N LYS A 37 -7.10 -7.82 1.21
CA LYS A 37 -6.53 -8.95 1.93
C LYS A 37 -7.45 -10.16 1.88
N SER A 38 -8.73 -9.94 2.17
CA SER A 38 -9.71 -11.03 2.16
C SER A 38 -10.37 -11.14 0.79
N GLN A 39 -11.37 -10.29 0.54
CA GLN A 39 -12.09 -10.30 -0.72
C GLN A 39 -13.10 -9.16 -0.78
N SER A 40 -12.76 -8.10 -1.52
CA SER A 40 -13.64 -6.94 -1.65
C SER A 40 -13.40 -6.21 -2.95
N ILE A 41 -12.15 -5.78 -3.15
CA ILE A 41 -11.77 -5.05 -4.36
C ILE A 41 -10.87 -5.90 -5.25
N ASP A 42 -10.79 -5.53 -6.53
CA ASP A 42 -9.97 -6.26 -7.48
C ASP A 42 -8.61 -5.58 -7.64
N THR A 43 -7.84 -6.02 -8.64
CA THR A 43 -6.52 -5.46 -8.90
C THR A 43 -6.60 -4.00 -9.38
N PRO A 44 -7.43 -3.69 -10.39
CA PRO A 44 -7.57 -2.33 -10.90
C PRO A 44 -8.04 -1.34 -9.82
N GLY A 45 -8.85 -1.85 -8.90
CA GLY A 45 -9.37 -1.02 -7.82
C GLY A 45 -8.30 -0.58 -6.84
N VAL A 46 -7.50 -1.54 -6.38
CA VAL A 46 -6.45 -1.23 -5.42
C VAL A 46 -5.35 -0.37 -6.05
N ILE A 47 -5.06 -0.62 -7.32
CA ILE A 47 -4.03 0.14 -8.02
C ILE A 47 -4.44 1.59 -8.18
N SER A 48 -5.65 1.81 -8.68
CA SER A 48 -6.16 3.16 -8.89
C SER A 48 -6.25 3.94 -7.58
N ARG A 49 -6.80 3.29 -6.56
CA ARG A 49 -6.96 3.91 -5.25
C ARG A 49 -5.61 4.34 -4.67
N VAL A 50 -4.65 3.43 -4.65
CA VAL A 50 -3.33 3.71 -4.11
C VAL A 50 -2.64 4.83 -4.91
N SER A 51 -2.78 4.79 -6.23
CA SER A 51 -2.16 5.78 -7.09
C SER A 51 -2.71 7.18 -6.78
N GLN A 52 -4.00 7.28 -6.55
CA GLN A 52 -4.63 8.55 -6.23
C GLN A 52 -4.33 8.96 -4.79
N LEU A 53 -4.08 7.96 -3.94
CA LEU A 53 -3.77 8.19 -2.54
C LEU A 53 -2.42 8.88 -2.38
N PHE A 54 -1.54 8.65 -3.35
CA PHE A 54 -0.20 9.25 -3.32
C PHE A 54 0.04 10.09 -4.57
N LYS A 55 -0.93 10.93 -4.91
CA LYS A 55 -0.82 11.79 -6.09
C LYS A 55 0.33 12.78 -5.93
N GLY A 56 0.68 13.06 -4.69
CA GLY A 56 1.75 14.00 -4.41
C GLY A 56 3.11 13.32 -4.40
N HIS A 57 3.12 11.99 -4.33
CA HIS A 57 4.36 11.23 -4.31
C HIS A 57 4.26 10.02 -5.23
N PRO A 58 4.76 10.14 -6.48
CA PRO A 58 4.73 9.05 -7.46
C PRO A 58 5.69 7.92 -7.10
N ASP A 59 6.58 8.18 -6.15
CA ASP A 59 7.56 7.20 -5.72
C ASP A 59 6.88 5.99 -5.07
N LEU A 60 5.97 6.27 -4.14
CA LEU A 60 5.25 5.21 -3.44
C LEU A 60 4.46 4.35 -4.42
N ILE A 61 3.88 4.99 -5.43
CA ILE A 61 3.10 4.29 -6.44
C ILE A 61 3.96 3.31 -7.22
N MET A 62 5.09 3.79 -7.73
CA MET A 62 6.00 2.97 -8.51
C MET A 62 6.48 1.78 -7.67
N GLY A 63 6.72 2.02 -6.39
CA GLY A 63 7.17 0.97 -5.51
C GLY A 63 6.09 -0.04 -5.19
N PHE A 64 4.84 0.43 -5.20
CA PHE A 64 3.70 -0.43 -4.91
C PHE A 64 3.34 -1.28 -6.13
N ASN A 65 3.67 -0.77 -7.31
CA ASN A 65 3.39 -1.48 -8.56
C ASN A 65 4.07 -2.84 -8.58
N THR A 66 5.34 -2.87 -8.15
CA THR A 66 6.10 -4.12 -8.12
C THR A 66 5.87 -4.87 -6.81
N PHE A 67 5.01 -4.32 -5.97
CA PHE A 67 4.70 -4.93 -4.67
C PHE A 67 3.50 -5.87 -4.79
N LEU A 68 2.70 -5.67 -5.85
CA LEU A 68 1.53 -6.50 -6.07
C LEU A 68 1.91 -7.98 -6.19
N PRO A 69 0.97 -8.90 -5.85
CA PRO A 69 1.22 -10.34 -5.92
C PRO A 69 1.28 -10.84 -7.36
N PRO A 70 2.28 -11.70 -7.68
CA PRO A 70 2.42 -12.26 -9.03
C PRO A 70 1.29 -13.21 -9.40
N GLY A 71 0.60 -13.72 -8.38
CA GLY A 71 -0.50 -14.63 -8.60
C GLY A 71 -1.63 -14.44 -7.61
N GLN A 1 3.75 -20.86 8.45
CA GLN A 1 2.32 -21.24 8.40
C GLN A 1 1.50 -20.48 9.44
N ARG A 2 2.14 -19.49 10.06
CA ARG A 2 1.48 -18.69 11.08
C ARG A 2 1.85 -17.21 10.94
N LEU A 3 3.15 -16.95 10.84
CA LEU A 3 3.64 -15.58 10.69
C LEU A 3 4.95 -15.56 9.93
N LYS A 4 4.97 -14.81 8.82
CA LYS A 4 6.16 -14.69 8.00
C LYS A 4 6.33 -13.26 7.48
N VAL A 5 5.59 -12.34 8.09
CA VAL A 5 5.65 -10.93 7.72
C VAL A 5 6.76 -10.21 8.47
N GLU A 6 7.80 -9.82 7.76
CA GLU A 6 8.92 -9.11 8.36
C GLU A 6 9.65 -8.25 7.33
N ASP A 7 9.87 -8.83 6.15
CA ASP A 7 10.54 -8.11 5.07
C ASP A 7 9.54 -7.32 4.24
N ALA A 8 8.28 -7.34 4.66
CA ALA A 8 7.23 -6.63 3.96
C ALA A 8 7.08 -5.20 4.49
N LEU A 9 7.74 -4.91 5.60
CA LEU A 9 7.69 -3.59 6.21
C LEU A 9 8.59 -2.61 5.47
N SER A 10 9.24 -3.10 4.41
CA SER A 10 10.13 -2.26 3.62
C SER A 10 9.37 -1.09 3.00
N TYR A 11 8.34 -1.40 2.23
CA TYR A 11 7.54 -0.37 1.57
C TYR A 11 6.72 0.41 2.59
N LEU A 12 6.08 -0.31 3.51
CA LEU A 12 5.25 0.31 4.54
C LEU A 12 6.05 1.34 5.34
N ASP A 13 7.34 1.08 5.50
CA ASP A 13 8.22 1.98 6.24
C ASP A 13 8.40 3.30 5.47
N GLN A 14 8.62 3.19 4.17
CA GLN A 14 8.80 4.36 3.33
C GLN A 14 7.56 5.25 3.35
N VAL A 15 6.39 4.63 3.29
CA VAL A 15 5.13 5.35 3.32
C VAL A 15 4.90 6.00 4.68
N LYS A 16 5.31 5.29 5.74
CA LYS A 16 5.15 5.80 7.10
C LYS A 16 6.08 6.97 7.36
N LEU A 17 7.26 6.95 6.74
CA LEU A 17 8.23 8.01 6.90
C LEU A 17 7.79 9.29 6.20
N GLN A 18 7.43 9.16 4.92
CA GLN A 18 6.98 10.32 4.14
C GLN A 18 5.67 10.87 4.69
N PHE A 19 4.88 9.99 5.30
CA PHE A 19 3.59 10.39 5.88
C PHE A 19 3.45 9.86 7.30
N GLY A 20 3.87 10.67 8.26
CA GLY A 20 3.78 10.27 9.66
C GLY A 20 2.96 11.25 10.48
N SER A 21 2.97 12.51 10.08
CA SER A 21 2.23 13.54 10.78
C SER A 21 0.74 13.48 10.42
N GLN A 22 0.43 12.69 9.40
CA GLN A 22 -0.94 12.54 8.95
C GLN A 22 -1.40 11.08 9.07
N PRO A 23 -1.88 10.69 10.27
CA PRO A 23 -2.34 9.32 10.50
C PRO A 23 -3.52 8.93 9.61
N GLN A 24 -4.16 9.93 9.02
CA GLN A 24 -5.31 9.70 8.15
C GLN A 24 -4.88 8.99 6.86
N VAL A 25 -3.74 9.38 6.32
CA VAL A 25 -3.23 8.79 5.08
C VAL A 25 -2.81 7.34 5.30
N TYR A 26 -1.96 7.12 6.31
CA TYR A 26 -1.48 5.78 6.62
C TYR A 26 -2.63 4.85 6.95
N ASN A 27 -3.60 5.36 7.71
CA ASN A 27 -4.76 4.58 8.10
C ASN A 27 -5.61 4.23 6.89
N ASP A 28 -5.77 5.18 5.98
CA ASP A 28 -6.55 4.96 4.77
C ASP A 28 -5.94 3.84 3.94
N PHE A 29 -4.62 3.82 3.84
CA PHE A 29 -3.92 2.79 3.09
C PHE A 29 -4.15 1.42 3.71
N LEU A 30 -3.99 1.35 5.03
CA LEU A 30 -4.18 0.10 5.76
C LEU A 30 -5.61 -0.42 5.55
N ASP A 31 -6.56 0.49 5.42
CA ASP A 31 -7.95 0.13 5.21
C ASP A 31 -8.13 -0.53 3.85
N ILE A 32 -7.66 0.15 2.80
CA ILE A 32 -7.76 -0.38 1.45
C ILE A 32 -7.08 -1.73 1.35
N MET A 33 -6.04 -1.92 2.17
CA MET A 33 -5.30 -3.18 2.19
C MET A 33 -6.09 -4.27 2.92
N LYS A 34 -6.84 -3.88 3.95
CA LYS A 34 -7.63 -4.83 4.71
C LYS A 34 -8.78 -5.35 3.85
N GLU A 35 -9.28 -4.50 2.96
CA GLU A 35 -10.37 -4.87 2.07
C GLU A 35 -9.84 -5.69 0.90
N PHE A 36 -8.67 -5.31 0.39
CA PHE A 36 -8.06 -6.02 -0.72
C PHE A 36 -7.55 -7.39 -0.28
N LYS A 37 -7.20 -7.51 0.99
CA LYS A 37 -6.70 -8.78 1.53
C LYS A 37 -7.84 -9.77 1.71
N SER A 38 -9.06 -9.26 1.84
CA SER A 38 -10.23 -10.11 2.00
C SER A 38 -10.83 -10.48 0.64
N GLN A 39 -10.08 -10.20 -0.43
CA GLN A 39 -10.51 -10.52 -1.78
C GLN A 39 -11.80 -9.77 -2.12
N SER A 40 -12.09 -8.72 -1.35
CA SER A 40 -13.28 -7.92 -1.57
C SER A 40 -13.19 -7.15 -2.88
N ILE A 41 -12.19 -6.29 -2.98
CA ILE A 41 -11.98 -5.49 -4.19
C ILE A 41 -11.03 -6.17 -5.16
N ASP A 42 -10.91 -5.61 -6.35
CA ASP A 42 -10.03 -6.17 -7.38
C ASP A 42 -8.67 -5.47 -7.36
N THR A 43 -7.73 -6.00 -8.13
CA THR A 43 -6.39 -5.42 -8.20
C THR A 43 -6.42 -3.98 -8.76
N PRO A 44 -7.11 -3.75 -9.90
CA PRO A 44 -7.20 -2.41 -10.49
C PRO A 44 -7.76 -1.39 -9.50
N GLY A 45 -8.63 -1.86 -8.63
CA GLY A 45 -9.23 -0.98 -7.64
C GLY A 45 -8.24 -0.47 -6.61
N VAL A 46 -7.49 -1.37 -6.01
CA VAL A 46 -6.51 -0.99 -5.00
C VAL A 46 -5.39 -0.14 -5.61
N ILE A 47 -5.03 -0.43 -6.85
CA ILE A 47 -3.97 0.33 -7.53
C ILE A 47 -4.42 1.76 -7.81
N SER A 48 -5.67 1.92 -8.24
CA SER A 48 -6.22 3.23 -8.54
C SER A 48 -6.40 4.06 -7.26
N ARG A 49 -6.81 3.39 -6.19
CA ARG A 49 -7.03 4.05 -4.91
C ARG A 49 -5.71 4.52 -4.30
N VAL A 50 -4.69 3.68 -4.37
CA VAL A 50 -3.38 4.00 -3.82
C VAL A 50 -2.69 5.09 -4.66
N SER A 51 -2.88 5.02 -5.98
CA SER A 51 -2.29 6.00 -6.88
C SER A 51 -2.89 7.38 -6.66
N GLN A 52 -4.20 7.41 -6.46
CA GLN A 52 -4.91 8.67 -6.23
C GLN A 52 -4.71 9.14 -4.79
N LEU A 53 -4.46 8.18 -3.90
CA LEU A 53 -4.24 8.50 -2.49
C LEU A 53 -3.13 9.52 -2.30
N PHE A 54 -1.92 9.15 -2.71
CA PHE A 54 -0.77 10.03 -2.59
C PHE A 54 -0.86 11.17 -3.60
N LYS A 55 -0.94 10.82 -4.87
CA LYS A 55 -1.03 11.80 -5.95
C LYS A 55 0.13 12.79 -5.89
N GLY A 56 1.16 12.53 -6.69
CA GLY A 56 2.32 13.40 -6.72
C GLY A 56 3.57 12.73 -6.22
N HIS A 57 3.46 11.44 -5.89
CA HIS A 57 4.60 10.68 -5.40
C HIS A 57 4.79 9.41 -6.21
N PRO A 58 5.41 9.52 -7.41
CA PRO A 58 5.65 8.36 -8.28
C PRO A 58 6.55 7.32 -7.63
N ASP A 59 7.21 7.70 -6.54
CA ASP A 59 8.10 6.78 -5.83
C ASP A 59 7.32 5.64 -5.18
N LEU A 60 6.36 6.00 -4.32
CA LEU A 60 5.55 5.00 -3.65
C LEU A 60 4.67 4.24 -4.63
N ILE A 61 4.09 4.98 -5.59
CA ILE A 61 3.23 4.37 -6.59
C ILE A 61 3.98 3.27 -7.35
N MET A 62 5.15 3.60 -7.87
CA MET A 62 5.97 2.64 -8.60
C MET A 62 6.35 1.46 -7.71
N GLY A 63 6.73 1.77 -6.48
CA GLY A 63 7.10 0.71 -5.55
C GLY A 63 5.93 -0.16 -5.16
N PHE A 64 4.72 0.37 -5.32
CA PHE A 64 3.52 -0.38 -4.99
C PHE A 64 3.18 -1.37 -6.09
N ASN A 65 3.19 -0.91 -7.34
CA ASN A 65 2.89 -1.77 -8.48
C ASN A 65 3.89 -2.92 -8.55
N THR A 66 5.10 -2.69 -8.07
CA THR A 66 6.14 -3.70 -8.06
C THR A 66 6.04 -4.57 -6.80
N PHE A 67 5.30 -4.08 -5.82
CA PHE A 67 5.12 -4.82 -4.56
C PHE A 67 4.16 -5.98 -4.77
N LEU A 68 3.29 -5.86 -5.76
CA LEU A 68 2.32 -6.91 -6.07
C LEU A 68 3.02 -8.21 -6.42
N PRO A 69 2.38 -9.36 -6.14
CA PRO A 69 2.97 -10.68 -6.43
C PRO A 69 3.15 -10.90 -7.94
N PRO A 70 4.42 -11.07 -8.39
CA PRO A 70 4.72 -11.29 -9.81
C PRO A 70 3.93 -12.46 -10.40
N GLY A 71 3.56 -12.32 -11.67
CA GLY A 71 2.80 -13.36 -12.34
C GLY A 71 1.43 -12.90 -12.77
N GLN A 1 2.92 -25.02 8.50
CA GLN A 1 4.23 -24.72 7.85
C GLN A 1 4.87 -23.49 8.47
N ARG A 2 6.18 -23.36 8.27
CA ARG A 2 6.92 -22.21 8.80
C ARG A 2 6.51 -20.91 8.12
N LEU A 3 5.87 -20.03 8.89
CA LEU A 3 5.42 -18.75 8.36
C LEU A 3 5.70 -17.63 9.36
N LYS A 4 6.08 -16.46 8.84
CA LYS A 4 6.39 -15.32 9.69
C LYS A 4 6.16 -14.01 8.94
N VAL A 5 6.45 -12.90 9.60
CA VAL A 5 6.29 -11.58 8.98
C VAL A 5 7.64 -11.00 8.58
N GLU A 6 7.82 -10.81 7.27
CA GLU A 6 9.07 -10.27 6.75
C GLU A 6 8.88 -9.75 5.33
N ASP A 7 9.71 -8.79 4.94
CA ASP A 7 9.65 -8.20 3.60
C ASP A 7 8.29 -7.55 3.36
N ALA A 8 7.59 -7.23 4.44
CA ALA A 8 6.28 -6.59 4.35
C ALA A 8 6.30 -5.16 4.89
N LEU A 9 7.10 -4.94 5.91
CA LEU A 9 7.22 -3.62 6.52
C LEU A 9 8.12 -2.72 5.67
N SER A 10 8.59 -3.25 4.55
CA SER A 10 9.46 -2.50 3.64
C SER A 10 8.74 -1.28 3.09
N TYR A 11 7.68 -1.53 2.31
CA TYR A 11 6.91 -0.45 1.71
C TYR A 11 6.15 0.32 2.78
N LEU A 12 5.67 -0.38 3.80
CA LEU A 12 4.93 0.23 4.89
C LEU A 12 5.77 1.30 5.57
N ASP A 13 7.06 1.02 5.73
CA ASP A 13 7.98 1.94 6.37
C ASP A 13 8.15 3.20 5.52
N GLN A 14 8.10 3.02 4.20
CA GLN A 14 8.24 4.13 3.26
C GLN A 14 7.05 5.07 3.35
N VAL A 15 5.86 4.49 3.44
CA VAL A 15 4.62 5.27 3.54
C VAL A 15 4.57 6.00 4.87
N LYS A 16 5.06 5.34 5.92
CA LYS A 16 5.06 5.92 7.26
C LYS A 16 6.10 7.04 7.37
N LEU A 17 7.22 6.87 6.67
CA LEU A 17 8.29 7.86 6.69
C LEU A 17 7.89 9.12 5.92
N GLN A 18 7.49 8.94 4.66
CA GLN A 18 7.09 10.05 3.82
C GLN A 18 5.89 10.79 4.41
N PHE A 19 5.04 10.05 5.12
CA PHE A 19 3.86 10.63 5.74
C PHE A 19 3.86 10.38 7.25
N GLY A 20 4.35 11.38 8.00
CA GLY A 20 4.40 11.26 9.45
C GLY A 20 3.41 12.17 10.13
N SER A 21 3.32 13.41 9.65
CA SER A 21 2.40 14.39 10.22
C SER A 21 0.97 14.12 9.78
N GLN A 22 0.81 13.17 8.87
CA GLN A 22 -0.50 12.81 8.36
C GLN A 22 -0.80 11.32 8.60
N PRO A 23 -1.31 10.97 9.80
CA PRO A 23 -1.62 9.59 10.14
C PRO A 23 -2.88 9.08 9.45
N GLN A 24 -3.69 10.02 8.94
CA GLN A 24 -4.92 9.67 8.25
C GLN A 24 -4.62 8.95 6.93
N VAL A 25 -3.45 9.24 6.37
CA VAL A 25 -3.04 8.63 5.11
C VAL A 25 -2.60 7.19 5.32
N TYR A 26 -1.70 6.98 6.27
CA TYR A 26 -1.19 5.65 6.58
C TYR A 26 -2.32 4.72 6.98
N ASN A 27 -3.20 5.21 7.85
CA ASN A 27 -4.34 4.42 8.32
C ASN A 27 -5.21 3.99 7.14
N ASP A 28 -5.55 4.95 6.28
CA ASP A 28 -6.38 4.68 5.12
C ASP A 28 -5.76 3.57 4.27
N PHE A 29 -4.46 3.68 4.00
CA PHE A 29 -3.76 2.68 3.22
C PHE A 29 -3.95 1.29 3.82
N LEU A 30 -3.80 1.20 5.14
CA LEU A 30 -3.96 -0.07 5.85
C LEU A 30 -5.35 -0.65 5.59
N ASP A 31 -6.37 0.20 5.66
CA ASP A 31 -7.75 -0.22 5.44
C ASP A 31 -7.90 -0.85 4.06
N ILE A 32 -7.32 -0.19 3.05
CA ILE A 32 -7.40 -0.69 1.68
C ILE A 32 -6.78 -2.08 1.56
N MET A 33 -5.60 -2.23 2.15
CA MET A 33 -4.90 -3.52 2.10
C MET A 33 -5.71 -4.61 2.78
N LYS A 34 -6.43 -4.24 3.84
CA LYS A 34 -7.25 -5.20 4.57
C LYS A 34 -8.44 -5.66 3.72
N GLU A 35 -9.05 -4.72 3.00
CA GLU A 35 -10.19 -5.03 2.15
C GLU A 35 -9.80 -5.99 1.04
N PHE A 36 -8.67 -5.71 0.40
CA PHE A 36 -8.18 -6.56 -0.69
C PHE A 36 -7.71 -7.91 -0.16
N LYS A 37 -7.21 -7.92 1.08
CA LYS A 37 -6.72 -9.14 1.70
C LYS A 37 -7.84 -10.17 1.81
N SER A 38 -8.99 -9.73 2.32
CA SER A 38 -10.14 -10.61 2.48
C SER A 38 -10.92 -10.73 1.17
N GLN A 39 -10.30 -10.26 0.08
CA GLN A 39 -10.92 -10.31 -1.24
C GLN A 39 -12.23 -9.51 -1.25
N SER A 40 -12.16 -8.28 -1.72
CA SER A 40 -13.33 -7.41 -1.79
C SER A 40 -13.29 -6.55 -3.04
N ILE A 41 -12.08 -6.16 -3.45
CA ILE A 41 -11.90 -5.33 -4.64
C ILE A 41 -10.99 -6.00 -5.65
N ASP A 42 -11.13 -5.63 -6.91
CA ASP A 42 -10.32 -6.20 -7.98
C ASP A 42 -8.91 -5.62 -7.98
N THR A 43 -8.12 -6.00 -8.97
CA THR A 43 -6.74 -5.53 -9.08
C THR A 43 -6.69 -4.06 -9.49
N PRO A 44 -7.39 -3.64 -10.57
CA PRO A 44 -7.40 -2.25 -11.01
C PRO A 44 -7.98 -1.32 -9.96
N GLY A 45 -8.85 -1.88 -9.11
CA GLY A 45 -9.47 -1.09 -8.06
C GLY A 45 -8.49 -0.67 -6.99
N VAL A 46 -7.69 -1.61 -6.50
CA VAL A 46 -6.71 -1.32 -5.46
C VAL A 46 -5.58 -0.45 -6.01
N ILE A 47 -5.13 -0.75 -7.23
CA ILE A 47 -4.06 0.01 -7.84
C ILE A 47 -4.46 1.47 -8.03
N SER A 48 -5.66 1.68 -8.55
CA SER A 48 -6.17 3.03 -8.79
C SER A 48 -6.33 3.77 -7.47
N ARG A 49 -6.89 3.09 -6.47
CA ARG A 49 -7.10 3.70 -5.16
C ARG A 49 -5.79 4.22 -4.58
N VAL A 50 -4.75 3.40 -4.63
CA VAL A 50 -3.44 3.78 -4.11
C VAL A 50 -2.86 4.94 -4.91
N SER A 51 -3.07 4.92 -6.22
CA SER A 51 -2.58 5.97 -7.09
C SER A 51 -3.17 7.32 -6.70
N GLN A 52 -4.45 7.32 -6.35
CA GLN A 52 -5.13 8.55 -5.95
C GLN A 52 -4.80 8.92 -4.51
N LEU A 53 -4.49 7.90 -3.70
CA LEU A 53 -4.14 8.11 -2.31
C LEU A 53 -2.81 8.84 -2.18
N PHE A 54 -1.87 8.51 -3.06
CA PHE A 54 -0.55 9.13 -3.05
C PHE A 54 -0.35 9.95 -4.33
N LYS A 55 -0.86 11.16 -4.34
CA LYS A 55 -0.74 12.05 -5.49
C LYS A 55 0.47 12.95 -5.34
N GLY A 56 1.27 13.05 -6.40
CA GLY A 56 2.47 13.87 -6.37
C GLY A 56 3.68 13.10 -5.90
N HIS A 57 3.47 11.87 -5.47
CA HIS A 57 4.56 11.02 -4.99
C HIS A 57 4.76 9.83 -5.92
N PRO A 58 5.62 9.97 -6.95
CA PRO A 58 5.88 8.90 -7.91
C PRO A 58 6.69 7.77 -7.29
N ASP A 59 7.18 7.99 -6.08
CA ASP A 59 7.98 7.00 -5.36
C ASP A 59 7.10 5.89 -4.79
N LEU A 60 6.07 6.28 -4.05
CA LEU A 60 5.15 5.32 -3.45
C LEU A 60 4.37 4.56 -4.51
N ILE A 61 3.91 5.27 -5.53
CA ILE A 61 3.16 4.65 -6.62
C ILE A 61 4.00 3.60 -7.34
N MET A 62 5.17 4.00 -7.80
CA MET A 62 6.07 3.09 -8.50
C MET A 62 6.50 1.94 -7.59
N GLY A 63 6.58 2.22 -6.29
CA GLY A 63 6.98 1.19 -5.34
C GLY A 63 5.90 0.16 -5.12
N PHE A 64 4.65 0.61 -5.10
CA PHE A 64 3.51 -0.28 -4.89
C PHE A 64 3.27 -1.14 -6.13
N ASN A 65 3.54 -0.57 -7.30
CA ASN A 65 3.37 -1.27 -8.56
C ASN A 65 4.19 -2.56 -8.58
N THR A 66 5.28 -2.57 -7.83
CA THR A 66 6.15 -3.73 -7.74
C THR A 66 5.89 -4.52 -6.46
N PHE A 67 5.18 -3.89 -5.53
CA PHE A 67 4.85 -4.52 -4.25
C PHE A 67 3.75 -5.57 -4.43
N LEU A 68 3.02 -5.48 -5.54
CA LEU A 68 1.94 -6.41 -5.83
C LEU A 68 2.44 -7.85 -5.76
N PRO A 69 1.69 -8.75 -5.07
CA PRO A 69 2.07 -10.16 -4.94
C PRO A 69 2.20 -10.86 -6.29
N PRO A 70 3.44 -11.24 -6.68
CA PRO A 70 3.68 -11.92 -7.96
C PRO A 70 2.92 -13.25 -8.06
N GLY A 71 2.54 -13.79 -6.92
CA GLY A 71 1.82 -15.05 -6.90
C GLY A 71 1.86 -15.71 -5.52
N GLN A 1 7.98 -20.00 12.54
CA GLN A 1 8.42 -19.95 11.13
C GLN A 1 8.89 -18.54 10.75
N ARG A 2 8.28 -17.54 11.37
CA ARG A 2 8.63 -16.16 11.10
C ARG A 2 9.90 -15.75 11.84
N LEU A 3 10.86 -15.21 11.10
CA LEU A 3 12.12 -14.78 11.67
C LEU A 3 12.44 -13.34 11.30
N LYS A 4 12.75 -13.12 10.02
CA LYS A 4 13.09 -11.79 9.53
C LYS A 4 11.83 -11.02 9.15
N VAL A 5 11.65 -9.85 9.76
CA VAL A 5 10.50 -9.01 9.50
C VAL A 5 10.78 -8.02 8.38
N GLU A 6 11.86 -8.27 7.63
CA GLU A 6 12.24 -7.41 6.53
C GLU A 6 11.49 -7.78 5.26
N ASP A 7 11.89 -7.19 4.15
CA ASP A 7 11.25 -7.44 2.86
C ASP A 7 9.75 -7.19 2.94
N ALA A 8 9.31 -6.50 3.99
CA ALA A 8 7.90 -6.20 4.19
C ALA A 8 7.73 -4.82 4.82
N LEU A 9 8.53 -4.54 5.83
CA LEU A 9 8.48 -3.26 6.53
C LEU A 9 9.30 -2.21 5.80
N SER A 10 9.94 -2.61 4.71
CA SER A 10 10.76 -1.70 3.93
C SER A 10 9.91 -0.63 3.25
N TYR A 11 8.88 -1.06 2.53
CA TYR A 11 7.99 -0.13 1.84
C TYR A 11 7.06 0.57 2.81
N LEU A 12 6.48 -0.20 3.74
CA LEU A 12 5.56 0.33 4.73
C LEU A 12 6.19 1.48 5.51
N ASP A 13 7.39 1.25 6.03
CA ASP A 13 8.10 2.26 6.81
C ASP A 13 8.31 3.53 5.99
N GLN A 14 8.60 3.37 4.70
CA GLN A 14 8.82 4.51 3.82
C GLN A 14 7.54 5.34 3.68
N VAL A 15 6.41 4.66 3.54
CA VAL A 15 5.13 5.33 3.39
C VAL A 15 4.81 6.18 4.62
N LYS A 16 4.91 5.57 5.80
CA LYS A 16 4.63 6.27 7.05
C LYS A 16 5.65 7.39 7.28
N LEU A 17 6.86 7.19 6.78
CA LEU A 17 7.92 8.17 6.93
C LEU A 17 7.58 9.46 6.20
N GLN A 18 7.16 9.33 4.94
CA GLN A 18 6.79 10.49 4.14
C GLN A 18 5.66 11.27 4.79
N PHE A 19 4.66 10.56 5.29
CA PHE A 19 3.52 11.20 5.94
C PHE A 19 3.55 10.94 7.44
N GLY A 20 4.15 11.89 8.17
CA GLY A 20 4.23 11.76 9.61
C GLY A 20 3.24 12.64 10.34
N SER A 21 2.89 13.76 9.73
CA SER A 21 1.94 14.70 10.32
C SER A 21 0.51 14.29 10.01
N GLN A 22 0.36 13.33 9.11
CA GLN A 22 -0.96 12.84 8.71
C GLN A 22 -1.06 11.33 8.90
N PRO A 23 -1.45 10.89 10.11
CA PRO A 23 -1.60 9.46 10.42
C PRO A 23 -2.84 8.84 9.77
N GLN A 24 -3.61 9.67 9.08
CA GLN A 24 -4.82 9.20 8.42
C GLN A 24 -4.49 8.46 7.12
N VAL A 25 -3.40 8.86 6.49
CA VAL A 25 -2.96 8.24 5.23
C VAL A 25 -2.52 6.81 5.46
N TYR A 26 -1.70 6.59 6.49
CA TYR A 26 -1.20 5.26 6.81
C TYR A 26 -2.35 4.30 7.10
N ASN A 27 -3.27 4.73 7.96
CA ASN A 27 -4.42 3.90 8.32
C ASN A 27 -5.26 3.59 7.09
N ASP A 28 -5.49 4.61 6.26
CA ASP A 28 -6.26 4.45 5.04
C ASP A 28 -5.63 3.41 4.13
N PHE A 29 -4.30 3.41 4.09
CA PHE A 29 -3.56 2.46 3.26
C PHE A 29 -3.81 1.03 3.73
N LEU A 30 -3.65 0.82 5.04
CA LEU A 30 -3.86 -0.50 5.62
C LEU A 30 -5.30 -0.96 5.41
N ASP A 31 -6.22 0.01 5.34
CA ASP A 31 -7.63 -0.30 5.13
C ASP A 31 -7.86 -0.87 3.74
N ILE A 32 -7.44 -0.14 2.71
CA ILE A 32 -7.61 -0.58 1.33
C ILE A 32 -6.91 -1.93 1.13
N MET A 33 -5.80 -2.13 1.81
CA MET A 33 -5.04 -3.37 1.70
C MET A 33 -5.75 -4.52 2.41
N LYS A 34 -6.39 -4.22 3.53
CA LYS A 34 -7.11 -5.24 4.29
C LYS A 34 -8.35 -5.70 3.53
N GLU A 35 -8.95 -4.78 2.79
CA GLU A 35 -10.16 -5.10 2.01
C GLU A 35 -9.80 -5.94 0.79
N PHE A 36 -8.75 -5.52 0.07
CA PHE A 36 -8.31 -6.22 -1.13
C PHE A 36 -7.74 -7.59 -0.76
N LYS A 37 -7.18 -7.69 0.45
CA LYS A 37 -6.60 -8.94 0.91
C LYS A 37 -7.64 -10.06 0.96
N SER A 38 -8.82 -9.74 1.50
CA SER A 38 -9.90 -10.71 1.61
C SER A 38 -10.65 -10.81 0.29
N GLN A 39 -11.67 -9.97 0.12
CA GLN A 39 -12.48 -9.97 -1.10
C GLN A 39 -13.52 -8.85 -1.06
N SER A 40 -13.23 -7.75 -1.75
CA SER A 40 -14.14 -6.61 -1.79
C SER A 40 -13.90 -5.77 -3.06
N ILE A 41 -12.64 -5.45 -3.30
CA ILE A 41 -12.27 -4.66 -4.47
C ILE A 41 -11.41 -5.47 -5.44
N ASP A 42 -11.47 -5.11 -6.72
CA ASP A 42 -10.71 -5.81 -7.75
C ASP A 42 -9.29 -5.27 -7.82
N THR A 43 -8.50 -5.82 -8.75
CA THR A 43 -7.11 -5.40 -8.93
C THR A 43 -7.02 -3.92 -9.37
N PRO A 44 -7.76 -3.52 -10.44
CA PRO A 44 -7.73 -2.14 -10.92
C PRO A 44 -8.28 -1.16 -9.87
N GLY A 45 -9.13 -1.68 -8.98
CA GLY A 45 -9.70 -0.86 -7.94
C GLY A 45 -8.68 -0.47 -6.89
N VAL A 46 -7.97 -1.47 -6.35
CA VAL A 46 -6.96 -1.22 -5.33
C VAL A 46 -5.81 -0.39 -5.90
N ILE A 47 -5.47 -0.64 -7.16
CA ILE A 47 -4.39 0.09 -7.81
C ILE A 47 -4.74 1.57 -7.98
N SER A 48 -5.97 1.84 -8.40
CA SER A 48 -6.43 3.21 -8.61
C SER A 48 -6.53 3.95 -7.28
N ARG A 49 -7.02 3.27 -6.25
CA ARG A 49 -7.16 3.88 -4.93
C ARG A 49 -5.80 4.24 -4.33
N VAL A 50 -4.82 3.35 -4.49
CA VAL A 50 -3.49 3.60 -3.96
C VAL A 50 -2.82 4.77 -4.70
N SER A 51 -2.89 4.75 -6.02
CA SER A 51 -2.30 5.81 -6.82
C SER A 51 -2.93 7.16 -6.48
N GLN A 52 -4.22 7.14 -6.20
CA GLN A 52 -4.94 8.36 -5.85
C GLN A 52 -4.63 8.77 -4.42
N LEU A 53 -4.37 7.79 -3.57
CA LEU A 53 -4.05 8.04 -2.17
C LEU A 53 -2.70 8.73 -2.04
N PHE A 54 -1.84 8.52 -3.03
CA PHE A 54 -0.51 9.12 -3.03
C PHE A 54 -0.28 9.95 -4.29
N LYS A 55 -1.36 10.50 -4.84
CA LYS A 55 -1.29 11.32 -6.05
C LYS A 55 -0.29 12.46 -5.87
N GLY A 56 0.84 12.36 -6.55
CA GLY A 56 1.86 13.38 -6.47
C GLY A 56 3.24 12.80 -6.16
N HIS A 57 3.25 11.58 -5.62
CA HIS A 57 4.50 10.92 -5.28
C HIS A 57 4.70 9.66 -6.13
N PRO A 58 5.48 9.76 -7.23
CA PRO A 58 5.74 8.62 -8.12
C PRO A 58 6.68 7.60 -7.49
N ASP A 59 7.01 7.80 -6.22
CA ASP A 59 7.91 6.90 -5.51
C ASP A 59 7.15 5.69 -4.96
N LEU A 60 6.18 5.96 -4.10
CA LEU A 60 5.39 4.90 -3.49
C LEU A 60 4.56 4.15 -4.54
N ILE A 61 4.22 4.85 -5.61
CA ILE A 61 3.43 4.25 -6.69
C ILE A 61 4.21 3.14 -7.37
N MET A 62 5.38 3.47 -7.91
CA MET A 62 6.22 2.50 -8.59
C MET A 62 6.62 1.39 -7.63
N GLY A 63 6.86 1.75 -6.37
CA GLY A 63 7.26 0.77 -5.37
C GLY A 63 6.14 -0.23 -5.07
N PHE A 64 4.91 0.25 -5.12
CA PHE A 64 3.74 -0.61 -4.85
C PHE A 64 3.48 -1.54 -6.02
N ASN A 65 3.71 -1.04 -7.23
CA ASN A 65 3.50 -1.83 -8.45
C ASN A 65 4.34 -3.10 -8.43
N THR A 66 5.53 -3.01 -7.83
CA THR A 66 6.42 -4.16 -7.75
C THR A 66 6.09 -5.02 -6.54
N PHE A 67 5.67 -4.38 -5.46
CA PHE A 67 5.32 -5.09 -4.23
C PHE A 67 4.07 -5.93 -4.42
N LEU A 68 3.23 -5.53 -5.38
CA LEU A 68 2.00 -6.26 -5.65
C LEU A 68 2.27 -7.71 -6.02
N PRO A 69 1.56 -8.66 -5.40
CA PRO A 69 1.73 -10.09 -5.67
C PRO A 69 1.33 -10.47 -7.09
N PRO A 70 1.80 -11.62 -7.59
CA PRO A 70 1.47 -12.09 -8.94
C PRO A 70 0.04 -12.60 -9.04
N GLY A 71 -0.55 -12.92 -7.90
CA GLY A 71 -1.91 -13.42 -7.86
C GLY A 71 -1.96 -14.93 -7.71
N GLN A 1 -3.12 -15.68 16.22
CA GLN A 1 -1.76 -15.24 16.60
C GLN A 1 -1.02 -14.60 15.43
N ARG A 2 0.03 -13.86 15.73
CA ARG A 2 0.82 -13.19 14.70
C ARG A 2 2.31 -13.40 14.95
N LEU A 3 3.05 -13.68 13.87
CA LEU A 3 4.48 -13.90 13.98
C LEU A 3 5.23 -13.25 12.81
N LYS A 4 4.47 -12.74 11.84
CA LYS A 4 5.06 -12.10 10.66
C LYS A 4 5.55 -10.70 11.00
N VAL A 5 6.78 -10.39 10.58
CA VAL A 5 7.36 -9.08 10.84
C VAL A 5 8.55 -8.82 9.90
N GLU A 6 8.56 -9.50 8.75
CA GLU A 6 9.62 -9.34 7.78
C GLU A 6 9.07 -9.36 6.36
N ASP A 7 9.81 -8.76 5.44
CA ASP A 7 9.41 -8.69 4.04
C ASP A 7 8.09 -7.95 3.88
N ALA A 8 7.71 -7.18 4.89
CA ALA A 8 6.48 -6.42 4.86
C ALA A 8 6.65 -5.05 5.50
N LEU A 9 7.50 -4.99 6.52
CA LEU A 9 7.77 -3.73 7.22
C LEU A 9 8.78 -2.88 6.47
N SER A 10 9.09 -3.30 5.25
CA SER A 10 10.05 -2.58 4.42
C SER A 10 9.38 -1.41 3.70
N TYR A 11 8.38 -1.73 2.90
CA TYR A 11 7.65 -0.70 2.15
C TYR A 11 6.73 0.09 3.05
N LEU A 12 6.02 -0.60 3.94
CA LEU A 12 5.09 0.06 4.86
C LEU A 12 5.79 1.17 5.64
N ASP A 13 6.97 0.87 6.17
CA ASP A 13 7.74 1.85 6.93
C ASP A 13 8.02 3.08 6.08
N GLN A 14 8.30 2.85 4.80
CA GLN A 14 8.59 3.95 3.88
C GLN A 14 7.38 4.86 3.74
N VAL A 15 6.22 4.26 3.50
CA VAL A 15 4.98 5.01 3.34
C VAL A 15 4.75 5.91 4.54
N LYS A 16 4.92 5.36 5.74
CA LYS A 16 4.72 6.13 6.97
C LYS A 16 5.86 7.13 7.17
N LEU A 17 7.01 6.85 6.55
CA LEU A 17 8.17 7.73 6.66
C LEU A 17 7.97 9.03 5.89
N GLN A 18 7.60 8.92 4.62
CA GLN A 18 7.38 10.10 3.77
C GLN A 18 6.41 11.09 4.43
N PHE A 19 5.27 10.58 4.87
CA PHE A 19 4.26 11.42 5.51
C PHE A 19 4.55 11.57 7.00
N GLY A 20 4.05 10.64 7.80
CA GLY A 20 4.27 10.70 9.24
C GLY A 20 3.32 11.65 9.93
N SER A 21 3.34 12.91 9.53
CA SER A 21 2.47 13.93 10.13
C SER A 21 1.01 13.59 9.91
N GLN A 22 0.70 13.00 8.76
CA GLN A 22 -0.68 12.63 8.44
C GLN A 22 -0.91 11.13 8.66
N PRO A 23 -1.49 10.75 9.82
CA PRO A 23 -1.76 9.34 10.12
C PRO A 23 -2.94 8.80 9.34
N GLN A 24 -3.72 9.69 8.75
CA GLN A 24 -4.89 9.31 7.96
C GLN A 24 -4.47 8.64 6.66
N VAL A 25 -3.32 9.05 6.13
CA VAL A 25 -2.82 8.50 4.88
C VAL A 25 -2.35 7.07 5.07
N TYR A 26 -1.52 6.84 6.09
CA TYR A 26 -1.00 5.51 6.39
C TYR A 26 -2.14 4.56 6.74
N ASN A 27 -3.03 5.02 7.60
CA ASN A 27 -4.18 4.21 8.02
C ASN A 27 -5.04 3.82 6.83
N ASP A 28 -5.37 4.81 6.00
CA ASP A 28 -6.19 4.57 4.82
C ASP A 28 -5.57 3.51 3.93
N PHE A 29 -4.27 3.65 3.68
CA PHE A 29 -3.54 2.70 2.84
C PHE A 29 -3.70 1.28 3.36
N LEU A 30 -3.49 1.11 4.67
CA LEU A 30 -3.61 -0.19 5.29
C LEU A 30 -5.00 -0.79 5.06
N ASP A 31 -6.03 0.04 5.24
CA ASP A 31 -7.40 -0.39 5.05
C ASP A 31 -7.62 -0.90 3.62
N ILE A 32 -7.11 -0.14 2.65
CA ILE A 32 -7.25 -0.51 1.25
C ILE A 32 -6.64 -1.89 0.98
N MET A 33 -5.45 -2.11 1.53
CA MET A 33 -4.76 -3.39 1.35
C MET A 33 -5.56 -4.53 1.96
N LYS A 34 -6.17 -4.28 3.12
CA LYS A 34 -6.96 -5.29 3.81
C LYS A 34 -8.15 -5.72 2.96
N GLU A 35 -8.83 -4.75 2.37
CA GLU A 35 -9.98 -5.04 1.52
C GLU A 35 -9.52 -5.73 0.24
N PHE A 36 -8.30 -5.41 -0.18
CA PHE A 36 -7.72 -6.00 -1.38
C PHE A 36 -7.43 -7.48 -1.16
N LYS A 37 -7.07 -7.83 0.07
CA LYS A 37 -6.78 -9.22 0.40
C LYS A 37 -7.94 -10.11 -0.01
N SER A 38 -9.13 -9.78 0.51
CA SER A 38 -10.35 -10.53 0.20
C SER A 38 -11.54 -9.89 0.91
N GLN A 39 -12.18 -8.92 0.27
CA GLN A 39 -13.32 -8.24 0.86
C GLN A 39 -14.31 -7.76 -0.20
N SER A 40 -14.04 -6.60 -0.80
CA SER A 40 -14.95 -6.04 -1.80
C SER A 40 -14.18 -5.49 -3.00
N ILE A 41 -12.86 -5.49 -2.93
CA ILE A 41 -12.05 -4.98 -4.04
C ILE A 41 -11.09 -6.03 -4.57
N ASP A 42 -10.53 -5.76 -5.75
CA ASP A 42 -9.60 -6.68 -6.39
C ASP A 42 -8.32 -5.96 -6.80
N THR A 43 -7.58 -6.54 -7.74
CA THR A 43 -6.33 -5.95 -8.22
C THR A 43 -6.53 -4.53 -8.75
N PRO A 44 -7.52 -4.30 -9.65
CA PRO A 44 -7.77 -2.96 -10.20
C PRO A 44 -8.23 -1.99 -9.12
N GLY A 45 -8.95 -2.51 -8.13
CA GLY A 45 -9.44 -1.67 -7.06
C GLY A 45 -8.33 -1.08 -6.21
N VAL A 46 -7.36 -1.91 -5.84
CA VAL A 46 -6.25 -1.46 -5.01
C VAL A 46 -5.29 -0.57 -5.80
N ILE A 47 -5.05 -0.93 -7.06
CA ILE A 47 -4.15 -0.15 -7.91
C ILE A 47 -4.70 1.25 -8.15
N SER A 48 -6.02 1.36 -8.30
CA SER A 48 -6.65 2.64 -8.54
C SER A 48 -6.67 3.50 -7.27
N ARG A 49 -7.07 2.89 -6.16
CA ARG A 49 -7.13 3.61 -4.88
C ARG A 49 -5.76 4.10 -4.44
N VAL A 50 -4.74 3.26 -4.60
CA VAL A 50 -3.38 3.63 -4.22
C VAL A 50 -2.81 4.69 -5.14
N SER A 51 -2.93 4.47 -6.44
CA SER A 51 -2.41 5.40 -7.44
C SER A 51 -3.00 6.80 -7.23
N GLN A 52 -4.27 6.84 -6.85
CA GLN A 52 -4.97 8.10 -6.62
C GLN A 52 -4.63 8.66 -5.24
N LEU A 53 -4.35 7.77 -4.29
CA LEU A 53 -4.03 8.17 -2.92
C LEU A 53 -2.79 9.04 -2.90
N PHE A 54 -1.72 8.57 -3.55
CA PHE A 54 -0.47 9.31 -3.60
C PHE A 54 -0.39 10.15 -4.87
N LYS A 55 -1.32 11.09 -5.02
CA LYS A 55 -1.36 11.95 -6.19
C LYS A 55 -0.23 12.98 -6.15
N GLY A 56 0.29 13.22 -4.95
CA GLY A 56 1.37 14.18 -4.79
C GLY A 56 2.73 13.52 -4.66
N HIS A 57 2.73 12.20 -4.49
CA HIS A 57 3.96 11.45 -4.35
C HIS A 57 4.02 10.29 -5.35
N PRO A 58 4.61 10.52 -6.54
CA PRO A 58 4.72 9.50 -7.58
C PRO A 58 5.73 8.42 -7.24
N ASP A 59 6.41 8.59 -6.10
CA ASP A 59 7.41 7.63 -5.66
C ASP A 59 6.76 6.37 -5.09
N LEU A 60 5.81 6.57 -4.19
CA LEU A 60 5.10 5.45 -3.57
C LEU A 60 4.35 4.63 -4.62
N ILE A 61 3.83 5.30 -5.63
CA ILE A 61 3.10 4.62 -6.69
C ILE A 61 3.96 3.55 -7.36
N MET A 62 5.18 3.93 -7.73
CA MET A 62 6.10 3.00 -8.38
C MET A 62 6.56 1.93 -7.39
N GLY A 63 6.74 2.31 -6.13
CA GLY A 63 7.18 1.37 -5.12
C GLY A 63 6.15 0.29 -4.86
N PHE A 64 4.88 0.64 -4.89
CA PHE A 64 3.80 -0.31 -4.66
C PHE A 64 3.53 -1.14 -5.90
N ASN A 65 3.72 -0.53 -7.07
CA ASN A 65 3.50 -1.21 -8.34
C ASN A 65 4.40 -2.44 -8.46
N THR A 66 5.52 -2.42 -7.72
CA THR A 66 6.46 -3.54 -7.74
C THR A 66 6.31 -4.40 -6.50
N PHE A 67 5.58 -3.90 -5.50
CA PHE A 67 5.36 -4.64 -4.27
C PHE A 67 4.25 -5.67 -4.45
N LEU A 68 3.46 -5.53 -5.50
CA LEU A 68 2.37 -6.45 -5.79
C LEU A 68 2.89 -7.89 -5.91
N PRO A 69 2.05 -8.88 -5.58
CA PRO A 69 2.44 -10.29 -5.65
C PRO A 69 2.56 -10.80 -7.09
N PRO A 70 3.32 -11.88 -7.31
CA PRO A 70 3.52 -12.45 -8.66
C PRO A 70 2.22 -12.99 -9.24
N GLY A 71 1.21 -13.15 -8.40
CA GLY A 71 -0.07 -13.67 -8.85
C GLY A 71 -0.69 -14.64 -7.87
N GLN A 1 15.79 -13.90 1.90
CA GLN A 1 14.85 -14.21 0.80
C GLN A 1 14.03 -12.98 0.42
N ARG A 2 13.96 -12.69 -0.87
CA ARG A 2 13.21 -11.54 -1.36
C ARG A 2 11.73 -11.86 -1.50
N LEU A 3 10.88 -10.89 -1.16
CA LEU A 3 9.44 -11.05 -1.25
C LEU A 3 8.95 -12.16 -0.33
N LYS A 4 8.31 -11.78 0.77
CA LYS A 4 7.79 -12.75 1.73
C LYS A 4 6.90 -12.06 2.77
N VAL A 5 5.99 -12.84 3.35
CA VAL A 5 5.08 -12.31 4.37
C VAL A 5 5.87 -11.73 5.54
N GLU A 6 7.00 -12.35 5.85
CA GLU A 6 7.84 -11.90 6.96
C GLU A 6 8.39 -10.50 6.67
N ASP A 7 8.65 -10.22 5.41
CA ASP A 7 9.19 -8.92 5.00
C ASP A 7 8.07 -7.97 4.60
N ALA A 8 7.79 -6.99 5.47
CA ALA A 8 6.74 -6.02 5.22
C ALA A 8 7.06 -4.67 5.87
N LEU A 9 8.05 -4.68 6.76
CA LEU A 9 8.47 -3.46 7.45
C LEU A 9 9.46 -2.67 6.62
N SER A 10 9.48 -2.94 5.31
CA SER A 10 10.38 -2.26 4.40
C SER A 10 9.65 -1.16 3.65
N TYR A 11 8.62 -1.53 2.90
CA TYR A 11 7.84 -0.57 2.13
C TYR A 11 6.94 0.26 3.04
N LEU A 12 6.18 -0.42 3.90
CA LEU A 12 5.28 0.25 4.82
C LEU A 12 6.01 1.33 5.61
N ASP A 13 7.26 1.03 5.97
CA ASP A 13 8.08 1.97 6.73
C ASP A 13 8.31 3.24 5.92
N GLN A 14 8.57 3.08 4.63
CA GLN A 14 8.80 4.22 3.75
C GLN A 14 7.55 5.07 3.63
N VAL A 15 6.39 4.42 3.57
CA VAL A 15 5.12 5.11 3.48
C VAL A 15 4.92 6.02 4.68
N LYS A 16 5.16 5.47 5.87
CA LYS A 16 5.02 6.22 7.11
C LYS A 16 6.13 7.26 7.24
N LEU A 17 7.26 7.01 6.56
CA LEU A 17 8.40 7.91 6.61
C LEU A 17 8.07 9.25 5.95
N GLN A 18 7.61 9.19 4.70
CA GLN A 18 7.26 10.41 3.96
C GLN A 18 5.97 11.03 4.50
N PHE A 19 5.09 10.19 5.05
CA PHE A 19 3.82 10.65 5.59
C PHE A 19 3.77 10.45 7.10
N GLY A 20 4.04 11.52 7.85
CA GLY A 20 4.02 11.45 9.29
C GLY A 20 2.99 12.38 9.91
N SER A 21 2.98 13.63 9.44
CA SER A 21 2.05 14.62 9.93
C SER A 21 0.61 14.25 9.59
N GLN A 22 0.45 13.44 8.55
CA GLN A 22 -0.87 12.99 8.12
C GLN A 22 -1.02 11.49 8.33
N PRO A 23 -1.49 11.07 9.51
CA PRO A 23 -1.67 9.65 9.83
C PRO A 23 -2.86 9.04 9.08
N GLN A 24 -3.75 9.90 8.59
CA GLN A 24 -4.92 9.45 7.86
C GLN A 24 -4.52 8.68 6.60
N VAL A 25 -3.36 9.04 6.05
CA VAL A 25 -2.87 8.39 4.84
C VAL A 25 -2.40 6.97 5.13
N TYR A 26 -1.76 6.79 6.28
CA TYR A 26 -1.25 5.47 6.69
C TYR A 26 -2.40 4.52 7.00
N ASN A 27 -3.34 4.97 7.83
CA ASN A 27 -4.48 4.16 8.21
C ASN A 27 -5.34 3.81 6.99
N ASP A 28 -5.56 4.79 6.12
CA ASP A 28 -6.37 4.58 4.93
C ASP A 28 -5.69 3.59 3.99
N PHE A 29 -4.38 3.69 3.87
CA PHE A 29 -3.62 2.78 3.01
C PHE A 29 -3.79 1.34 3.44
N LEU A 30 -3.57 1.08 4.73
CA LEU A 30 -3.70 -0.26 5.28
C LEU A 30 -5.13 -0.78 5.12
N ASP A 31 -6.09 0.11 5.31
CA ASP A 31 -7.50 -0.26 5.19
C ASP A 31 -7.79 -0.83 3.81
N ILE A 32 -7.48 -0.04 2.77
CA ILE A 32 -7.71 -0.47 1.39
C ILE A 32 -7.00 -1.78 1.12
N MET A 33 -5.77 -1.91 1.61
CA MET A 33 -4.99 -3.12 1.40
C MET A 33 -5.69 -4.31 2.03
N LYS A 34 -6.34 -4.09 3.17
CA LYS A 34 -7.07 -5.14 3.86
C LYS A 34 -8.24 -5.63 3.01
N GLU A 35 -8.98 -4.68 2.44
CA GLU A 35 -10.12 -5.02 1.59
C GLU A 35 -9.65 -5.86 0.41
N PHE A 36 -8.50 -5.51 -0.15
CA PHE A 36 -7.94 -6.25 -1.28
C PHE A 36 -7.62 -7.68 -0.88
N LYS A 37 -7.02 -7.84 0.29
CA LYS A 37 -6.67 -9.16 0.80
C LYS A 37 -7.91 -9.90 1.28
N SER A 38 -9.02 -9.17 1.39
CA SER A 38 -10.28 -9.75 1.85
C SER A 38 -11.14 -10.16 0.66
N GLN A 39 -10.55 -10.13 -0.52
CA GLN A 39 -11.27 -10.49 -1.75
C GLN A 39 -12.49 -9.61 -1.96
N SER A 40 -12.52 -8.47 -1.27
CA SER A 40 -13.62 -7.53 -1.39
C SER A 40 -13.55 -6.78 -2.71
N ILE A 41 -12.41 -6.15 -2.96
CA ILE A 41 -12.20 -5.40 -4.19
C ILE A 41 -11.38 -6.21 -5.20
N ASP A 42 -11.00 -5.55 -6.29
CA ASP A 42 -10.21 -6.20 -7.34
C ASP A 42 -8.83 -5.58 -7.44
N THR A 43 -8.04 -6.04 -8.40
CA THR A 43 -6.69 -5.52 -8.61
C THR A 43 -6.72 -4.05 -9.06
N PRO A 44 -7.49 -3.71 -10.11
CA PRO A 44 -7.58 -2.34 -10.61
C PRO A 44 -8.11 -1.39 -9.54
N GLY A 45 -8.92 -1.92 -8.65
CA GLY A 45 -9.49 -1.11 -7.58
C GLY A 45 -8.45 -0.64 -6.58
N VAL A 46 -7.67 -1.57 -6.05
CA VAL A 46 -6.64 -1.23 -5.08
C VAL A 46 -5.56 -0.35 -5.70
N ILE A 47 -5.21 -0.62 -6.95
CA ILE A 47 -4.18 0.16 -7.64
C ILE A 47 -4.64 1.60 -7.87
N SER A 48 -5.91 1.76 -8.23
CA SER A 48 -6.46 3.08 -8.49
C SER A 48 -6.62 3.88 -7.19
N ARG A 49 -7.08 3.21 -6.14
CA ARG A 49 -7.28 3.86 -4.85
C ARG A 49 -5.95 4.33 -4.26
N VAL A 50 -4.95 3.46 -4.30
CA VAL A 50 -3.63 3.79 -3.76
C VAL A 50 -2.97 4.91 -4.55
N SER A 51 -3.04 4.82 -5.88
CA SER A 51 -2.46 5.83 -6.75
C SER A 51 -3.12 7.19 -6.52
N GLN A 52 -4.41 7.18 -6.27
CA GLN A 52 -5.17 8.41 -6.04
C GLN A 52 -4.99 8.89 -4.60
N LEU A 53 -4.71 7.94 -3.70
CA LEU A 53 -4.52 8.27 -2.29
C LEU A 53 -3.35 9.22 -2.10
N PHE A 54 -2.16 8.78 -2.47
CA PHE A 54 -0.95 9.60 -2.34
C PHE A 54 -1.03 10.83 -3.24
N LYS A 55 -0.87 10.61 -4.54
CA LYS A 55 -0.91 11.70 -5.52
C LYS A 55 0.08 12.80 -5.16
N GLY A 56 1.28 12.72 -5.74
CA GLY A 56 2.30 13.71 -5.48
C GLY A 56 3.67 13.08 -5.27
N HIS A 57 3.68 11.76 -5.10
CA HIS A 57 4.94 11.03 -4.89
C HIS A 57 4.99 9.78 -5.78
N PRO A 58 5.52 9.92 -7.01
CA PRO A 58 5.64 8.80 -7.95
C PRO A 58 6.44 7.63 -7.37
N ASP A 59 7.19 7.91 -6.31
CA ASP A 59 8.00 6.87 -5.67
C ASP A 59 7.13 5.79 -5.05
N LEU A 60 6.21 6.20 -4.18
CA LEU A 60 5.30 5.27 -3.52
C LEU A 60 4.47 4.49 -4.53
N ILE A 61 4.07 5.15 -5.61
CA ILE A 61 3.26 4.53 -6.65
C ILE A 61 4.03 3.40 -7.33
N MET A 62 5.24 3.71 -7.78
CA MET A 62 6.09 2.73 -8.46
C MET A 62 6.47 1.59 -7.51
N GLY A 63 6.52 1.91 -6.22
CA GLY A 63 6.87 0.90 -5.22
C GLY A 63 5.75 -0.07 -4.95
N PHE A 64 4.52 0.43 -4.95
CA PHE A 64 3.35 -0.40 -4.70
C PHE A 64 2.97 -1.19 -5.95
N ASN A 65 3.33 -0.66 -7.12
CA ASN A 65 3.03 -1.32 -8.39
C ASN A 65 3.75 -2.67 -8.47
N THR A 66 4.96 -2.73 -7.91
CA THR A 66 5.74 -3.96 -7.94
C THR A 66 5.43 -4.84 -6.73
N PHE A 67 4.74 -4.27 -5.75
CA PHE A 67 4.38 -5.00 -4.54
C PHE A 67 3.35 -6.09 -4.86
N LEU A 68 2.61 -5.89 -5.95
CA LEU A 68 1.60 -6.85 -6.36
C LEU A 68 2.21 -8.22 -6.66
N PRO A 69 1.78 -9.27 -5.94
CA PRO A 69 2.31 -10.64 -6.15
C PRO A 69 1.77 -11.27 -7.43
N PRO A 70 2.46 -12.31 -7.95
CA PRO A 70 2.03 -13.00 -9.17
C PRO A 70 0.65 -13.64 -9.01
N GLY A 71 0.26 -13.90 -7.77
CA GLY A 71 -1.03 -14.51 -7.51
C GLY A 71 -0.91 -15.97 -7.12
N GLN A 1 3.00 -20.62 5.01
CA GLN A 1 3.93 -20.59 3.85
C GLN A 1 5.38 -20.59 4.32
N ARG A 2 6.31 -20.60 3.37
CA ARG A 2 7.73 -20.60 3.68
C ARG A 2 8.23 -19.20 3.98
N LEU A 3 7.32 -18.23 3.92
CA LEU A 3 7.68 -16.84 4.17
C LEU A 3 6.46 -16.03 4.62
N LYS A 4 6.59 -15.36 5.76
CA LYS A 4 5.51 -14.56 6.30
C LYS A 4 6.05 -13.51 7.28
N VAL A 5 5.70 -12.25 7.03
CA VAL A 5 6.14 -11.15 7.88
C VAL A 5 7.67 -11.06 7.93
N GLU A 6 8.24 -10.37 6.94
CA GLU A 6 9.68 -10.20 6.86
C GLU A 6 10.04 -9.03 5.95
N ASP A 7 9.51 -9.07 4.73
CA ASP A 7 9.76 -8.00 3.76
C ASP A 7 8.50 -7.18 3.51
N ALA A 8 7.49 -7.39 4.34
CA ALA A 8 6.23 -6.67 4.19
C ALA A 8 6.30 -5.30 4.85
N LEU A 9 7.24 -5.13 5.78
CA LEU A 9 7.40 -3.86 6.47
C LEU A 9 8.41 -2.97 5.77
N SER A 10 8.95 -3.44 4.64
CA SER A 10 9.92 -2.67 3.89
C SER A 10 9.24 -1.47 3.23
N TYR A 11 8.17 -1.73 2.50
CA TYR A 11 7.43 -0.67 1.82
C TYR A 11 6.59 0.14 2.81
N LEU A 12 5.99 -0.55 3.78
CA LEU A 12 5.16 0.10 4.78
C LEU A 12 5.97 1.17 5.52
N ASP A 13 7.20 0.84 5.86
CA ASP A 13 8.08 1.77 6.56
C ASP A 13 8.30 3.03 5.73
N GLN A 14 8.42 2.83 4.42
CA GLN A 14 8.61 3.94 3.48
C GLN A 14 7.41 4.88 3.49
N VAL A 15 6.22 4.30 3.44
CA VAL A 15 4.99 5.09 3.44
C VAL A 15 4.91 5.96 4.69
N LYS A 16 5.15 5.34 5.85
CA LYS A 16 5.10 6.06 7.11
C LYS A 16 6.26 7.05 7.23
N LEU A 17 7.34 6.77 6.49
CA LEU A 17 8.51 7.63 6.50
C LEU A 17 8.23 8.96 5.83
N GLN A 18 7.69 8.92 4.61
CA GLN A 18 7.37 10.13 3.86
C GLN A 18 6.17 10.84 4.48
N PHE A 19 5.32 10.08 5.15
CA PHE A 19 4.13 10.64 5.78
C PHE A 19 4.09 10.32 7.28
N GLY A 20 4.45 11.31 8.09
CA GLY A 20 4.46 11.11 9.53
C GLY A 20 3.54 12.07 10.25
N SER A 21 3.17 13.15 9.59
CA SER A 21 2.27 14.14 10.18
C SER A 21 0.84 13.91 9.73
N GLN A 22 0.66 13.02 8.76
CA GLN A 22 -0.67 12.70 8.24
C GLN A 22 -1.04 11.25 8.56
N PRO A 23 -1.65 11.01 9.74
CA PRO A 23 -2.06 9.66 10.15
C PRO A 23 -3.27 9.17 9.37
N GLN A 24 -3.91 10.08 8.64
CA GLN A 24 -5.08 9.75 7.85
C GLN A 24 -4.69 8.94 6.61
N VAL A 25 -3.48 9.18 6.12
CA VAL A 25 -2.98 8.49 4.94
C VAL A 25 -2.60 7.05 5.27
N TYR A 26 -1.90 6.87 6.39
CA TYR A 26 -1.47 5.55 6.83
C TYR A 26 -2.67 4.68 7.19
N ASN A 27 -3.59 5.24 7.97
CA ASN A 27 -4.78 4.51 8.37
C ASN A 27 -5.60 4.09 7.16
N ASP A 28 -5.93 5.06 6.31
CA ASP A 28 -6.70 4.79 5.09
C ASP A 28 -6.02 3.72 4.26
N PHE A 29 -4.69 3.76 4.22
CA PHE A 29 -3.91 2.79 3.45
C PHE A 29 -4.11 1.40 4.01
N LEU A 30 -4.15 1.30 5.34
CA LEU A 30 -4.34 0.01 6.00
C LEU A 30 -5.71 -0.57 5.68
N ASP A 31 -6.72 0.29 5.64
CA ASP A 31 -8.08 -0.14 5.33
C ASP A 31 -8.16 -0.73 3.93
N ILE A 32 -7.71 0.05 2.95
CA ILE A 32 -7.74 -0.39 1.56
C ILE A 32 -6.99 -1.71 1.37
N MET A 33 -5.82 -1.80 1.98
CA MET A 33 -5.00 -3.01 1.88
C MET A 33 -5.68 -4.20 2.54
N LYS A 34 -6.35 -3.97 3.66
CA LYS A 34 -7.04 -5.04 4.37
C LYS A 34 -8.21 -5.56 3.55
N GLU A 35 -8.84 -4.67 2.79
CA GLU A 35 -9.97 -5.05 1.95
C GLU A 35 -9.51 -5.93 0.79
N PHE A 36 -8.44 -5.51 0.13
CA PHE A 36 -7.90 -6.27 -1.00
C PHE A 36 -7.36 -7.62 -0.53
N LYS A 37 -6.84 -7.66 0.69
CA LYS A 37 -6.30 -8.89 1.25
C LYS A 37 -7.42 -9.85 1.63
N SER A 38 -8.56 -9.29 2.03
CA SER A 38 -9.71 -10.10 2.42
C SER A 38 -10.58 -10.44 1.21
N GLN A 39 -10.05 -10.17 0.02
CA GLN A 39 -10.76 -10.45 -1.22
C GLN A 39 -12.09 -9.69 -1.27
N SER A 40 -12.07 -8.53 -1.92
CA SER A 40 -13.27 -7.71 -2.04
C SER A 40 -13.21 -6.84 -3.30
N ILE A 41 -12.03 -6.28 -3.57
CA ILE A 41 -11.84 -5.44 -4.73
C ILE A 41 -10.83 -6.06 -5.70
N ASP A 42 -10.98 -5.72 -6.98
CA ASP A 42 -10.09 -6.25 -8.02
C ASP A 42 -8.73 -5.57 -7.96
N THR A 43 -7.82 -5.97 -8.86
CA THR A 43 -6.49 -5.39 -8.91
C THR A 43 -6.52 -3.91 -9.32
N PRO A 44 -7.22 -3.56 -10.42
CA PRO A 44 -7.30 -2.17 -10.87
C PRO A 44 -7.86 -1.25 -9.80
N GLY A 45 -8.75 -1.79 -8.97
CA GLY A 45 -9.36 -1.00 -7.92
C GLY A 45 -8.37 -0.57 -6.86
N VAL A 46 -7.63 -1.52 -6.29
CA VAL A 46 -6.65 -1.21 -5.26
C VAL A 46 -5.54 -0.31 -5.81
N ILE A 47 -5.13 -0.56 -7.06
CA ILE A 47 -4.08 0.25 -7.67
C ILE A 47 -4.54 1.69 -7.88
N SER A 48 -5.82 1.85 -8.22
CA SER A 48 -6.38 3.18 -8.44
C SER A 48 -6.45 3.98 -7.15
N ARG A 49 -7.02 3.36 -6.12
CA ARG A 49 -7.16 4.01 -4.82
C ARG A 49 -5.79 4.45 -4.29
N VAL A 50 -4.82 3.56 -4.34
CA VAL A 50 -3.47 3.86 -3.86
C VAL A 50 -2.81 4.92 -4.73
N SER A 51 -3.10 4.89 -6.03
CA SER A 51 -2.52 5.85 -6.96
C SER A 51 -2.91 7.27 -6.60
N GLN A 52 -4.19 7.47 -6.32
CA GLN A 52 -4.71 8.80 -5.97
C GLN A 52 -4.39 9.13 -4.51
N LEU A 53 -4.29 8.09 -3.68
CA LEU A 53 -4.00 8.26 -2.27
C LEU A 53 -2.63 8.90 -2.06
N PHE A 54 -1.72 8.64 -3.00
CA PHE A 54 -0.37 9.18 -2.93
C PHE A 54 -0.08 10.08 -4.13
N LYS A 55 -1.11 10.78 -4.59
CA LYS A 55 -0.98 11.68 -5.74
C LYS A 55 0.16 12.65 -5.53
N GLY A 56 0.88 12.95 -6.61
CA GLY A 56 2.01 13.87 -6.53
C GLY A 56 3.32 13.16 -6.25
N HIS A 57 3.23 12.00 -5.60
CA HIS A 57 4.41 11.22 -5.26
C HIS A 57 4.45 9.92 -6.07
N PRO A 58 5.12 9.94 -7.25
CA PRO A 58 5.23 8.75 -8.11
C PRO A 58 6.11 7.67 -7.49
N ASP A 59 6.78 8.01 -6.38
CA ASP A 59 7.64 7.07 -5.69
C ASP A 59 6.83 5.94 -5.05
N LEU A 60 5.91 6.32 -4.17
CA LEU A 60 5.06 5.35 -3.49
C LEU A 60 4.25 4.54 -4.50
N ILE A 61 3.78 5.20 -5.54
CA ILE A 61 2.98 4.55 -6.57
C ILE A 61 3.77 3.42 -7.24
N MET A 62 4.94 3.77 -7.77
CA MET A 62 5.79 2.79 -8.44
C MET A 62 6.24 1.70 -7.46
N GLY A 63 6.31 2.05 -6.19
CA GLY A 63 6.73 1.10 -5.18
C GLY A 63 5.67 0.05 -4.91
N PHE A 64 4.40 0.46 -4.94
CA PHE A 64 3.29 -0.45 -4.69
C PHE A 64 3.02 -1.33 -5.92
N ASN A 65 3.22 -0.76 -7.10
CA ASN A 65 3.01 -1.50 -8.35
C ASN A 65 3.87 -2.76 -8.39
N THR A 66 5.05 -2.68 -7.80
CA THR A 66 5.96 -3.81 -7.76
C THR A 66 5.81 -4.59 -6.46
N PHE A 67 5.16 -3.99 -5.47
CA PHE A 67 4.94 -4.62 -4.18
C PHE A 67 3.91 -5.73 -4.29
N LEU A 68 3.08 -5.67 -5.33
CA LEU A 68 2.06 -6.68 -5.55
C LEU A 68 2.68 -8.06 -5.76
N PRO A 69 1.98 -9.13 -5.34
CA PRO A 69 2.49 -10.50 -5.49
C PRO A 69 2.73 -10.86 -6.95
N PRO A 70 3.72 -11.72 -7.24
CA PRO A 70 4.04 -12.15 -8.60
C PRO A 70 3.05 -13.19 -9.13
N GLY A 71 3.16 -13.50 -10.41
CA GLY A 71 2.27 -14.47 -11.02
C GLY A 71 0.84 -14.00 -11.08
N GLN A 1 1.63 -19.74 7.58
CA GLN A 1 2.46 -19.89 8.83
C GLN A 1 1.96 -18.96 9.92
N ARG A 2 0.80 -18.35 9.68
CA ARG A 2 0.20 -17.43 10.65
C ARG A 2 1.13 -16.24 10.92
N LEU A 3 0.89 -15.14 10.22
CA LEU A 3 1.69 -13.92 10.36
C LEU A 3 3.14 -14.15 9.94
N LYS A 4 3.63 -13.31 9.04
CA LYS A 4 5.00 -13.41 8.55
C LYS A 4 5.57 -12.04 8.22
N VAL A 5 6.90 -11.96 8.08
CA VAL A 5 7.57 -10.71 7.76
C VAL A 5 8.55 -10.90 6.61
N GLU A 6 8.16 -10.43 5.43
CA GLU A 6 9.00 -10.55 4.24
C GLU A 6 8.62 -9.51 3.20
N ASP A 7 9.52 -8.55 2.96
CA ASP A 7 9.28 -7.49 1.99
C ASP A 7 8.03 -6.70 2.35
N ALA A 8 7.61 -6.79 3.61
CA ALA A 8 6.41 -6.07 4.07
C ALA A 8 6.81 -4.84 4.89
N LEU A 9 7.87 -4.97 5.66
CA LEU A 9 8.35 -3.87 6.49
C LEU A 9 9.27 -2.95 5.68
N SER A 10 9.28 -3.15 4.37
CA SER A 10 10.12 -2.35 3.48
C SER A 10 9.33 -1.17 2.90
N TYR A 11 8.34 -1.48 2.07
CA TYR A 11 7.51 -0.44 1.46
C TYR A 11 6.70 0.30 2.50
N LEU A 12 5.98 -0.45 3.34
CA LEU A 12 5.15 0.15 4.38
C LEU A 12 5.94 1.15 5.20
N ASP A 13 7.16 0.80 5.55
CA ASP A 13 8.02 1.68 6.34
C ASP A 13 8.27 2.99 5.60
N GLN A 14 8.43 2.90 4.29
CA GLN A 14 8.67 4.08 3.46
C GLN A 14 7.45 4.98 3.43
N VAL A 15 6.27 4.37 3.39
CA VAL A 15 5.02 5.11 3.37
C VAL A 15 4.87 5.95 4.64
N LYS A 16 5.09 5.30 5.78
CA LYS A 16 5.00 5.96 7.08
C LYS A 16 6.15 6.94 7.26
N LEU A 17 7.26 6.67 6.56
CA LEU A 17 8.44 7.51 6.64
C LEU A 17 8.17 8.89 6.03
N GLN A 18 7.61 8.91 4.83
CA GLN A 18 7.31 10.15 4.13
C GLN A 18 6.12 10.87 4.78
N PHE A 19 5.12 10.10 5.20
CA PHE A 19 3.94 10.66 5.83
C PHE A 19 3.89 10.31 7.31
N GLY A 20 4.23 11.27 8.16
CA GLY A 20 4.21 11.04 9.60
C GLY A 20 3.33 12.03 10.33
N SER A 21 3.13 13.21 9.75
CA SER A 21 2.30 14.23 10.35
C SER A 21 0.85 14.08 9.92
N GLN A 22 0.59 13.09 9.10
CA GLN A 22 -0.77 12.83 8.60
C GLN A 22 -1.12 11.34 8.74
N PRO A 23 -1.60 10.93 9.92
CA PRO A 23 -1.99 9.53 10.17
C PRO A 23 -3.23 9.11 9.38
N GLN A 24 -3.83 10.07 8.69
CA GLN A 24 -5.01 9.81 7.89
C GLN A 24 -4.66 9.04 6.62
N VAL A 25 -3.50 9.35 6.05
CA VAL A 25 -3.04 8.69 4.84
C VAL A 25 -2.65 7.24 5.11
N TYR A 26 -1.92 7.03 6.20
CA TYR A 26 -1.47 5.70 6.58
C TYR A 26 -2.66 4.81 6.95
N ASN A 27 -3.57 5.37 7.75
CA ASN A 27 -4.76 4.63 8.18
C ASN A 27 -5.62 4.25 6.98
N ASP A 28 -5.77 5.19 6.05
CA ASP A 28 -6.57 4.96 4.85
C ASP A 28 -5.97 3.83 4.02
N PHE A 29 -4.65 3.86 3.89
CA PHE A 29 -3.94 2.85 3.12
C PHE A 29 -4.16 1.46 3.71
N LEU A 30 -4.12 1.38 5.04
CA LEU A 30 -4.31 0.11 5.73
C LEU A 30 -5.72 -0.44 5.47
N ASP A 31 -6.71 0.44 5.56
CA ASP A 31 -8.10 0.05 5.34
C ASP A 31 -8.29 -0.57 3.95
N ILE A 32 -7.88 0.19 2.93
CA ILE A 32 -8.00 -0.28 1.55
C ILE A 32 -7.27 -1.60 1.34
N MET A 33 -6.00 -1.64 1.71
CA MET A 33 -5.19 -2.83 1.54
C MET A 33 -5.84 -4.04 2.22
N LYS A 34 -6.35 -3.84 3.43
CA LYS A 34 -7.00 -4.91 4.17
C LYS A 34 -8.18 -5.46 3.38
N GLU A 35 -8.99 -4.56 2.81
CA GLU A 35 -10.14 -4.97 2.01
C GLU A 35 -9.71 -5.79 0.81
N PHE A 36 -8.54 -5.45 0.26
CA PHE A 36 -8.00 -6.16 -0.90
C PHE A 36 -7.48 -7.54 -0.50
N LYS A 37 -6.96 -7.64 0.72
CA LYS A 37 -6.43 -8.90 1.23
C LYS A 37 -7.56 -9.92 1.44
N SER A 38 -8.79 -9.42 1.53
CA SER A 38 -9.96 -10.28 1.72
C SER A 38 -10.55 -10.71 0.39
N GLN A 39 -9.84 -10.41 -0.70
CA GLN A 39 -10.29 -10.77 -2.05
C GLN A 39 -11.64 -10.11 -2.35
N SER A 40 -12.00 -9.10 -1.57
CA SER A 40 -13.26 -8.40 -1.77
C SER A 40 -13.25 -7.59 -3.06
N ILE A 41 -12.33 -6.63 -3.14
CA ILE A 41 -12.21 -5.78 -4.32
C ILE A 41 -11.29 -6.41 -5.36
N ASP A 42 -11.11 -5.73 -6.48
CA ASP A 42 -10.26 -6.23 -7.56
C ASP A 42 -8.91 -5.51 -7.56
N THR A 43 -8.02 -5.94 -8.45
CA THR A 43 -6.69 -5.35 -8.55
C THR A 43 -6.77 -3.89 -9.00
N PRO A 44 -7.52 -3.58 -10.08
CA PRO A 44 -7.64 -2.20 -10.59
C PRO A 44 -8.20 -1.25 -9.51
N GLY A 45 -9.02 -1.80 -8.63
CA GLY A 45 -9.62 -1.00 -7.57
C GLY A 45 -8.59 -0.51 -6.57
N VAL A 46 -7.84 -1.43 -5.98
CA VAL A 46 -6.83 -1.08 -5.00
C VAL A 46 -5.76 -0.17 -5.60
N ILE A 47 -5.35 -0.47 -6.83
CA ILE A 47 -4.34 0.33 -7.51
C ILE A 47 -4.81 1.76 -7.75
N SER A 48 -6.08 1.90 -8.13
CA SER A 48 -6.66 3.21 -8.39
C SER A 48 -6.78 4.03 -7.10
N ARG A 49 -7.16 3.36 -6.01
CA ARG A 49 -7.31 4.04 -4.73
C ARG A 49 -5.97 4.47 -4.16
N VAL A 50 -4.96 3.61 -4.30
CA VAL A 50 -3.62 3.91 -3.81
C VAL A 50 -2.97 5.02 -4.63
N SER A 51 -3.24 5.02 -5.92
CA SER A 51 -2.68 6.03 -6.82
C SER A 51 -3.26 7.41 -6.51
N GLN A 52 -4.57 7.45 -6.30
CA GLN A 52 -5.25 8.71 -5.99
C GLN A 52 -4.96 9.14 -4.56
N LEU A 53 -4.66 8.17 -3.71
CA LEU A 53 -4.35 8.43 -2.30
C LEU A 53 -3.21 9.43 -2.17
N PHE A 54 -2.04 9.04 -2.68
CA PHE A 54 -0.86 9.90 -2.62
C PHE A 54 -0.97 11.03 -3.63
N LYS A 55 -0.96 10.68 -4.92
CA LYS A 55 -1.06 11.66 -5.99
C LYS A 55 0.00 12.74 -5.85
N GLY A 56 1.11 12.57 -6.56
CA GLY A 56 2.20 13.54 -6.51
C GLY A 56 3.52 12.91 -6.13
N HIS A 57 3.48 11.66 -5.69
CA HIS A 57 4.69 10.94 -5.29
C HIS A 57 4.89 9.67 -6.11
N PRO A 58 5.63 9.77 -7.24
CA PRO A 58 5.89 8.62 -8.12
C PRO A 58 6.75 7.56 -7.44
N ASP A 59 7.31 7.89 -6.28
CA ASP A 59 8.15 6.96 -5.54
C ASP A 59 7.32 5.84 -4.93
N LEU A 60 6.36 6.23 -4.09
CA LEU A 60 5.49 5.26 -3.42
C LEU A 60 4.71 4.44 -4.44
N ILE A 61 4.22 5.10 -5.48
CA ILE A 61 3.45 4.44 -6.53
C ILE A 61 4.27 3.32 -7.18
N MET A 62 5.52 3.62 -7.51
CA MET A 62 6.41 2.66 -8.13
C MET A 62 6.65 1.48 -7.20
N GLY A 63 6.91 1.78 -5.93
CA GLY A 63 7.15 0.73 -4.95
C GLY A 63 5.94 -0.17 -4.75
N PHE A 64 4.75 0.40 -4.92
CA PHE A 64 3.52 -0.36 -4.75
C PHE A 64 3.26 -1.26 -5.96
N ASN A 65 3.65 -0.78 -7.14
CA ASN A 65 3.45 -1.54 -8.37
C ASN A 65 4.24 -2.84 -8.33
N THR A 66 5.34 -2.84 -7.59
CA THR A 66 6.19 -4.02 -7.45
C THR A 66 5.84 -4.81 -6.20
N PHE A 67 5.08 -4.17 -5.30
CA PHE A 67 4.68 -4.81 -4.05
C PHE A 67 3.67 -5.92 -4.31
N LEU A 68 3.00 -5.84 -5.46
CA LEU A 68 2.00 -6.83 -5.83
C LEU A 68 2.62 -8.23 -5.88
N PRO A 69 1.82 -9.28 -5.60
CA PRO A 69 2.31 -10.67 -5.63
C PRO A 69 2.67 -11.15 -7.03
N PRO A 70 3.97 -11.37 -7.31
CA PRO A 70 4.43 -11.83 -8.63
C PRO A 70 3.80 -13.16 -9.03
N GLY A 71 3.43 -13.96 -8.03
CA GLY A 71 2.82 -15.25 -8.30
C GLY A 71 1.49 -15.11 -9.02
N GLN A 1 2.63 -20.04 -3.55
CA GLN A 1 3.11 -18.70 -3.13
C GLN A 1 4.09 -18.82 -1.98
N ARG A 2 5.34 -18.45 -2.23
CA ARG A 2 6.38 -18.51 -1.21
C ARG A 2 6.08 -17.54 -0.07
N LEU A 3 6.56 -17.88 1.13
CA LEU A 3 6.34 -17.05 2.31
C LEU A 3 7.53 -16.13 2.55
N LYS A 4 7.24 -14.88 2.91
CA LYS A 4 8.29 -13.90 3.16
C LYS A 4 7.91 -13.00 4.34
N VAL A 5 8.90 -12.61 5.13
CA VAL A 5 8.67 -11.75 6.29
C VAL A 5 9.43 -10.43 6.15
N GLU A 6 10.53 -10.46 5.39
CA GLU A 6 11.34 -9.27 5.18
C GLU A 6 10.98 -8.60 3.85
N ASP A 7 10.56 -9.40 2.88
CA ASP A 7 10.19 -8.89 1.58
C ASP A 7 8.90 -8.06 1.65
N ALA A 8 8.15 -8.24 2.73
CA ALA A 8 6.90 -7.51 2.92
C ALA A 8 7.13 -6.24 3.74
N LEU A 9 7.91 -6.36 4.80
CA LEU A 9 8.20 -5.23 5.66
C LEU A 9 9.31 -4.38 5.07
N SER A 10 8.91 -3.38 4.28
CA SER A 10 9.86 -2.48 3.64
C SER A 10 9.14 -1.29 3.02
N TYR A 11 8.09 -1.59 2.26
CA TYR A 11 7.30 -0.56 1.60
C TYR A 11 6.41 0.18 2.61
N LEU A 12 5.67 -0.59 3.39
CA LEU A 12 4.78 -0.01 4.40
C LEU A 12 5.54 0.95 5.30
N ASP A 13 6.77 0.58 5.65
CA ASP A 13 7.61 1.41 6.50
C ASP A 13 7.87 2.75 5.83
N GLN A 14 8.12 2.72 4.53
CA GLN A 14 8.38 3.94 3.77
C GLN A 14 7.14 4.82 3.72
N VAL A 15 5.97 4.18 3.69
CA VAL A 15 4.71 4.92 3.66
C VAL A 15 4.48 5.66 4.97
N LYS A 16 4.85 5.02 6.08
CA LYS A 16 4.69 5.61 7.40
C LYS A 16 5.68 6.75 7.62
N LEU A 17 6.89 6.59 7.08
CA LEU A 17 7.93 7.60 7.24
C LEU A 17 7.62 8.86 6.41
N GLN A 18 7.40 8.66 5.11
CA GLN A 18 7.10 9.78 4.22
C GLN A 18 5.78 10.44 4.57
N PHE A 19 4.89 9.69 5.20
CA PHE A 19 3.59 10.22 5.60
C PHE A 19 3.36 10.05 7.10
N GLY A 20 4.33 10.48 7.89
CA GLY A 20 4.23 10.37 9.33
C GLY A 20 3.53 11.56 9.96
N SER A 21 3.52 12.68 9.24
CA SER A 21 2.88 13.90 9.74
C SER A 21 1.36 13.81 9.58
N GLN A 22 0.93 13.23 8.48
CA GLN A 22 -0.50 13.07 8.20
C GLN A 22 -0.94 11.61 8.39
N PRO A 23 -1.46 11.26 9.58
CA PRO A 23 -1.91 9.89 9.86
C PRO A 23 -3.18 9.54 9.11
N GLN A 24 -3.75 10.51 8.41
CA GLN A 24 -4.97 10.30 7.63
C GLN A 24 -4.68 9.49 6.38
N VAL A 25 -3.48 9.65 5.83
CA VAL A 25 -3.09 8.93 4.62
C VAL A 25 -2.70 7.50 4.96
N TYR A 26 -1.93 7.33 6.02
CA TYR A 26 -1.48 6.01 6.45
C TYR A 26 -2.67 5.15 6.86
N ASN A 27 -3.64 5.77 7.53
CA ASN A 27 -4.83 5.07 7.99
C ASN A 27 -5.64 4.55 6.80
N ASP A 28 -5.93 5.44 5.85
CA ASP A 28 -6.69 5.07 4.66
C ASP A 28 -6.02 3.93 3.91
N PHE A 29 -4.69 4.02 3.77
CA PHE A 29 -3.93 2.98 3.08
C PHE A 29 -4.14 1.62 3.73
N LEU A 30 -3.96 1.58 5.05
CA LEU A 30 -4.15 0.34 5.80
C LEU A 30 -5.53 -0.24 5.54
N ASP A 31 -6.54 0.64 5.50
CA ASP A 31 -7.91 0.21 5.25
C ASP A 31 -8.02 -0.50 3.91
N ILE A 32 -7.45 0.10 2.88
CA ILE A 32 -7.48 -0.47 1.54
C ILE A 32 -6.83 -1.85 1.54
N MET A 33 -5.75 -2.00 2.30
CA MET A 33 -5.05 -3.27 2.40
C MET A 33 -5.89 -4.31 3.14
N LYS A 34 -6.64 -3.84 4.14
CA LYS A 34 -7.50 -4.72 4.92
C LYS A 34 -8.61 -5.30 4.04
N GLU A 35 -9.13 -4.47 3.14
CA GLU A 35 -10.18 -4.90 2.23
C GLU A 35 -9.60 -5.74 1.10
N PHE A 36 -8.37 -5.44 0.71
CA PHE A 36 -7.70 -6.18 -0.36
C PHE A 36 -7.31 -7.57 0.12
N LYS A 37 -7.09 -7.70 1.43
CA LYS A 37 -6.73 -8.98 2.01
C LYS A 37 -7.91 -9.92 2.03
N SER A 38 -9.12 -9.36 2.15
CA SER A 38 -10.34 -10.15 2.18
C SER A 38 -10.89 -10.33 0.76
N GLN A 39 -10.09 -9.97 -0.24
CA GLN A 39 -10.49 -10.09 -1.63
C GLN A 39 -11.73 -9.25 -1.92
N SER A 40 -12.01 -8.28 -1.06
CA SER A 40 -13.17 -7.40 -1.23
C SER A 40 -13.02 -6.56 -2.49
N ILE A 41 -11.79 -6.36 -2.94
CA ILE A 41 -11.51 -5.56 -4.13
C ILE A 41 -10.58 -6.30 -5.08
N ASP A 42 -10.62 -5.92 -6.35
CA ASP A 42 -9.77 -6.54 -7.36
C ASP A 42 -8.43 -5.82 -7.47
N THR A 43 -7.60 -6.25 -8.43
CA THR A 43 -6.30 -5.64 -8.63
C THR A 43 -6.41 -4.19 -9.10
N PRO A 44 -7.19 -3.90 -10.16
CA PRO A 44 -7.34 -2.53 -10.67
C PRO A 44 -7.97 -1.61 -9.63
N GLY A 45 -8.76 -2.19 -8.73
CA GLY A 45 -9.41 -1.42 -7.69
C GLY A 45 -8.43 -0.87 -6.68
N VAL A 46 -7.56 -1.75 -6.16
CA VAL A 46 -6.58 -1.34 -5.17
C VAL A 46 -5.55 -0.40 -5.78
N ILE A 47 -5.13 -0.68 -7.01
CA ILE A 47 -4.15 0.15 -7.69
C ILE A 47 -4.68 1.55 -7.94
N SER A 48 -5.95 1.65 -8.34
CA SER A 48 -6.58 2.93 -8.60
C SER A 48 -6.74 3.75 -7.32
N ARG A 49 -7.17 3.08 -6.25
CA ARG A 49 -7.37 3.75 -4.97
C ARG A 49 -6.05 4.27 -4.41
N VAL A 50 -4.99 3.48 -4.55
CA VAL A 50 -3.68 3.87 -4.07
C VAL A 50 -3.10 5.02 -4.90
N SER A 51 -3.37 4.99 -6.20
CA SER A 51 -2.89 6.03 -7.11
C SER A 51 -3.54 7.37 -6.80
N GLN A 52 -4.83 7.33 -6.47
CA GLN A 52 -5.58 8.54 -6.15
C GLN A 52 -5.30 8.99 -4.73
N LEU A 53 -4.99 8.03 -3.87
CA LEU A 53 -4.71 8.32 -2.46
C LEU A 53 -3.54 9.29 -2.32
N PHE A 54 -2.35 8.84 -2.70
CA PHE A 54 -1.15 9.66 -2.60
C PHE A 54 -1.25 10.90 -3.49
N LYS A 55 -1.10 10.69 -4.80
CA LYS A 55 -1.16 11.77 -5.77
C LYS A 55 -0.11 12.84 -5.46
N GLY A 56 1.02 12.77 -6.18
CA GLY A 56 2.09 13.72 -5.97
C GLY A 56 3.39 13.05 -5.59
N HIS A 57 3.29 11.85 -5.00
CA HIS A 57 4.45 11.10 -4.59
C HIS A 57 4.66 9.87 -5.49
N PRO A 58 5.47 10.00 -6.56
CA PRO A 58 5.73 8.89 -7.47
C PRO A 58 6.61 7.81 -6.86
N ASP A 59 7.20 8.13 -5.70
CA ASP A 59 8.07 7.19 -5.00
C ASP A 59 7.29 5.96 -4.56
N LEU A 60 6.24 6.19 -3.77
CA LEU A 60 5.41 5.10 -3.28
C LEU A 60 4.70 4.37 -4.42
N ILE A 61 4.23 5.14 -5.39
CA ILE A 61 3.52 4.58 -6.55
C ILE A 61 4.40 3.55 -7.27
N MET A 62 5.60 3.98 -7.66
CA MET A 62 6.53 3.10 -8.35
C MET A 62 6.85 1.86 -7.51
N GLY A 63 7.13 2.08 -6.24
CA GLY A 63 7.45 0.98 -5.34
C GLY A 63 6.27 0.05 -5.16
N PHE A 64 5.06 0.58 -5.34
CA PHE A 64 3.84 -0.21 -5.19
C PHE A 64 3.61 -1.08 -6.42
N ASN A 65 3.99 -0.56 -7.59
CA ASN A 65 3.83 -1.30 -8.83
C ASN A 65 4.62 -2.60 -8.81
N THR A 66 5.87 -2.51 -8.37
CA THR A 66 6.75 -3.68 -8.29
C THR A 66 6.46 -4.51 -7.04
N PHE A 67 5.52 -4.03 -6.23
CA PHE A 67 5.14 -4.72 -5.00
C PHE A 67 3.88 -5.57 -5.21
N LEU A 68 3.23 -5.37 -6.35
CA LEU A 68 2.01 -6.11 -6.67
C LEU A 68 2.27 -7.61 -6.65
N PRO A 69 1.27 -8.42 -6.23
CA PRO A 69 1.40 -9.87 -6.17
C PRO A 69 1.26 -10.53 -7.54
N PRO A 70 1.75 -11.78 -7.70
CA PRO A 70 1.67 -12.50 -8.96
C PRO A 70 0.25 -12.91 -9.30
N GLY A 71 -0.53 -13.24 -8.27
CA GLY A 71 -1.91 -13.65 -8.47
C GLY A 71 -2.67 -13.80 -7.17
N GLN A 1 9.20 -19.67 -2.40
CA GLN A 1 8.31 -18.75 -1.64
C GLN A 1 9.08 -17.52 -1.16
N ARG A 2 10.41 -17.63 -1.14
CA ARG A 2 11.26 -16.52 -0.72
C ARG A 2 10.97 -16.12 0.73
N LEU A 3 11.65 -15.09 1.20
CA LEU A 3 11.46 -14.61 2.56
C LEU A 3 10.19 -13.76 2.68
N LYS A 4 9.84 -13.42 3.92
CA LYS A 4 8.65 -12.62 4.18
C LYS A 4 8.83 -11.78 5.44
N VAL A 5 7.77 -11.07 5.84
CA VAL A 5 7.78 -10.22 7.03
C VAL A 5 8.71 -9.02 6.84
N GLU A 6 10.01 -9.26 6.91
CA GLU A 6 10.99 -8.19 6.74
C GLU A 6 10.92 -7.59 5.33
N ASP A 7 10.15 -8.24 4.46
CA ASP A 7 10.00 -7.77 3.09
C ASP A 7 8.67 -7.04 2.92
N ALA A 8 7.77 -7.22 3.88
CA ALA A 8 6.45 -6.59 3.83
C ALA A 8 6.48 -5.21 4.48
N LEU A 9 7.20 -5.11 5.60
CA LEU A 9 7.31 -3.84 6.32
C LEU A 9 8.30 -2.89 5.65
N SER A 10 8.73 -3.25 4.44
CA SER A 10 9.67 -2.44 3.69
C SER A 10 8.97 -1.23 3.08
N TYR A 11 7.85 -1.46 2.42
CA TYR A 11 7.09 -0.40 1.78
C TYR A 11 6.33 0.44 2.82
N LEU A 12 5.54 -0.25 3.65
CA LEU A 12 4.76 0.43 4.69
C LEU A 12 5.60 1.40 5.49
N ASP A 13 6.83 1.00 5.80
CA ASP A 13 7.74 1.85 6.57
C ASP A 13 8.04 3.15 5.80
N GLN A 14 8.33 3.02 4.51
CA GLN A 14 8.61 4.18 3.68
C GLN A 14 7.41 5.11 3.62
N VAL A 15 6.21 4.54 3.62
CA VAL A 15 4.99 5.33 3.57
C VAL A 15 4.85 6.18 4.83
N LYS A 16 5.02 5.55 5.98
CA LYS A 16 4.93 6.25 7.25
C LYS A 16 6.06 7.28 7.40
N LEU A 17 7.17 7.01 6.72
CA LEU A 17 8.32 7.91 6.76
C LEU A 17 8.03 9.20 6.01
N GLN A 18 7.53 9.09 4.79
CA GLN A 18 7.22 10.25 3.97
C GLN A 18 6.04 11.02 4.54
N PHE A 19 5.07 10.30 5.09
CA PHE A 19 3.89 10.92 5.67
C PHE A 19 3.83 10.68 7.19
N GLY A 20 4.13 11.72 7.96
CA GLY A 20 4.10 11.60 9.40
C GLY A 20 3.12 12.57 10.03
N SER A 21 3.06 13.79 9.50
CA SER A 21 2.16 14.81 10.00
C SER A 21 0.70 14.41 9.77
N GLN A 22 0.48 13.59 8.75
CA GLN A 22 -0.86 13.13 8.41
C GLN A 22 -0.96 11.61 8.51
N PRO A 23 -1.34 11.08 9.69
CA PRO A 23 -1.48 9.64 9.90
C PRO A 23 -2.76 9.07 9.30
N GLN A 24 -3.61 9.96 8.79
CA GLN A 24 -4.87 9.54 8.19
C GLN A 24 -4.62 8.81 6.87
N VAL A 25 -3.54 9.15 6.20
CA VAL A 25 -3.19 8.53 4.91
C VAL A 25 -2.69 7.10 5.12
N TYR A 26 -1.79 6.93 6.08
CA TYR A 26 -1.24 5.61 6.38
C TYR A 26 -2.33 4.66 6.83
N ASN A 27 -3.13 5.10 7.79
CA ASN A 27 -4.23 4.28 8.31
C ASN A 27 -5.15 3.87 7.18
N ASP A 28 -5.51 4.83 6.33
CA ASP A 28 -6.40 4.56 5.20
C ASP A 28 -5.80 3.48 4.30
N PHE A 29 -4.49 3.53 4.11
CA PHE A 29 -3.79 2.55 3.28
C PHE A 29 -3.97 1.15 3.86
N LEU A 30 -3.78 1.04 5.17
CA LEU A 30 -3.91 -0.24 5.86
C LEU A 30 -5.30 -0.83 5.63
N ASP A 31 -6.33 -0.01 5.79
CA ASP A 31 -7.71 -0.46 5.61
C ASP A 31 -7.92 -1.01 4.19
N ILE A 32 -7.47 -0.24 3.20
CA ILE A 32 -7.62 -0.65 1.80
C ILE A 32 -6.96 -2.00 1.55
N MET A 33 -5.75 -2.17 2.05
CA MET A 33 -5.01 -3.42 1.87
C MET A 33 -5.75 -4.57 2.53
N LYS A 34 -6.41 -4.30 3.65
CA LYS A 34 -7.17 -5.33 4.36
C LYS A 34 -8.37 -5.77 3.53
N GLU A 35 -9.01 -4.81 2.87
CA GLU A 35 -10.18 -5.10 2.05
C GLU A 35 -9.79 -6.00 0.87
N PHE A 36 -8.71 -5.62 0.19
CA PHE A 36 -8.23 -6.38 -0.96
C PHE A 36 -7.76 -7.77 -0.53
N LYS A 37 -7.23 -7.85 0.69
CA LYS A 37 -6.74 -9.11 1.23
C LYS A 37 -7.89 -10.04 1.58
N SER A 38 -9.03 -9.46 1.96
CA SER A 38 -10.21 -10.23 2.32
C SER A 38 -11.07 -10.50 1.10
N GLN A 39 -10.53 -10.21 -0.09
CA GLN A 39 -11.25 -10.43 -1.33
C GLN A 39 -12.55 -9.63 -1.37
N SER A 40 -12.48 -8.42 -1.92
CA SER A 40 -13.65 -7.55 -2.01
C SER A 40 -13.51 -6.59 -3.20
N ILE A 41 -12.33 -6.03 -3.37
CA ILE A 41 -12.07 -5.10 -4.46
C ILE A 41 -11.15 -5.72 -5.51
N ASP A 42 -11.44 -5.45 -6.78
CA ASP A 42 -10.63 -5.98 -7.88
C ASP A 42 -9.22 -5.41 -7.86
N THR A 43 -8.35 -5.96 -8.68
CA THR A 43 -6.97 -5.49 -8.76
C THR A 43 -6.89 -4.03 -9.20
N PRO A 44 -7.58 -3.64 -10.30
CA PRO A 44 -7.56 -2.25 -10.76
C PRO A 44 -8.09 -1.29 -9.71
N GLY A 45 -8.95 -1.80 -8.84
CA GLY A 45 -9.51 -0.97 -7.78
C GLY A 45 -8.48 -0.56 -6.75
N VAL A 46 -7.79 -1.54 -6.18
CA VAL A 46 -6.77 -1.26 -5.17
C VAL A 46 -5.63 -0.43 -5.76
N ILE A 47 -5.25 -0.72 -7.00
CA ILE A 47 -4.17 0.01 -7.65
C ILE A 47 -4.56 1.48 -7.83
N SER A 48 -5.79 1.72 -8.24
CA SER A 48 -6.27 3.08 -8.46
C SER A 48 -6.39 3.84 -7.14
N ARG A 49 -6.86 3.16 -6.10
CA ARG A 49 -7.03 3.78 -4.80
C ARG A 49 -5.68 4.21 -4.20
N VAL A 50 -4.68 3.35 -4.31
CA VAL A 50 -3.35 3.65 -3.79
C VAL A 50 -2.69 4.76 -4.60
N SER A 51 -2.88 4.72 -5.92
CA SER A 51 -2.30 5.73 -6.81
C SER A 51 -2.82 7.12 -6.46
N GLN A 52 -4.12 7.23 -6.25
CA GLN A 52 -4.75 8.50 -5.90
C GLN A 52 -4.44 8.88 -4.46
N LEU A 53 -4.27 7.87 -3.60
CA LEU A 53 -3.98 8.11 -2.20
C LEU A 53 -2.64 8.82 -2.02
N PHE A 54 -1.73 8.62 -2.95
CA PHE A 54 -0.41 9.24 -2.89
C PHE A 54 -0.14 10.11 -4.12
N LYS A 55 -1.17 10.80 -4.60
CA LYS A 55 -1.03 11.67 -5.76
C LYS A 55 0.05 12.72 -5.54
N GLY A 56 0.99 12.80 -6.47
CA GLY A 56 2.06 13.76 -6.36
C GLY A 56 3.37 13.11 -5.95
N HIS A 57 3.28 11.88 -5.48
CA HIS A 57 4.46 11.14 -5.04
C HIS A 57 4.62 9.86 -5.86
N PRO A 58 5.23 9.96 -7.06
CA PRO A 58 5.43 8.80 -7.94
C PRO A 58 6.32 7.73 -7.30
N ASP A 59 7.04 8.12 -6.25
CA ASP A 59 7.92 7.20 -5.55
C ASP A 59 7.15 6.03 -4.94
N LEU A 60 6.20 6.35 -4.07
CA LEU A 60 5.38 5.33 -3.42
C LEU A 60 4.61 4.51 -4.44
N ILE A 61 4.20 5.16 -5.54
CA ILE A 61 3.45 4.48 -6.58
C ILE A 61 4.28 3.38 -7.23
N MET A 62 5.49 3.73 -7.65
CA MET A 62 6.38 2.76 -8.29
C MET A 62 6.73 1.62 -7.34
N GLY A 63 6.92 1.97 -6.07
CA GLY A 63 7.26 0.97 -5.07
C GLY A 63 6.14 -0.04 -4.85
N PHE A 64 4.90 0.44 -4.87
CA PHE A 64 3.74 -0.43 -4.67
C PHE A 64 3.41 -1.19 -5.95
N ASN A 65 3.81 -0.64 -7.08
CA ASN A 65 3.55 -1.26 -8.38
C ASN A 65 4.35 -2.56 -8.52
N THR A 66 5.57 -2.56 -8.00
CA THR A 66 6.44 -3.74 -8.07
C THR A 66 6.12 -4.72 -6.95
N PHE A 67 5.42 -4.24 -5.92
CA PHE A 67 5.06 -5.09 -4.79
C PHE A 67 3.99 -6.09 -5.19
N LEU A 68 3.17 -5.73 -6.16
CA LEU A 68 2.10 -6.60 -6.63
C LEU A 68 2.67 -7.89 -7.21
N PRO A 69 1.99 -9.03 -6.99
CA PRO A 69 2.43 -10.33 -7.50
C PRO A 69 2.20 -10.47 -9.00
N PRO A 70 2.97 -11.35 -9.68
CA PRO A 70 2.83 -11.57 -11.12
C PRO A 70 1.49 -12.20 -11.49
N GLY A 71 0.74 -11.52 -12.37
CA GLY A 71 -0.55 -12.02 -12.79
C GLY A 71 -1.44 -10.92 -13.32
N GLN A 1 -1.90 -15.99 1.26
CA GLN A 1 -1.57 -16.72 2.51
C GLN A 1 -0.80 -15.81 3.47
N ARG A 2 0.28 -15.21 2.99
CA ARG A 2 1.10 -14.32 3.80
C ARG A 2 1.64 -15.05 5.03
N LEU A 3 2.89 -15.46 4.96
CA LEU A 3 3.53 -16.19 6.06
C LEU A 3 4.83 -15.52 6.47
N LYS A 4 5.71 -15.31 5.49
CA LYS A 4 7.01 -14.68 5.74
C LYS A 4 6.84 -13.20 6.05
N VAL A 5 6.89 -12.85 7.33
CA VAL A 5 6.74 -11.47 7.77
C VAL A 5 8.08 -10.74 7.77
N GLU A 6 9.08 -11.37 7.16
CA GLU A 6 10.42 -10.78 7.09
C GLU A 6 10.47 -9.67 6.04
N ASP A 7 9.59 -9.76 5.05
CA ASP A 7 9.54 -8.76 3.99
C ASP A 7 8.12 -8.24 3.79
N ALA A 8 7.83 -7.09 4.40
CA ALA A 8 6.51 -6.49 4.31
C ALA A 8 6.53 -5.06 4.83
N LEU A 9 7.26 -4.85 5.91
CA LEU A 9 7.37 -3.53 6.53
C LEU A 9 8.32 -2.64 5.73
N SER A 10 8.91 -3.21 4.68
CA SER A 10 9.85 -2.46 3.84
C SER A 10 9.16 -1.26 3.22
N TYR A 11 8.08 -1.50 2.49
CA TYR A 11 7.33 -0.44 1.84
C TYR A 11 6.51 0.35 2.86
N LEU A 12 5.94 -0.36 3.81
CA LEU A 12 5.12 0.26 4.85
C LEU A 12 5.93 1.33 5.60
N ASP A 13 7.22 1.06 5.79
CA ASP A 13 8.09 1.99 6.48
C ASP A 13 8.30 3.25 5.64
N GLN A 14 8.37 3.05 4.31
CA GLN A 14 8.56 4.16 3.39
C GLN A 14 7.37 5.12 3.45
N VAL A 15 6.17 4.56 3.44
CA VAL A 15 4.95 5.36 3.50
C VAL A 15 4.86 6.11 4.81
N LYS A 16 5.15 5.40 5.90
CA LYS A 16 5.11 5.99 7.23
C LYS A 16 6.19 7.04 7.40
N LEU A 17 7.31 6.86 6.69
CA LEU A 17 8.43 7.80 6.76
C LEU A 17 8.09 9.11 6.06
N GLN A 18 7.69 9.01 4.80
CA GLN A 18 7.35 10.20 4.01
C GLN A 18 6.22 10.98 4.67
N PHE A 19 5.16 10.27 5.06
CA PHE A 19 4.02 10.89 5.71
C PHE A 19 4.09 10.73 7.22
N GLY A 20 4.66 11.73 7.88
CA GLY A 20 4.79 11.69 9.33
C GLY A 20 3.83 12.64 10.02
N SER A 21 3.66 13.82 9.44
CA SER A 21 2.76 14.82 10.01
C SER A 21 1.31 14.37 9.90
N GLN A 22 0.99 13.67 8.81
CA GLN A 22 -0.36 13.16 8.59
C GLN A 22 -0.40 11.64 8.70
N PRO A 23 -0.56 11.11 9.92
CA PRO A 23 -0.61 9.66 10.14
C PRO A 23 -1.95 9.06 9.71
N GLN A 24 -2.87 9.93 9.31
CA GLN A 24 -4.19 9.51 8.87
C GLN A 24 -4.12 8.73 7.56
N VAL A 25 -3.27 9.21 6.64
CA VAL A 25 -3.10 8.56 5.35
C VAL A 25 -2.68 7.11 5.51
N TYR A 26 -1.91 6.83 6.56
CA TYR A 26 -1.43 5.48 6.83
C TYR A 26 -2.60 4.55 7.12
N ASN A 27 -3.51 4.99 8.00
CA ASN A 27 -4.67 4.20 8.37
C ASN A 27 -5.53 3.90 7.14
N ASP A 28 -5.63 4.87 6.25
CA ASP A 28 -6.43 4.71 5.04
C ASP A 28 -5.83 3.63 4.14
N PHE A 29 -4.52 3.69 3.96
CA PHE A 29 -3.81 2.72 3.13
C PHE A 29 -4.01 1.31 3.68
N LEU A 30 -4.01 1.18 5.00
CA LEU A 30 -4.19 -0.11 5.65
C LEU A 30 -5.58 -0.67 5.34
N ASP A 31 -6.59 0.15 5.56
CA ASP A 31 -7.98 -0.26 5.31
C ASP A 31 -8.14 -0.79 3.89
N ILE A 32 -7.65 -0.03 2.92
CA ILE A 32 -7.75 -0.41 1.51
C ILE A 32 -7.08 -1.76 1.26
N MET A 33 -5.84 -1.89 1.74
CA MET A 33 -5.08 -3.13 1.57
C MET A 33 -5.81 -4.31 2.20
N LYS A 34 -6.53 -4.06 3.28
CA LYS A 34 -7.27 -5.11 3.97
C LYS A 34 -8.48 -5.55 3.15
N GLU A 35 -9.14 -4.59 2.51
CA GLU A 35 -10.30 -4.87 1.68
C GLU A 35 -9.91 -5.76 0.50
N PHE A 36 -8.79 -5.43 -0.13
CA PHE A 36 -8.31 -6.20 -1.27
C PHE A 36 -7.74 -7.54 -0.81
N LYS A 37 -7.18 -7.56 0.39
CA LYS A 37 -6.59 -8.78 0.95
C LYS A 37 -7.66 -9.82 1.25
N SER A 38 -8.85 -9.36 1.64
CA SER A 38 -9.95 -10.25 1.96
C SER A 38 -10.75 -10.62 0.71
N GLN A 39 -11.76 -9.82 0.39
CA GLN A 39 -12.59 -10.07 -0.79
C GLN A 39 -13.59 -8.94 -0.99
N SER A 40 -13.22 -7.98 -1.82
CA SER A 40 -14.09 -6.84 -2.11
C SER A 40 -13.73 -6.20 -3.44
N ILE A 41 -12.50 -5.70 -3.53
CA ILE A 41 -12.03 -5.06 -4.76
C ILE A 41 -11.01 -5.93 -5.48
N ASP A 42 -10.95 -5.80 -6.81
CA ASP A 42 -10.03 -6.58 -7.62
C ASP A 42 -8.65 -5.92 -7.65
N THR A 43 -7.79 -6.44 -8.52
CA THR A 43 -6.44 -5.91 -8.65
C THR A 43 -6.44 -4.46 -9.18
N PRO A 44 -7.17 -4.18 -10.27
CA PRO A 44 -7.23 -2.81 -10.83
C PRO A 44 -7.84 -1.83 -9.85
N GLY A 45 -8.71 -2.33 -8.99
CA GLY A 45 -9.37 -1.48 -8.00
C GLY A 45 -8.42 -1.00 -6.93
N VAL A 46 -7.68 -1.92 -6.33
CA VAL A 46 -6.73 -1.58 -5.28
C VAL A 46 -5.59 -0.71 -5.82
N ILE A 47 -5.13 -1.02 -7.03
CA ILE A 47 -4.07 -0.26 -7.66
C ILE A 47 -4.51 1.16 -7.97
N SER A 48 -5.75 1.30 -8.45
CA SER A 48 -6.29 2.60 -8.81
C SER A 48 -6.43 3.48 -7.56
N ARG A 49 -7.09 2.95 -6.54
CA ARG A 49 -7.29 3.68 -5.30
C ARG A 49 -5.97 4.14 -4.70
N VAL A 50 -5.01 3.23 -4.62
CA VAL A 50 -3.69 3.54 -4.07
C VAL A 50 -2.96 4.56 -4.94
N SER A 51 -3.19 4.48 -6.24
CA SER A 51 -2.55 5.39 -7.19
C SER A 51 -2.99 6.83 -6.93
N GLN A 52 -4.29 7.02 -6.70
CA GLN A 52 -4.84 8.35 -6.44
C GLN A 52 -4.48 8.80 -5.03
N LEU A 53 -4.41 7.84 -4.10
CA LEU A 53 -4.07 8.14 -2.72
C LEU A 53 -2.70 8.81 -2.62
N PHE A 54 -1.72 8.25 -3.32
CA PHE A 54 -0.37 8.80 -3.31
C PHE A 54 -0.11 9.64 -4.56
N LYS A 55 -1.15 10.33 -5.02
CA LYS A 55 -1.05 11.17 -6.21
C LYS A 55 -0.03 12.29 -5.99
N GLY A 56 0.24 12.60 -4.73
CA GLY A 56 1.19 13.65 -4.42
C GLY A 56 2.63 13.16 -4.50
N HIS A 57 2.81 11.84 -4.39
CA HIS A 57 4.14 11.25 -4.44
C HIS A 57 4.17 10.06 -5.40
N PRO A 58 4.69 10.25 -6.62
CA PRO A 58 4.77 9.17 -7.62
C PRO A 58 5.76 8.09 -7.21
N ASP A 59 6.53 8.35 -6.16
CA ASP A 59 7.52 7.40 -5.68
C ASP A 59 6.85 6.20 -5.02
N LEU A 60 5.96 6.46 -4.06
CA LEU A 60 5.25 5.40 -3.36
C LEU A 60 4.43 4.56 -4.33
N ILE A 61 3.92 5.21 -5.38
CA ILE A 61 3.13 4.52 -6.39
C ILE A 61 3.99 3.53 -7.15
N MET A 62 5.16 3.97 -7.58
CA MET A 62 6.08 3.13 -8.33
C MET A 62 6.51 1.93 -7.48
N GLY A 63 6.67 2.17 -6.18
CA GLY A 63 7.07 1.10 -5.27
C GLY A 63 5.97 0.08 -5.06
N PHE A 64 4.75 0.56 -4.87
CA PHE A 64 3.61 -0.32 -4.66
C PHE A 64 3.30 -1.13 -5.92
N ASN A 65 3.63 -0.57 -7.07
CA ASN A 65 3.39 -1.23 -8.35
C ASN A 65 4.21 -2.52 -8.45
N THR A 66 5.41 -2.49 -7.87
CA THR A 66 6.28 -3.66 -7.89
C THR A 66 6.12 -4.50 -6.63
N PHE A 67 5.56 -3.88 -5.59
CA PHE A 67 5.33 -4.56 -4.33
C PHE A 67 4.38 -5.74 -4.50
N LEU A 68 3.57 -5.69 -5.56
CA LEU A 68 2.62 -6.74 -5.86
C LEU A 68 3.33 -8.07 -6.10
N PRO A 69 2.65 -9.21 -5.84
CA PRO A 69 3.22 -10.54 -6.03
C PRO A 69 3.39 -10.89 -7.51
N PRO A 70 4.23 -11.90 -7.82
CA PRO A 70 4.46 -12.33 -9.20
C PRO A 70 3.17 -12.67 -9.94
N GLY A 71 3.12 -12.35 -11.23
CA GLY A 71 1.94 -12.62 -12.02
C GLY A 71 1.43 -11.40 -12.75
N GLN A 1 4.85 -22.87 8.67
CA GLN A 1 3.68 -22.00 8.96
C GLN A 1 2.85 -21.80 7.71
N ARG A 2 3.32 -22.33 6.58
CA ARG A 2 2.62 -22.21 5.31
C ARG A 2 2.53 -20.76 4.87
N LEU A 3 3.31 -20.39 3.86
CA LEU A 3 3.34 -19.03 3.34
C LEU A 3 3.88 -18.04 4.36
N LYS A 4 4.60 -17.03 3.88
CA LYS A 4 5.18 -16.02 4.76
C LYS A 4 5.06 -14.63 4.16
N VAL A 5 5.44 -13.62 4.93
CA VAL A 5 5.37 -12.24 4.47
C VAL A 5 6.71 -11.79 3.87
N GLU A 6 7.80 -12.42 4.30
CA GLU A 6 9.13 -12.09 3.81
C GLU A 6 9.47 -10.63 4.07
N ASP A 7 9.11 -9.77 3.13
CA ASP A 7 9.37 -8.34 3.26
C ASP A 7 8.11 -7.53 3.03
N ALA A 8 7.37 -7.28 4.11
CA ALA A 8 6.13 -6.52 4.03
C ALA A 8 6.30 -5.13 4.64
N LEU A 9 7.14 -5.05 5.66
CA LEU A 9 7.39 -3.79 6.35
C LEU A 9 8.36 -2.93 5.55
N SER A 10 8.78 -3.43 4.39
CA SER A 10 9.71 -2.70 3.54
C SER A 10 9.04 -1.46 2.96
N TYR A 11 7.96 -1.67 2.22
CA TYR A 11 7.23 -0.56 1.60
C TYR A 11 6.44 0.22 2.65
N LEU A 12 5.86 -0.51 3.60
CA LEU A 12 5.07 0.11 4.66
C LEU A 12 5.90 1.17 5.40
N ASP A 13 7.16 0.82 5.67
CA ASP A 13 8.06 1.74 6.36
C ASP A 13 8.27 3.01 5.54
N GLN A 14 8.37 2.84 4.23
CA GLN A 14 8.57 3.96 3.32
C GLN A 14 7.38 4.92 3.39
N VAL A 15 6.18 4.35 3.42
CA VAL A 15 4.95 5.14 3.49
C VAL A 15 4.90 5.96 4.77
N LYS A 16 5.19 5.31 5.90
CA LYS A 16 5.17 5.99 7.19
C LYS A 16 6.30 7.02 7.29
N LEU A 17 7.38 6.76 6.56
CA LEU A 17 8.53 7.67 6.56
C LEU A 17 8.20 8.97 5.84
N GLN A 18 7.61 8.84 4.65
CA GLN A 18 7.24 10.02 3.86
C GLN A 18 6.09 10.79 4.53
N PHE A 19 5.11 10.04 5.03
CA PHE A 19 3.97 10.66 5.70
C PHE A 19 3.99 10.37 7.20
N GLY A 20 4.57 11.29 7.96
CA GLY A 20 4.65 11.12 9.40
C GLY A 20 3.83 12.15 10.15
N SER A 21 3.49 13.24 9.46
CA SER A 21 2.70 14.31 10.07
C SER A 21 1.21 14.06 9.87
N GLN A 22 0.87 13.33 8.82
CA GLN A 22 -0.53 13.01 8.52
C GLN A 22 -0.78 11.52 8.64
N PRO A 23 -1.06 11.02 9.85
CA PRO A 23 -1.33 9.59 10.08
C PRO A 23 -2.64 9.13 9.42
N GLN A 24 -3.39 10.09 8.87
CA GLN A 24 -4.66 9.78 8.23
C GLN A 24 -4.42 8.94 6.97
N VAL A 25 -3.47 9.36 6.14
CA VAL A 25 -3.15 8.65 4.91
C VAL A 25 -2.71 7.21 5.21
N TYR A 26 -2.01 7.04 6.33
CA TYR A 26 -1.52 5.72 6.73
C TYR A 26 -2.69 4.80 7.06
N ASN A 27 -3.62 5.30 7.87
CA ASN A 27 -4.80 4.52 8.26
C ASN A 27 -5.61 4.11 7.04
N ASP A 28 -5.92 5.07 6.19
CA ASP A 28 -6.69 4.81 4.98
C ASP A 28 -6.04 3.72 4.14
N PHE A 29 -4.73 3.83 3.95
CA PHE A 29 -3.99 2.84 3.17
C PHE A 29 -4.19 1.45 3.76
N LEU A 30 -4.09 1.34 5.08
CA LEU A 30 -4.27 0.07 5.77
C LEU A 30 -5.62 -0.54 5.42
N ASP A 31 -6.67 0.27 5.55
CA ASP A 31 -8.03 -0.18 5.25
C ASP A 31 -8.12 -0.79 3.85
N ILE A 32 -7.61 -0.06 2.87
CA ILE A 32 -7.64 -0.51 1.48
C ILE A 32 -6.95 -1.86 1.32
N MET A 33 -5.73 -1.98 1.87
CA MET A 33 -4.98 -3.22 1.79
C MET A 33 -5.72 -4.37 2.45
N LYS A 34 -6.49 -4.05 3.50
CA LYS A 34 -7.25 -5.06 4.22
C LYS A 34 -8.42 -5.58 3.38
N GLU A 35 -9.05 -4.67 2.65
CA GLU A 35 -10.18 -5.04 1.80
C GLU A 35 -9.72 -5.88 0.61
N PHE A 36 -8.54 -5.55 0.08
CA PHE A 36 -7.98 -6.29 -1.06
C PHE A 36 -7.40 -7.62 -0.61
N LYS A 37 -6.94 -7.67 0.63
CA LYS A 37 -6.35 -8.88 1.19
C LYS A 37 -7.44 -9.89 1.57
N SER A 38 -8.58 -9.38 2.01
CA SER A 38 -9.70 -10.22 2.41
C SER A 38 -10.60 -10.53 1.22
N GLN A 39 -10.12 -10.20 0.03
CA GLN A 39 -10.88 -10.43 -1.20
C GLN A 39 -12.23 -9.71 -1.16
N SER A 40 -12.24 -8.49 -1.70
CA SER A 40 -13.46 -7.68 -1.73
C SER A 40 -13.50 -6.82 -2.99
N ILE A 41 -12.32 -6.43 -3.47
CA ILE A 41 -12.22 -5.61 -4.67
C ILE A 41 -11.36 -6.27 -5.73
N ASP A 42 -11.21 -5.62 -6.87
CA ASP A 42 -10.41 -6.15 -7.97
C ASP A 42 -9.02 -5.50 -7.98
N THR A 43 -8.15 -6.00 -8.86
CA THR A 43 -6.80 -5.47 -8.97
C THR A 43 -6.82 -3.99 -9.38
N PRO A 44 -7.56 -3.64 -10.46
CA PRO A 44 -7.64 -2.24 -10.92
C PRO A 44 -8.16 -1.32 -9.82
N GLY A 45 -9.00 -1.86 -8.95
CA GLY A 45 -9.56 -1.08 -7.86
C GLY A 45 -8.50 -0.62 -6.87
N VAL A 46 -7.82 -1.58 -6.26
CA VAL A 46 -6.78 -1.27 -5.28
C VAL A 46 -5.69 -0.39 -5.90
N ILE A 47 -5.39 -0.63 -7.17
CA ILE A 47 -4.37 0.14 -7.87
C ILE A 47 -4.81 1.60 -8.03
N SER A 48 -6.09 1.79 -8.31
CA SER A 48 -6.64 3.14 -8.49
C SER A 48 -6.72 3.88 -7.15
N ARG A 49 -7.10 3.15 -6.10
CA ARG A 49 -7.22 3.74 -4.77
C ARG A 49 -5.85 4.22 -4.26
N VAL A 50 -4.83 3.40 -4.46
CA VAL A 50 -3.48 3.73 -4.01
C VAL A 50 -2.87 4.83 -4.88
N SER A 51 -3.11 4.76 -6.19
CA SER A 51 -2.58 5.76 -7.12
C SER A 51 -3.15 7.13 -6.82
N GLN A 52 -4.42 7.17 -6.43
CA GLN A 52 -5.08 8.43 -6.11
C GLN A 52 -4.73 8.91 -4.71
N LEU A 53 -4.51 7.95 -3.80
CA LEU A 53 -4.16 8.28 -2.42
C LEU A 53 -2.82 9.00 -2.35
N PHE A 54 -1.85 8.50 -3.09
CA PHE A 54 -0.52 9.10 -3.11
C PHE A 54 -0.36 10.03 -4.31
N LYS A 55 -1.46 10.68 -4.69
CA LYS A 55 -1.44 11.62 -5.81
C LYS A 55 -0.43 12.74 -5.58
N GLY A 56 0.69 12.66 -6.27
CA GLY A 56 1.73 13.67 -6.13
C GLY A 56 3.10 13.06 -5.88
N HIS A 57 3.11 11.92 -5.20
CA HIS A 57 4.37 11.23 -4.90
C HIS A 57 4.55 10.02 -5.81
N PRO A 58 5.35 10.15 -6.89
CA PRO A 58 5.61 9.06 -7.82
C PRO A 58 6.51 7.99 -7.23
N ASP A 59 7.01 8.25 -6.02
CA ASP A 59 7.89 7.30 -5.35
C ASP A 59 7.09 6.14 -4.76
N LEU A 60 6.04 6.47 -4.01
CA LEU A 60 5.19 5.46 -3.39
C LEU A 60 4.51 4.60 -4.45
N ILE A 61 3.97 5.25 -5.48
CA ILE A 61 3.29 4.55 -6.56
C ILE A 61 4.19 3.48 -7.17
N MET A 62 5.44 3.87 -7.46
CA MET A 62 6.40 2.94 -8.05
C MET A 62 6.70 1.80 -7.07
N GLY A 63 6.81 2.13 -5.79
CA GLY A 63 7.09 1.12 -4.78
C GLY A 63 5.93 0.15 -4.60
N PHE A 64 4.73 0.61 -4.93
CA PHE A 64 3.54 -0.22 -4.80
C PHE A 64 3.43 -1.19 -5.98
N ASN A 65 3.75 -0.70 -7.17
CA ASN A 65 3.70 -1.52 -8.38
C ASN A 65 4.56 -2.76 -8.23
N THR A 66 5.60 -2.66 -7.40
CA THR A 66 6.51 -3.77 -7.16
C THR A 66 6.10 -4.54 -5.91
N PHE A 67 5.30 -3.91 -5.07
CA PHE A 67 4.82 -4.51 -3.84
C PHE A 67 3.90 -5.70 -4.13
N LEU A 68 3.26 -5.66 -5.29
CA LEU A 68 2.35 -6.72 -5.70
C LEU A 68 3.06 -8.07 -5.75
N PRO A 69 2.32 -9.17 -5.55
CA PRO A 69 2.90 -10.52 -5.58
C PRO A 69 3.32 -10.95 -6.99
N PRO A 70 4.35 -11.80 -7.11
CA PRO A 70 4.82 -12.28 -8.42
C PRO A 70 3.87 -13.30 -9.04
N GLY A 71 3.23 -14.10 -8.20
CA GLY A 71 2.30 -15.10 -8.69
C GLY A 71 2.49 -16.45 -8.00
N GLN A 1 1.75 -18.55 15.59
CA GLN A 1 1.82 -17.18 16.16
C GLN A 1 0.83 -16.25 15.48
N ARG A 2 0.19 -16.76 14.43
CA ARG A 2 -0.80 -16.00 13.68
C ARG A 2 -0.16 -14.75 13.06
N LEU A 3 0.17 -14.85 11.76
CA LEU A 3 0.79 -13.74 11.03
C LEU A 3 2.17 -13.42 11.59
N LYS A 4 3.13 -13.25 10.69
CA LYS A 4 4.49 -12.92 11.09
C LYS A 4 5.08 -11.84 10.20
N VAL A 5 6.15 -11.20 10.67
CA VAL A 5 6.79 -10.13 9.92
C VAL A 5 8.29 -10.40 9.77
N GLU A 6 8.67 -10.89 8.59
CA GLU A 6 10.06 -11.19 8.31
C GLU A 6 10.68 -10.14 7.41
N ASP A 7 9.97 -9.77 6.34
CA ASP A 7 10.45 -8.77 5.40
C ASP A 7 9.29 -8.14 4.64
N ALA A 8 8.79 -7.01 5.14
CA ALA A 8 7.68 -6.31 4.51
C ALA A 8 7.62 -4.86 4.95
N LEU A 9 8.41 -4.52 5.98
CA LEU A 9 8.45 -3.16 6.49
C LEU A 9 9.29 -2.26 5.60
N SER A 10 9.78 -2.82 4.49
CA SER A 10 10.59 -2.07 3.55
C SER A 10 9.80 -0.93 2.92
N TYR A 11 8.66 -1.29 2.33
CA TYR A 11 7.79 -0.30 1.69
C TYR A 11 7.03 0.52 2.73
N LEU A 12 6.54 -0.15 3.76
CA LEU A 12 5.80 0.52 4.83
C LEU A 12 6.66 1.59 5.49
N ASP A 13 7.98 1.37 5.50
CA ASP A 13 8.90 2.34 6.10
C ASP A 13 8.91 3.63 5.29
N GLN A 14 8.82 3.49 3.97
CA GLN A 14 8.81 4.65 3.09
C GLN A 14 7.51 5.43 3.26
N VAL A 15 6.40 4.72 3.29
CA VAL A 15 5.09 5.34 3.47
C VAL A 15 5.04 6.12 4.79
N LYS A 16 5.54 5.49 5.85
CA LYS A 16 5.56 6.11 7.16
C LYS A 16 6.58 7.24 7.23
N LEU A 17 7.63 7.15 6.41
CA LEU A 17 8.67 8.17 6.38
C LEU A 17 8.16 9.47 5.76
N GLN A 18 7.56 9.35 4.57
CA GLN A 18 7.04 10.51 3.87
C GLN A 18 5.79 11.06 4.55
N PHE A 19 5.04 10.17 5.20
CA PHE A 19 3.83 10.58 5.89
C PHE A 19 3.85 10.13 7.35
N GLY A 20 4.11 11.09 8.24
CA GLY A 20 4.15 10.79 9.67
C GLY A 20 3.26 11.70 10.48
N SER A 21 3.07 12.93 10.00
CA SER A 21 2.24 13.91 10.69
C SER A 21 0.76 13.71 10.35
N GLN A 22 0.50 12.90 9.33
CA GLN A 22 -0.87 12.63 8.89
C GLN A 22 -1.20 11.14 9.04
N PRO A 23 -1.64 10.71 10.24
CA PRO A 23 -1.99 9.30 10.48
C PRO A 23 -3.13 8.82 9.59
N GLN A 24 -3.90 9.77 9.06
CA GLN A 24 -5.03 9.44 8.19
C GLN A 24 -4.56 8.77 6.91
N VAL A 25 -3.38 9.16 6.42
CA VAL A 25 -2.83 8.60 5.21
C VAL A 25 -2.49 7.12 5.39
N TYR A 26 -1.77 6.82 6.47
CA TYR A 26 -1.37 5.46 6.77
C TYR A 26 -2.60 4.59 7.02
N ASN A 27 -3.56 5.14 7.75
CA ASN A 27 -4.79 4.44 8.08
C ASN A 27 -5.56 4.08 6.81
N ASP A 28 -5.67 5.05 5.91
CA ASP A 28 -6.37 4.84 4.65
C ASP A 28 -5.73 3.72 3.85
N PHE A 29 -4.40 3.74 3.77
CA PHE A 29 -3.66 2.72 3.05
C PHE A 29 -4.00 1.33 3.57
N LEU A 30 -3.94 1.17 4.89
CA LEU A 30 -4.24 -0.11 5.52
C LEU A 30 -5.67 -0.54 5.23
N ASP A 31 -6.57 0.44 5.16
CA ASP A 31 -7.98 0.16 4.89
C ASP A 31 -8.16 -0.47 3.51
N ILE A 32 -7.64 0.21 2.50
CA ILE A 32 -7.73 -0.28 1.13
C ILE A 32 -7.13 -1.68 1.00
N MET A 33 -5.96 -1.86 1.59
CA MET A 33 -5.27 -3.14 1.54
C MET A 33 -6.08 -4.23 2.21
N LYS A 34 -6.82 -3.87 3.27
CA LYS A 34 -7.65 -4.83 3.99
C LYS A 34 -8.85 -5.22 3.14
N GLU A 35 -9.33 -4.27 2.33
CA GLU A 35 -10.47 -4.52 1.46
C GLU A 35 -10.08 -5.47 0.33
N PHE A 36 -8.85 -5.31 -0.17
CA PHE A 36 -8.34 -6.15 -1.24
C PHE A 36 -7.97 -7.54 -0.71
N LYS A 37 -7.48 -7.58 0.53
CA LYS A 37 -7.10 -8.85 1.15
C LYS A 37 -8.33 -9.71 1.44
N SER A 38 -9.48 -9.05 1.61
CA SER A 38 -10.72 -9.77 1.90
C SER A 38 -11.39 -10.24 0.61
N GLN A 39 -10.64 -10.18 -0.49
CA GLN A 39 -11.15 -10.61 -1.79
C GLN A 39 -12.40 -9.82 -2.19
N SER A 40 -12.57 -8.65 -1.59
CA SER A 40 -13.73 -7.81 -1.87
C SER A 40 -13.55 -7.09 -3.21
N ILE A 41 -12.51 -6.27 -3.30
CA ILE A 41 -12.24 -5.52 -4.53
C ILE A 41 -11.26 -6.28 -5.42
N ASP A 42 -11.15 -5.84 -6.67
CA ASP A 42 -10.25 -6.48 -7.62
C ASP A 42 -8.86 -5.83 -7.57
N THR A 43 -7.99 -6.23 -8.49
CA THR A 43 -6.63 -5.68 -8.54
C THR A 43 -6.61 -4.21 -8.98
N PRO A 44 -7.29 -3.88 -10.11
CA PRO A 44 -7.32 -2.49 -10.60
C PRO A 44 -7.92 -1.53 -9.57
N GLY A 45 -8.76 -2.06 -8.68
CA GLY A 45 -9.37 -1.24 -7.66
C GLY A 45 -8.40 -0.78 -6.61
N VAL A 46 -7.63 -1.72 -6.06
CA VAL A 46 -6.65 -1.39 -5.03
C VAL A 46 -5.52 -0.54 -5.59
N ILE A 47 -5.10 -0.83 -6.82
CA ILE A 47 -4.04 -0.07 -7.46
C ILE A 47 -4.46 1.37 -7.72
N SER A 48 -5.69 1.55 -8.20
CA SER A 48 -6.21 2.88 -8.50
C SER A 48 -6.35 3.71 -7.22
N ARG A 49 -6.91 3.10 -6.18
CA ARG A 49 -7.08 3.80 -4.91
C ARG A 49 -5.75 4.25 -4.33
N VAL A 50 -4.76 3.36 -4.35
CA VAL A 50 -3.44 3.68 -3.83
C VAL A 50 -2.78 4.79 -4.65
N SER A 51 -3.00 4.77 -5.96
CA SER A 51 -2.43 5.77 -6.84
C SER A 51 -2.99 7.16 -6.51
N GLN A 52 -4.29 7.23 -6.23
CA GLN A 52 -4.93 8.49 -5.89
C GLN A 52 -4.60 8.90 -4.46
N LEU A 53 -4.31 7.91 -3.62
CA LEU A 53 -3.99 8.17 -2.22
C LEU A 53 -2.63 8.86 -2.10
N PHE A 54 -1.68 8.42 -2.92
CA PHE A 54 -0.33 8.98 -2.91
C PHE A 54 -0.11 9.89 -4.10
N LYS A 55 -1.19 10.48 -4.59
CA LYS A 55 -1.12 11.38 -5.75
C LYS A 55 -0.12 12.50 -5.50
N GLY A 56 1.03 12.42 -6.16
CA GLY A 56 2.06 13.43 -6.01
C GLY A 56 3.45 12.85 -5.82
N HIS A 57 3.50 11.60 -5.35
CA HIS A 57 4.77 10.92 -5.13
C HIS A 57 4.90 9.69 -6.04
N PRO A 58 5.61 9.83 -7.18
CA PRO A 58 5.79 8.72 -8.12
C PRO A 58 6.56 7.56 -7.51
N ASP A 59 7.15 7.79 -6.33
CA ASP A 59 7.92 6.76 -5.64
C ASP A 59 6.99 5.76 -4.96
N LEU A 60 6.07 6.27 -4.14
CA LEU A 60 5.13 5.41 -3.43
C LEU A 60 4.28 4.59 -4.40
N ILE A 61 3.82 5.25 -5.47
CA ILE A 61 3.00 4.59 -6.47
C ILE A 61 3.76 3.45 -7.15
N MET A 62 4.94 3.77 -7.67
CA MET A 62 5.78 2.79 -8.34
C MET A 62 6.21 1.68 -7.38
N GLY A 63 6.23 2.02 -6.10
CA GLY A 63 6.62 1.05 -5.08
C GLY A 63 5.55 0.00 -4.83
N PHE A 64 4.31 0.45 -4.72
CA PHE A 64 3.19 -0.45 -4.47
C PHE A 64 2.88 -1.27 -5.72
N ASN A 65 3.13 -0.68 -6.89
CA ASN A 65 2.88 -1.36 -8.16
C ASN A 65 3.72 -2.63 -8.28
N THR A 66 4.90 -2.61 -7.67
CA THR A 66 5.80 -3.75 -7.70
C THR A 66 5.79 -4.49 -6.36
N PHE A 67 5.01 -3.96 -5.42
CA PHE A 67 4.90 -4.57 -4.10
C PHE A 67 3.89 -5.71 -4.11
N LEU A 68 3.08 -5.77 -5.16
CA LEU A 68 2.07 -6.82 -5.29
C LEU A 68 2.71 -8.21 -5.20
N PRO A 69 1.96 -9.19 -4.67
CA PRO A 69 2.46 -10.56 -4.53
C PRO A 69 2.59 -11.27 -5.88
N PRO A 70 3.37 -12.38 -5.94
CA PRO A 70 3.56 -13.14 -7.18
C PRO A 70 2.28 -13.80 -7.66
N GLY A 71 2.12 -13.88 -8.98
CA GLY A 71 0.94 -14.49 -9.56
C GLY A 71 0.91 -15.99 -9.37
N GLN A 1 0.69 -8.04 8.41
CA GLN A 1 1.25 -8.97 9.42
C GLN A 1 0.59 -10.34 9.31
N ARG A 2 -0.42 -10.44 8.45
CA ARG A 2 -1.13 -11.69 8.24
C ARG A 2 -0.30 -12.64 7.39
N LEU A 3 0.47 -12.09 6.48
CA LEU A 3 1.32 -12.88 5.60
C LEU A 3 2.68 -12.20 5.39
N LYS A 4 3.69 -13.00 5.07
CA LYS A 4 5.04 -12.48 4.85
C LYS A 4 5.63 -11.89 6.12
N VAL A 5 6.96 -11.92 6.22
CA VAL A 5 7.64 -11.40 7.39
C VAL A 5 8.82 -10.50 6.99
N GLU A 6 8.81 -9.27 7.50
CA GLU A 6 9.87 -8.29 7.21
C GLU A 6 9.81 -7.80 5.77
N ASP A 7 9.21 -8.59 4.88
CA ASP A 7 9.09 -8.22 3.48
C ASP A 7 7.82 -7.40 3.25
N ALA A 8 6.97 -7.33 4.27
CA ALA A 8 5.72 -6.59 4.18
C ALA A 8 5.90 -5.18 4.71
N LEU A 9 6.72 -5.03 5.74
CA LEU A 9 6.98 -3.72 6.34
C LEU A 9 7.95 -2.91 5.50
N SER A 10 8.50 -3.55 4.47
CA SER A 10 9.46 -2.89 3.58
C SER A 10 8.84 -1.65 2.96
N TYR A 11 7.77 -1.85 2.17
CA TYR A 11 7.09 -0.74 1.52
C TYR A 11 6.34 0.11 2.54
N LEU A 12 5.76 -0.54 3.54
CA LEU A 12 5.02 0.15 4.59
C LEU A 12 5.92 1.15 5.32
N ASP A 13 7.22 0.85 5.32
CA ASP A 13 8.19 1.73 5.97
C ASP A 13 8.35 3.02 5.19
N GLN A 14 8.37 2.90 3.86
CA GLN A 14 8.51 4.07 2.99
C GLN A 14 7.29 4.96 3.13
N VAL A 15 6.12 4.35 3.13
CA VAL A 15 4.86 5.10 3.26
C VAL A 15 4.82 5.83 4.60
N LYS A 16 5.21 5.14 5.65
CA LYS A 16 5.21 5.71 7.00
C LYS A 16 6.32 6.75 7.15
N LEU A 17 7.36 6.62 6.33
CA LEU A 17 8.49 7.55 6.38
C LEU A 17 8.09 8.91 5.83
N GLN A 18 7.55 8.93 4.61
CA GLN A 18 7.13 10.18 3.98
C GLN A 18 5.87 10.72 4.65
N PHE A 19 5.00 9.82 5.08
CA PHE A 19 3.76 10.22 5.74
C PHE A 19 3.75 9.78 7.20
N GLY A 20 4.06 10.72 8.10
CA GLY A 20 4.09 10.41 9.51
C GLY A 20 3.30 11.41 10.34
N SER A 21 3.47 12.69 10.04
CA SER A 21 2.78 13.75 10.76
C SER A 21 1.27 13.68 10.51
N GLN A 22 0.89 12.98 9.44
CA GLN A 22 -0.52 12.83 9.08
C GLN A 22 -0.95 11.37 9.18
N PRO A 23 -1.52 10.96 10.32
CA PRO A 23 -1.98 9.58 10.53
C PRO A 23 -3.23 9.25 9.72
N GLN A 24 -3.74 10.24 9.00
CA GLN A 24 -4.93 10.07 8.18
C GLN A 24 -4.61 9.30 6.90
N VAL A 25 -3.46 9.62 6.30
CA VAL A 25 -3.03 8.97 5.08
C VAL A 25 -2.63 7.52 5.33
N TYR A 26 -1.83 7.31 6.37
CA TYR A 26 -1.37 5.98 6.73
C TYR A 26 -2.54 5.07 7.09
N ASN A 27 -3.43 5.56 7.95
CA ASN A 27 -4.60 4.80 8.37
C ASN A 27 -5.45 4.40 7.17
N ASP A 28 -5.70 5.36 6.28
CA ASP A 28 -6.50 5.11 5.08
C ASP A 28 -5.91 3.98 4.26
N PHE A 29 -4.60 4.06 4.02
CA PHE A 29 -3.91 3.02 3.24
C PHE A 29 -4.10 1.66 3.87
N LEU A 30 -4.01 1.61 5.19
CA LEU A 30 -4.20 0.35 5.92
C LEU A 30 -5.57 -0.24 5.64
N ASP A 31 -6.60 0.60 5.71
CA ASP A 31 -7.97 0.16 5.45
C ASP A 31 -8.07 -0.49 4.08
N ILE A 32 -7.58 0.21 3.06
CA ILE A 32 -7.60 -0.31 1.70
C ILE A 32 -6.90 -1.66 1.62
N MET A 33 -5.80 -1.80 2.36
CA MET A 33 -5.04 -3.03 2.37
C MET A 33 -5.86 -4.18 2.96
N LYS A 34 -6.68 -3.85 3.97
CA LYS A 34 -7.52 -4.84 4.62
C LYS A 34 -8.62 -5.33 3.67
N GLU A 35 -9.17 -4.39 2.90
CA GLU A 35 -10.23 -4.70 1.95
C GLU A 35 -9.72 -5.64 0.86
N PHE A 36 -8.54 -5.35 0.33
CA PHE A 36 -7.94 -6.16 -0.71
C PHE A 36 -7.40 -7.48 -0.15
N LYS A 37 -7.07 -7.47 1.14
CA LYS A 37 -6.54 -8.67 1.80
C LYS A 37 -7.66 -9.69 2.01
N SER A 38 -8.86 -9.20 2.30
CA SER A 38 -10.01 -10.07 2.53
C SER A 38 -10.68 -10.43 1.21
N GLN A 39 -10.02 -10.09 0.11
CA GLN A 39 -10.55 -10.38 -1.22
C GLN A 39 -11.92 -9.72 -1.43
N SER A 40 -11.90 -8.51 -1.99
CA SER A 40 -13.14 -7.78 -2.25
C SER A 40 -13.01 -6.95 -3.53
N ILE A 41 -11.87 -6.30 -3.69
CA ILE A 41 -11.61 -5.49 -4.86
C ILE A 41 -10.59 -6.15 -5.79
N ASP A 42 -10.69 -5.87 -7.08
CA ASP A 42 -9.78 -6.45 -8.06
C ASP A 42 -8.40 -5.79 -8.00
N THR A 43 -7.47 -6.32 -8.78
CA THR A 43 -6.11 -5.79 -8.83
C THR A 43 -6.10 -4.32 -9.27
N PRO A 44 -6.75 -3.98 -10.41
CA PRO A 44 -6.79 -2.60 -10.91
C PRO A 44 -7.46 -1.66 -9.91
N GLY A 45 -8.36 -2.22 -9.11
CA GLY A 45 -9.07 -1.44 -8.12
C GLY A 45 -8.14 -0.93 -7.03
N VAL A 46 -7.47 -1.85 -6.35
CA VAL A 46 -6.55 -1.48 -5.27
C VAL A 46 -5.42 -0.60 -5.80
N ILE A 47 -4.92 -0.91 -6.99
CA ILE A 47 -3.84 -0.13 -7.59
C ILE A 47 -4.30 1.31 -7.82
N SER A 48 -5.54 1.47 -8.27
CA SER A 48 -6.09 2.79 -8.53
C SER A 48 -6.28 3.54 -7.21
N ARG A 49 -6.61 2.81 -6.16
CA ARG A 49 -6.82 3.40 -4.84
C ARG A 49 -5.52 4.00 -4.31
N VAL A 50 -4.43 3.25 -4.45
CA VAL A 50 -3.12 3.71 -3.99
C VAL A 50 -2.58 4.82 -4.87
N SER A 51 -2.85 4.72 -6.18
CA SER A 51 -2.39 5.72 -7.14
C SER A 51 -3.02 7.08 -6.84
N GLN A 52 -4.31 7.09 -6.54
CA GLN A 52 -5.03 8.32 -6.23
C GLN A 52 -4.63 8.83 -4.86
N LEU A 53 -4.51 7.92 -3.90
CA LEU A 53 -4.12 8.28 -2.54
C LEU A 53 -2.78 9.01 -2.52
N PHE A 54 -1.93 8.67 -3.48
CA PHE A 54 -0.62 9.29 -3.59
C PHE A 54 -0.43 9.92 -4.97
N LYS A 55 -0.97 11.12 -5.14
CA LYS A 55 -0.87 11.83 -6.41
C LYS A 55 0.27 12.84 -6.38
N GLY A 56 0.68 13.25 -5.19
CA GLY A 56 1.76 14.20 -5.04
C GLY A 56 3.11 13.54 -4.98
N HIS A 57 3.11 12.21 -4.84
CA HIS A 57 4.35 11.45 -4.76
C HIS A 57 4.30 10.24 -5.68
N PRO A 58 4.97 10.30 -6.86
CA PRO A 58 4.99 9.20 -7.83
C PRO A 58 5.91 8.06 -7.39
N ASP A 59 6.66 8.30 -6.32
CA ASP A 59 7.58 7.29 -5.79
C ASP A 59 6.83 6.10 -5.22
N LEU A 60 5.87 6.38 -4.35
CA LEU A 60 5.07 5.33 -3.72
C LEU A 60 4.31 4.52 -4.78
N ILE A 61 3.82 5.19 -5.80
CA ILE A 61 3.08 4.53 -6.87
C ILE A 61 3.91 3.41 -7.49
N MET A 62 5.15 3.75 -7.86
CA MET A 62 6.04 2.77 -8.46
C MET A 62 6.41 1.68 -7.47
N GLY A 63 6.59 2.08 -6.21
CA GLY A 63 6.94 1.11 -5.18
C GLY A 63 5.85 0.09 -4.93
N PHE A 64 4.59 0.52 -5.05
CA PHE A 64 3.46 -0.37 -4.84
C PHE A 64 3.21 -1.24 -6.07
N ASN A 65 3.50 -0.69 -7.24
CA ASN A 65 3.31 -1.42 -8.49
C ASN A 65 4.18 -2.67 -8.53
N THR A 66 5.25 -2.65 -7.74
CA THR A 66 6.17 -3.79 -7.68
C THR A 66 6.07 -4.50 -6.34
N PHE A 67 4.92 -4.37 -5.68
CA PHE A 67 4.70 -4.99 -4.38
C PHE A 67 3.37 -5.73 -4.34
N LEU A 68 2.40 -5.25 -5.10
CA LEU A 68 1.07 -5.87 -5.14
C LEU A 68 1.09 -7.13 -5.99
N PRO A 69 0.15 -8.07 -5.72
CA PRO A 69 0.06 -9.33 -6.48
C PRO A 69 -0.65 -9.15 -7.81
N PRO A 70 0.09 -9.27 -8.94
CA PRO A 70 -0.50 -9.11 -10.27
C PRO A 70 -1.57 -10.16 -10.57
N GLY A 71 -2.54 -9.79 -11.39
CA GLY A 71 -3.62 -10.71 -11.74
C GLY A 71 -4.06 -10.56 -13.18
N GLN A 1 3.59 -20.89 15.00
CA GLN A 1 4.19 -19.68 14.37
C GLN A 1 3.35 -18.45 14.68
N ARG A 2 4.02 -17.34 14.99
CA ARG A 2 3.34 -16.09 15.30
C ARG A 2 4.06 -14.91 14.68
N LEU A 3 3.28 -13.94 14.17
CA LEU A 3 3.83 -12.74 13.55
C LEU A 3 4.59 -13.07 12.27
N LYS A 4 4.58 -12.15 11.32
CA LYS A 4 5.26 -12.33 10.04
C LYS A 4 5.71 -10.99 9.47
N VAL A 5 7.01 -10.87 9.22
CA VAL A 5 7.56 -9.64 8.67
C VAL A 5 9.04 -9.80 8.33
N GLU A 6 9.45 -9.24 7.19
CA GLU A 6 10.84 -9.31 6.75
C GLU A 6 11.11 -8.30 5.64
N ASP A 7 10.42 -8.48 4.51
CA ASP A 7 10.58 -7.58 3.38
C ASP A 7 9.26 -6.92 3.02
N ALA A 8 8.22 -7.22 3.80
CA ALA A 8 6.89 -6.66 3.57
C ALA A 8 6.78 -5.26 4.16
N LEU A 9 7.57 -5.01 5.21
CA LEU A 9 7.56 -3.70 5.87
C LEU A 9 8.49 -2.73 5.16
N SER A 10 9.17 -3.21 4.12
CA SER A 10 10.10 -2.38 3.35
C SER A 10 9.38 -1.18 2.75
N TYR A 11 8.28 -1.44 2.05
CA TYR A 11 7.49 -0.37 1.43
C TYR A 11 6.72 0.43 2.48
N LEU A 12 6.09 -0.29 3.41
CA LEU A 12 5.32 0.36 4.46
C LEU A 12 6.18 1.35 5.24
N ASP A 13 7.48 1.05 5.34
CA ASP A 13 8.41 1.91 6.04
C ASP A 13 8.52 3.26 5.33
N GLN A 14 8.69 3.21 4.02
CA GLN A 14 8.80 4.42 3.21
C GLN A 14 7.55 5.27 3.37
N VAL A 15 6.39 4.64 3.21
CA VAL A 15 5.12 5.35 3.33
C VAL A 15 4.99 5.99 4.71
N LYS A 16 5.54 5.32 5.72
CA LYS A 16 5.50 5.81 7.09
C LYS A 16 6.42 7.02 7.26
N LEU A 17 7.54 7.01 6.56
CA LEU A 17 8.52 8.10 6.64
C LEU A 17 7.99 9.36 5.95
N GLN A 18 7.61 9.23 4.69
CA GLN A 18 7.09 10.36 3.93
C GLN A 18 5.81 10.93 4.55
N PHE A 19 5.00 10.04 5.10
CA PHE A 19 3.74 10.45 5.73
C PHE A 19 3.74 10.11 7.21
N GLY A 20 3.87 11.14 8.05
CA GLY A 20 3.88 10.94 9.49
C GLY A 20 2.95 11.88 10.22
N SER A 21 2.95 13.14 9.81
CA SER A 21 2.10 14.15 10.43
C SER A 21 0.63 13.88 10.13
N GLN A 22 0.37 13.18 9.03
CA GLN A 22 -0.99 12.86 8.62
C GLN A 22 -1.24 11.35 8.75
N PRO A 23 -1.73 10.89 9.91
CA PRO A 23 -2.01 9.47 10.15
C PRO A 23 -3.25 8.98 9.39
N GLN A 24 -3.91 9.91 8.68
CA GLN A 24 -5.10 9.57 7.92
C GLN A 24 -4.73 8.80 6.64
N VAL A 25 -3.61 9.18 6.04
CA VAL A 25 -3.14 8.54 4.82
C VAL A 25 -2.72 7.10 5.10
N TYR A 26 -1.96 6.91 6.16
CA TYR A 26 -1.48 5.59 6.54
C TYR A 26 -2.64 4.66 6.90
N ASN A 27 -3.54 5.17 7.75
CA ASN A 27 -4.70 4.40 8.17
C ASN A 27 -5.55 3.99 6.96
N ASP A 28 -5.77 4.94 6.07
CA ASP A 28 -6.56 4.68 4.86
C ASP A 28 -5.94 3.56 4.05
N PHE A 29 -4.63 3.63 3.86
CA PHE A 29 -3.91 2.61 3.10
C PHE A 29 -4.13 1.23 3.72
N LEU A 30 -4.06 1.17 5.05
CA LEU A 30 -4.27 -0.09 5.76
C LEU A 30 -5.64 -0.67 5.44
N ASP A 31 -6.67 0.17 5.53
CA ASP A 31 -8.04 -0.27 5.25
C ASP A 31 -8.14 -0.86 3.85
N ILE A 32 -7.53 -0.19 2.88
CA ILE A 32 -7.56 -0.66 1.49
C ILE A 32 -6.97 -2.05 1.37
N MET A 33 -5.80 -2.26 1.98
CA MET A 33 -5.14 -3.55 1.93
C MET A 33 -5.96 -4.63 2.65
N LYS A 34 -6.64 -4.24 3.71
CA LYS A 34 -7.47 -5.16 4.47
C LYS A 34 -8.68 -5.63 3.66
N GLU A 35 -9.27 -4.69 2.92
CA GLU A 35 -10.42 -5.01 2.09
C GLU A 35 -10.04 -5.96 0.97
N PHE A 36 -8.92 -5.67 0.32
CA PHE A 36 -8.43 -6.50 -0.78
C PHE A 36 -7.97 -7.86 -0.26
N LYS A 37 -7.50 -7.89 0.98
CA LYS A 37 -7.03 -9.14 1.59
C LYS A 37 -8.20 -10.07 1.87
N SER A 38 -9.30 -9.51 2.34
CA SER A 38 -10.49 -10.31 2.65
C SER A 38 -11.39 -10.43 1.42
N GLN A 39 -10.83 -10.15 0.25
CA GLN A 39 -11.56 -10.23 -1.00
C GLN A 39 -12.75 -9.28 -1.00
N SER A 40 -12.58 -8.11 -1.59
CA SER A 40 -13.64 -7.12 -1.65
C SER A 40 -13.52 -6.26 -2.91
N ILE A 41 -12.28 -5.99 -3.31
CA ILE A 41 -12.03 -5.19 -4.50
C ILE A 41 -11.08 -5.91 -5.45
N ASP A 42 -11.17 -5.58 -6.74
CA ASP A 42 -10.32 -6.21 -7.74
C ASP A 42 -8.95 -5.53 -7.79
N THR A 43 -8.09 -5.97 -8.71
CA THR A 43 -6.76 -5.41 -8.83
C THR A 43 -6.79 -3.93 -9.22
N PRO A 44 -7.52 -3.56 -10.29
CA PRO A 44 -7.61 -2.16 -10.74
C PRO A 44 -8.14 -1.25 -9.63
N GLY A 45 -8.90 -1.84 -8.71
CA GLY A 45 -9.47 -1.07 -7.61
C GLY A 45 -8.42 -0.61 -6.62
N VAL A 46 -7.58 -1.55 -6.18
CA VAL A 46 -6.53 -1.23 -5.21
C VAL A 46 -5.46 -0.33 -5.86
N ILE A 47 -5.21 -0.54 -7.13
CA ILE A 47 -4.22 0.25 -7.85
C ILE A 47 -4.68 1.70 -8.02
N SER A 48 -5.98 1.86 -8.30
CA SER A 48 -6.55 3.19 -8.48
C SER A 48 -6.57 3.97 -7.17
N ARG A 49 -6.98 3.30 -6.10
CA ARG A 49 -7.06 3.94 -4.79
C ARG A 49 -5.68 4.37 -4.30
N VAL A 50 -4.70 3.47 -4.41
CA VAL A 50 -3.35 3.77 -3.98
C VAL A 50 -2.72 4.85 -4.84
N SER A 51 -3.00 4.83 -6.13
CA SER A 51 -2.47 5.82 -7.06
C SER A 51 -2.96 7.22 -6.69
N GLN A 52 -4.25 7.33 -6.38
CA GLN A 52 -4.83 8.62 -6.00
C GLN A 52 -4.40 9.01 -4.60
N LEU A 53 -4.10 7.99 -3.78
CA LEU A 53 -3.68 8.21 -2.40
C LEU A 53 -2.26 8.77 -2.36
N PHE A 54 -1.48 8.48 -3.40
CA PHE A 54 -0.10 8.95 -3.48
C PHE A 54 0.16 9.66 -4.80
N LYS A 55 -0.87 10.29 -5.34
CA LYS A 55 -0.75 11.02 -6.60
C LYS A 55 0.30 12.11 -6.50
N GLY A 56 0.56 12.56 -5.27
CA GLY A 56 1.54 13.60 -5.05
C GLY A 56 2.95 13.05 -4.94
N HIS A 57 3.05 11.77 -4.62
CA HIS A 57 4.35 11.12 -4.48
C HIS A 57 4.46 9.91 -5.42
N PRO A 58 4.91 10.14 -6.67
CA PRO A 58 5.07 9.06 -7.66
C PRO A 58 6.05 8.00 -7.21
N ASP A 59 6.89 8.34 -6.24
CA ASP A 59 7.89 7.41 -5.72
C ASP A 59 7.23 6.20 -5.08
N LEU A 60 6.33 6.45 -4.13
CA LEU A 60 5.64 5.37 -3.44
C LEU A 60 4.84 4.52 -4.42
N ILE A 61 4.27 5.16 -5.43
CA ILE A 61 3.49 4.45 -6.43
C ILE A 61 4.36 3.44 -7.16
N MET A 62 5.50 3.89 -7.65
CA MET A 62 6.44 3.02 -8.36
C MET A 62 6.83 1.83 -7.48
N GLY A 63 7.12 2.12 -6.22
CA GLY A 63 7.50 1.06 -5.29
C GLY A 63 6.37 0.09 -5.03
N PHE A 64 5.14 0.58 -5.12
CA PHE A 64 3.96 -0.25 -4.89
C PHE A 64 3.73 -1.18 -6.07
N ASN A 65 4.08 -0.72 -7.26
CA ASN A 65 3.92 -1.51 -8.48
C ASN A 65 4.62 -2.87 -8.35
N THR A 66 5.80 -2.86 -7.75
CA THR A 66 6.56 -4.09 -7.56
C THR A 66 6.23 -4.75 -6.23
N PHE A 67 5.48 -4.02 -5.39
CA PHE A 67 5.09 -4.53 -4.08
C PHE A 67 3.97 -5.57 -4.22
N LEU A 68 3.22 -5.48 -5.31
CA LEU A 68 2.13 -6.41 -5.56
C LEU A 68 2.63 -7.85 -5.65
N PRO A 69 1.90 -8.82 -5.05
CA PRO A 69 2.29 -10.23 -5.08
C PRO A 69 2.08 -10.86 -6.46
N PRO A 70 2.75 -12.01 -6.73
CA PRO A 70 2.63 -12.70 -8.01
C PRO A 70 1.18 -13.01 -8.38
N GLY A 71 0.43 -13.52 -7.40
CA GLY A 71 -0.97 -13.85 -7.65
C GLY A 71 -1.79 -13.84 -6.37
N GLN A 1 2.93 -19.82 16.34
CA GLN A 1 3.57 -19.86 14.99
C GLN A 1 4.27 -18.53 14.69
N ARG A 2 4.94 -18.48 13.54
CA ARG A 2 5.66 -17.28 13.12
C ARG A 2 5.42 -16.99 11.65
N LEU A 3 5.84 -15.81 11.20
CA LEU A 3 5.68 -15.42 9.81
C LEU A 3 6.96 -14.80 9.27
N LYS A 4 7.66 -14.07 10.13
CA LYS A 4 8.92 -13.43 9.75
C LYS A 4 8.72 -12.53 8.54
N VAL A 5 8.42 -11.25 8.78
CA VAL A 5 8.20 -10.29 7.71
C VAL A 5 9.41 -10.17 6.81
N GLU A 6 9.29 -10.69 5.60
CA GLU A 6 10.38 -10.64 4.62
C GLU A 6 10.15 -9.52 3.62
N ASP A 7 10.93 -8.44 3.73
CA ASP A 7 10.82 -7.31 2.83
C ASP A 7 9.42 -6.69 2.89
N ALA A 8 8.70 -6.98 3.98
CA ALA A 8 7.35 -6.46 4.16
C ALA A 8 7.37 -5.16 4.97
N LEU A 9 8.48 -4.91 5.66
CA LEU A 9 8.62 -3.72 6.48
C LEU A 9 9.50 -2.69 5.76
N SER A 10 9.54 -2.78 4.44
CA SER A 10 10.34 -1.86 3.63
C SER A 10 9.46 -0.75 3.05
N TYR A 11 8.47 -1.13 2.26
CA TYR A 11 7.56 -0.16 1.65
C TYR A 11 6.68 0.50 2.68
N LEU A 12 6.09 -0.29 3.56
CA LEU A 12 5.21 0.23 4.61
C LEU A 12 5.93 1.29 5.44
N ASP A 13 7.18 1.01 5.79
CA ASP A 13 7.98 1.95 6.57
C ASP A 13 8.17 3.25 5.80
N GLN A 14 8.26 3.14 4.48
CA GLN A 14 8.43 4.32 3.63
C GLN A 14 7.16 5.16 3.62
N VAL A 15 6.01 4.50 3.66
CA VAL A 15 4.73 5.19 3.66
C VAL A 15 4.57 6.01 4.94
N LYS A 16 4.87 5.38 6.07
CA LYS A 16 4.76 6.04 7.37
C LYS A 16 5.85 7.10 7.53
N LEU A 17 6.99 6.89 6.87
CA LEU A 17 8.11 7.82 6.94
C LEU A 17 7.79 9.13 6.21
N GLN A 18 7.41 9.00 4.95
CA GLN A 18 7.08 10.18 4.14
C GLN A 18 5.94 10.98 4.76
N PHE A 19 4.92 10.26 5.23
CA PHE A 19 3.76 10.90 5.84
C PHE A 19 3.80 10.74 7.36
N GLY A 20 4.23 11.79 8.05
CA GLY A 20 4.31 11.76 9.49
C GLY A 20 3.33 12.70 10.16
N SER A 21 3.12 13.86 9.54
CA SER A 21 2.20 14.85 10.07
C SER A 21 0.75 14.43 9.84
N GLN A 22 0.55 13.66 8.77
CA GLN A 22 -0.79 13.18 8.42
C GLN A 22 -0.85 11.65 8.50
N PRO A 23 -1.02 11.09 9.70
CA PRO A 23 -1.09 9.63 9.89
C PRO A 23 -2.38 9.04 9.35
N GLN A 24 -3.29 9.91 8.93
CA GLN A 24 -4.58 9.47 8.39
C GLN A 24 -4.37 8.66 7.11
N VAL A 25 -3.39 9.07 6.31
CA VAL A 25 -3.10 8.38 5.06
C VAL A 25 -2.66 6.94 5.32
N TYR A 26 -1.96 6.75 6.44
CA TYR A 26 -1.48 5.42 6.81
C TYR A 26 -2.65 4.49 7.11
N ASN A 27 -3.62 4.99 7.87
CA ASN A 27 -4.79 4.21 8.24
C ASN A 27 -5.60 3.84 7.00
N ASP A 28 -5.80 4.82 6.12
CA ASP A 28 -6.55 4.60 4.89
C ASP A 28 -5.89 3.54 4.02
N PHE A 29 -4.56 3.58 3.96
CA PHE A 29 -3.81 2.61 3.16
C PHE A 29 -4.02 1.20 3.68
N LEU A 30 -3.84 1.01 4.98
CA LEU A 30 -4.02 -0.30 5.61
C LEU A 30 -5.44 -0.81 5.39
N ASP A 31 -6.40 0.11 5.38
CA ASP A 31 -7.80 -0.25 5.19
C ASP A 31 -8.02 -0.85 3.81
N ILE A 32 -7.62 -0.11 2.77
CA ILE A 32 -7.78 -0.57 1.40
C ILE A 32 -7.07 -1.91 1.19
N MET A 33 -5.92 -2.07 1.86
CA MET A 33 -5.14 -3.29 1.75
C MET A 33 -5.86 -4.46 2.42
N LYS A 34 -6.46 -4.21 3.57
CA LYS A 34 -7.18 -5.25 4.30
C LYS A 34 -8.41 -5.70 3.51
N GLU A 35 -9.00 -4.76 2.77
CA GLU A 35 -10.17 -5.08 1.95
C GLU A 35 -9.76 -5.90 0.74
N PHE A 36 -8.60 -5.59 0.19
CA PHE A 36 -8.08 -6.31 -0.97
C PHE A 36 -7.76 -7.76 -0.60
N LYS A 37 -7.21 -7.95 0.59
CA LYS A 37 -6.85 -9.29 1.07
C LYS A 37 -8.11 -10.09 1.40
N SER A 38 -9.22 -9.38 1.59
CA SER A 38 -10.49 -10.03 1.92
C SER A 38 -11.25 -10.38 0.65
N GLN A 39 -10.58 -10.27 -0.49
CA GLN A 39 -11.19 -10.58 -1.79
C GLN A 39 -12.40 -9.68 -2.06
N SER A 40 -12.50 -8.60 -1.28
CA SER A 40 -13.60 -7.65 -1.44
C SER A 40 -13.49 -6.90 -2.76
N ILE A 41 -12.39 -6.16 -2.92
CA ILE A 41 -12.17 -5.38 -4.14
C ILE A 41 -11.32 -6.17 -5.13
N ASP A 42 -11.13 -5.59 -6.33
CA ASP A 42 -10.34 -6.23 -7.37
C ASP A 42 -8.95 -5.61 -7.45
N THR A 43 -8.15 -6.09 -8.41
CA THR A 43 -6.79 -5.58 -8.58
C THR A 43 -6.81 -4.13 -9.10
N PRO A 44 -7.57 -3.83 -10.17
CA PRO A 44 -7.64 -2.48 -10.72
C PRO A 44 -8.15 -1.47 -9.69
N GLY A 45 -9.03 -1.95 -8.80
CA GLY A 45 -9.59 -1.09 -7.77
C GLY A 45 -8.54 -0.60 -6.79
N VAL A 46 -7.82 -1.54 -6.18
CA VAL A 46 -6.78 -1.19 -5.21
C VAL A 46 -5.69 -0.34 -5.84
N ILE A 47 -5.33 -0.66 -7.08
CA ILE A 47 -4.28 0.08 -7.79
C ILE A 47 -4.68 1.54 -7.97
N SER A 48 -5.92 1.77 -8.41
CA SER A 48 -6.43 3.12 -8.62
C SER A 48 -6.47 3.90 -7.32
N ARG A 49 -7.03 3.29 -6.27
CA ARG A 49 -7.13 3.92 -4.96
C ARG A 49 -5.77 4.39 -4.46
N VAL A 50 -4.79 3.49 -4.50
CA VAL A 50 -3.44 3.81 -4.05
C VAL A 50 -2.83 4.94 -4.87
N SER A 51 -3.06 4.90 -6.18
CA SER A 51 -2.53 5.91 -7.08
C SER A 51 -3.07 7.29 -6.71
N GLN A 52 -4.34 7.34 -6.30
CA GLN A 52 -4.97 8.60 -5.91
C GLN A 52 -4.59 8.99 -4.49
N LEU A 53 -4.26 7.98 -3.68
CA LEU A 53 -3.88 8.22 -2.28
C LEU A 53 -2.50 8.86 -2.19
N PHE A 54 -1.61 8.47 -3.09
CA PHE A 54 -0.25 9.01 -3.11
C PHE A 54 -0.02 9.87 -4.35
N LYS A 55 -1.10 10.46 -4.84
CA LYS A 55 -1.02 11.32 -6.03
C LYS A 55 0.00 12.44 -5.84
N GLY A 56 1.17 12.27 -6.45
CA GLY A 56 2.22 13.27 -6.33
C GLY A 56 3.49 12.72 -5.73
N HIS A 57 3.59 11.39 -5.68
CA HIS A 57 4.77 10.73 -5.13
C HIS A 57 5.21 9.56 -6.00
N PRO A 58 6.09 9.81 -6.99
CA PRO A 58 6.58 8.76 -7.89
C PRO A 58 7.21 7.58 -7.15
N ASP A 59 7.67 7.83 -5.93
CA ASP A 59 8.31 6.80 -5.13
C ASP A 59 7.27 5.80 -4.60
N LEU A 60 6.28 6.32 -3.88
CA LEU A 60 5.23 5.48 -3.31
C LEU A 60 4.48 4.70 -4.39
N ILE A 61 4.08 5.40 -5.45
CA ILE A 61 3.34 4.78 -6.55
C ILE A 61 4.10 3.60 -7.14
N MET A 62 5.32 3.86 -7.60
CA MET A 62 6.16 2.81 -8.19
C MET A 62 6.45 1.71 -7.17
N GLY A 63 6.44 2.07 -5.90
CA GLY A 63 6.71 1.11 -4.85
C GLY A 63 5.63 0.05 -4.73
N PHE A 64 4.38 0.49 -4.65
CA PHE A 64 3.25 -0.43 -4.53
C PHE A 64 2.97 -1.13 -5.85
N ASN A 65 3.29 -0.45 -6.95
CA ASN A 65 3.07 -1.01 -8.29
C ASN A 65 3.82 -2.32 -8.46
N THR A 66 5.09 -2.33 -8.04
CA THR A 66 5.92 -3.52 -8.16
C THR A 66 5.76 -4.41 -6.93
N PHE A 67 4.97 -3.97 -5.97
CA PHE A 67 4.74 -4.73 -4.75
C PHE A 67 3.74 -5.84 -4.99
N LEU A 68 2.91 -5.68 -6.02
CA LEU A 68 1.90 -6.68 -6.37
C LEU A 68 2.56 -7.99 -6.79
N PRO A 69 1.91 -9.14 -6.49
CA PRO A 69 2.44 -10.45 -6.85
C PRO A 69 2.21 -10.79 -8.31
N PRO A 70 3.07 -11.64 -8.91
CA PRO A 70 2.94 -12.04 -10.31
C PRO A 70 1.91 -13.14 -10.51
N GLY A 71 1.30 -13.18 -11.69
CA GLY A 71 0.29 -14.17 -11.98
C GLY A 71 -1.12 -13.65 -11.83
N GLN A 1 -1.20 -19.11 -1.27
CA GLN A 1 -1.15 -17.71 -0.72
C GLN A 1 0.19 -17.44 -0.05
N ARG A 2 0.61 -16.18 -0.06
CA ARG A 2 1.87 -15.79 0.55
C ARG A 2 1.80 -15.88 2.07
N LEU A 3 2.92 -16.21 2.69
CA LEU A 3 2.98 -16.33 4.15
C LEU A 3 4.17 -15.54 4.69
N LYS A 4 4.99 -15.01 3.79
CA LYS A 4 6.16 -14.24 4.17
C LYS A 4 5.79 -12.77 4.42
N VAL A 5 6.03 -12.31 5.63
CA VAL A 5 5.72 -10.93 5.99
C VAL A 5 6.99 -10.13 6.24
N GLU A 6 8.13 -10.80 6.14
CA GLU A 6 9.43 -10.16 6.34
C GLU A 6 9.66 -9.07 5.30
N ASP A 7 9.08 -9.24 4.12
CA ASP A 7 9.23 -8.27 3.04
C ASP A 7 8.00 -7.39 2.91
N ALA A 8 7.08 -7.53 3.85
CA ALA A 8 5.85 -6.74 3.85
C ALA A 8 6.04 -5.40 4.55
N LEU A 9 6.68 -5.45 5.71
CA LEU A 9 6.93 -4.25 6.51
C LEU A 9 7.96 -3.35 5.83
N SER A 10 8.58 -3.85 4.77
CA SER A 10 9.59 -3.09 4.04
C SER A 10 9.00 -1.83 3.41
N TYR A 11 7.97 -2.02 2.60
CA TYR A 11 7.31 -0.90 1.91
C TYR A 11 6.42 -0.11 2.88
N LEU A 12 5.68 -0.83 3.72
CA LEU A 12 4.79 -0.19 4.69
C LEU A 12 5.52 0.87 5.50
N ASP A 13 6.71 0.53 5.99
CA ASP A 13 7.52 1.45 6.78
C ASP A 13 7.83 2.71 5.99
N GLN A 14 8.15 2.55 4.71
CA GLN A 14 8.46 3.68 3.85
C GLN A 14 7.26 4.62 3.73
N VAL A 15 6.07 4.03 3.62
CA VAL A 15 4.85 4.81 3.52
C VAL A 15 4.64 5.67 4.76
N LYS A 16 4.81 5.05 5.93
CA LYS A 16 4.63 5.75 7.20
C LYS A 16 5.74 6.78 7.42
N LEU A 17 6.88 6.55 6.79
CA LEU A 17 8.03 7.45 6.92
C LEU A 17 7.77 8.76 6.16
N GLN A 18 7.38 8.65 4.90
CA GLN A 18 7.11 9.82 4.07
C GLN A 18 5.96 10.64 4.64
N PHE A 19 4.98 9.96 5.22
CA PHE A 19 3.82 10.64 5.81
C PHE A 19 3.78 10.45 7.32
N GLY A 20 4.18 11.49 8.05
CA GLY A 20 4.18 11.43 9.50
C GLY A 20 3.29 12.48 10.14
N SER A 21 3.20 13.64 9.50
CA SER A 21 2.38 14.73 10.01
C SER A 21 0.90 14.47 9.73
N GLN A 22 0.63 13.49 8.88
CA GLN A 22 -0.75 13.14 8.53
C GLN A 22 -0.99 11.64 8.73
N PRO A 23 -1.53 11.26 9.92
CA PRO A 23 -1.81 9.85 10.22
C PRO A 23 -3.04 9.33 9.49
N GLN A 24 -3.82 10.24 8.91
CA GLN A 24 -5.03 9.87 8.18
C GLN A 24 -4.68 9.19 6.85
N VAL A 25 -3.53 9.56 6.30
CA VAL A 25 -3.09 8.99 5.02
C VAL A 25 -2.63 7.55 5.19
N TYR A 26 -1.70 7.33 6.11
CA TYR A 26 -1.19 5.99 6.37
C TYR A 26 -2.30 5.05 6.81
N ASN A 27 -3.22 5.57 7.62
CA ASN A 27 -4.34 4.77 8.10
C ASN A 27 -5.22 4.32 6.95
N ASP A 28 -5.48 5.23 6.02
CA ASP A 28 -6.31 4.93 4.85
C ASP A 28 -5.66 3.84 4.01
N PHE A 29 -4.34 3.95 3.82
CA PHE A 29 -3.60 2.97 3.04
C PHE A 29 -3.77 1.56 3.62
N LEU A 30 -3.51 1.44 4.92
CA LEU A 30 -3.64 0.16 5.60
C LEU A 30 -5.05 -0.40 5.42
N ASP A 31 -6.04 0.48 5.54
CA ASP A 31 -7.43 0.07 5.39
C ASP A 31 -7.67 -0.58 4.02
N ILE A 32 -7.19 0.06 2.97
CA ILE A 32 -7.34 -0.47 1.62
C ILE A 32 -6.70 -1.84 1.49
N MET A 33 -5.52 -1.99 2.09
CA MET A 33 -4.80 -3.25 2.05
C MET A 33 -5.61 -4.35 2.72
N LYS A 34 -6.31 -3.99 3.80
CA LYS A 34 -7.14 -4.95 4.52
C LYS A 34 -8.33 -5.38 3.67
N GLU A 35 -8.91 -4.42 2.94
CA GLU A 35 -10.04 -4.71 2.07
C GLU A 35 -9.63 -5.64 0.93
N PHE A 36 -8.44 -5.40 0.39
CA PHE A 36 -7.91 -6.22 -0.69
C PHE A 36 -7.59 -7.62 -0.20
N LYS A 37 -7.12 -7.71 1.04
CA LYS A 37 -6.78 -8.99 1.65
C LYS A 37 -8.03 -9.83 1.87
N SER A 38 -9.17 -9.17 1.94
CA SER A 38 -10.45 -9.85 2.16
C SER A 38 -11.13 -10.14 0.83
N GLN A 39 -10.41 -9.95 -0.26
CA GLN A 39 -10.94 -10.18 -1.61
C GLN A 39 -12.17 -9.32 -1.86
N SER A 40 -12.32 -8.26 -1.08
CA SER A 40 -13.44 -7.35 -1.22
C SER A 40 -13.34 -6.55 -2.51
N ILE A 41 -12.11 -6.17 -2.87
CA ILE A 41 -11.87 -5.39 -4.08
C ILE A 41 -10.97 -6.15 -5.04
N ASP A 42 -11.09 -5.84 -6.33
CA ASP A 42 -10.28 -6.49 -7.35
C ASP A 42 -8.88 -5.88 -7.42
N THR A 43 -8.09 -6.33 -8.38
CA THR A 43 -6.72 -5.84 -8.53
C THR A 43 -6.71 -4.39 -9.03
N PRO A 44 -7.39 -4.07 -10.15
CA PRO A 44 -7.42 -2.71 -10.68
C PRO A 44 -8.00 -1.71 -9.69
N GLY A 45 -8.81 -2.22 -8.77
CA GLY A 45 -9.42 -1.38 -7.75
C GLY A 45 -8.42 -0.87 -6.74
N VAL A 46 -7.65 -1.79 -6.15
CA VAL A 46 -6.66 -1.42 -5.16
C VAL A 46 -5.54 -0.60 -5.79
N ILE A 47 -5.18 -0.92 -7.03
CA ILE A 47 -4.13 -0.19 -7.72
C ILE A 47 -4.54 1.26 -7.99
N SER A 48 -5.75 1.44 -8.50
CA SER A 48 -6.27 2.77 -8.81
C SER A 48 -6.41 3.62 -7.55
N ARG A 49 -6.94 3.02 -6.49
CA ARG A 49 -7.14 3.73 -5.23
C ARG A 49 -5.80 4.17 -4.62
N VAL A 50 -4.86 3.24 -4.53
CA VAL A 50 -3.56 3.54 -3.95
C VAL A 50 -2.83 4.60 -4.78
N SER A 51 -3.01 4.56 -6.09
CA SER A 51 -2.38 5.54 -6.98
C SER A 51 -2.95 6.93 -6.75
N GLN A 52 -4.26 6.99 -6.55
CA GLN A 52 -4.93 8.28 -6.31
C GLN A 52 -4.69 8.75 -4.88
N LEU A 53 -4.44 7.81 -3.98
CA LEU A 53 -4.18 8.14 -2.58
C LEU A 53 -2.90 8.97 -2.43
N PHE A 54 -1.80 8.44 -2.95
CA PHE A 54 -0.52 9.13 -2.87
C PHE A 54 -0.37 10.13 -4.02
N LYS A 55 -1.46 10.81 -4.34
CA LYS A 55 -1.45 11.79 -5.43
C LYS A 55 -0.44 12.90 -5.15
N GLY A 56 0.69 12.85 -5.85
CA GLY A 56 1.73 13.87 -5.66
C GLY A 56 3.08 13.26 -5.37
N HIS A 57 3.10 11.95 -5.08
CA HIS A 57 4.35 11.26 -4.79
C HIS A 57 4.56 10.08 -5.73
N PRO A 58 5.23 10.30 -6.88
CA PRO A 58 5.49 9.24 -7.86
C PRO A 58 6.42 8.16 -7.31
N ASP A 59 6.94 8.38 -6.11
CA ASP A 59 7.84 7.43 -5.47
C ASP A 59 7.09 6.21 -4.98
N LEU A 60 6.13 6.43 -4.08
CA LEU A 60 5.33 5.35 -3.53
C LEU A 60 4.61 4.57 -4.62
N ILE A 61 4.02 5.30 -5.57
CA ILE A 61 3.30 4.67 -6.68
C ILE A 61 4.19 3.69 -7.42
N MET A 62 5.45 4.08 -7.64
CA MET A 62 6.40 3.23 -8.34
C MET A 62 6.71 1.96 -7.54
N GLY A 63 7.02 2.15 -6.26
CA GLY A 63 7.34 1.01 -5.41
C GLY A 63 6.15 0.07 -5.22
N PHE A 64 4.95 0.61 -5.33
CA PHE A 64 3.74 -0.18 -5.18
C PHE A 64 3.43 -0.97 -6.45
N ASN A 65 3.73 -0.38 -7.60
CA ASN A 65 3.49 -1.02 -8.89
C ASN A 65 4.25 -2.33 -8.98
N THR A 66 5.49 -2.33 -8.49
CA THR A 66 6.32 -3.53 -8.52
C THR A 66 6.08 -4.39 -7.29
N PHE A 67 5.42 -3.81 -6.29
CA PHE A 67 5.10 -4.54 -5.06
C PHE A 67 4.14 -5.68 -5.33
N LEU A 68 3.46 -5.61 -6.48
CA LEU A 68 2.50 -6.63 -6.87
C LEU A 68 3.22 -7.92 -7.30
N PRO A 69 2.56 -9.07 -7.15
CA PRO A 69 3.13 -10.37 -7.52
C PRO A 69 3.28 -10.52 -9.04
N PRO A 70 4.25 -11.33 -9.49
CA PRO A 70 4.48 -11.55 -10.93
C PRO A 70 3.23 -12.08 -11.63
N GLY A 71 2.91 -11.49 -12.77
CA GLY A 71 1.74 -11.92 -13.52
C GLY A 71 2.00 -11.95 -15.03
#